data_7YRB
# 
_entry.id   7YRB 
# 
_audit_conform.dict_name       mmcif_pdbx.dic 
_audit_conform.dict_version    5.403 
_audit_conform.dict_location   http://mmcif.pdb.org/dictionaries/ascii/mmcif_pdbx.dic 
# 
loop_
_database_2.database_id 
_database_2.database_code 
_database_2.pdbx_database_accession 
_database_2.pdbx_DOI 
PDB   7YRB         pdb_00007yrb 10.2210/pdb7yrb/pdb 
WWPDB D_1300031261 ?            ?                   
# 
loop_
_pdbx_audit_revision_history.ordinal 
_pdbx_audit_revision_history.data_content_type 
_pdbx_audit_revision_history.major_revision 
_pdbx_audit_revision_history.minor_revision 
_pdbx_audit_revision_history.revision_date 
_pdbx_audit_revision_history.part_number 
1 'Structure model' 1 0 2023-11-15 ? 
2 'Structure model' 1 1 2025-04-23 ? 
# 
_pdbx_audit_revision_details.ordinal             1 
_pdbx_audit_revision_details.revision_ordinal    1 
_pdbx_audit_revision_details.data_content_type   'Structure model' 
_pdbx_audit_revision_details.provider            repository 
_pdbx_audit_revision_details.type                'Initial release' 
_pdbx_audit_revision_details.description         ? 
_pdbx_audit_revision_details.details             ? 
# 
loop_
_pdbx_audit_revision_group.ordinal 
_pdbx_audit_revision_group.revision_ordinal 
_pdbx_audit_revision_group.data_content_type 
_pdbx_audit_revision_group.group 
1 2 'Structure model' 'Database references' 
2 2 'Structure model' 'Structure summary'   
# 
loop_
_pdbx_audit_revision_category.ordinal 
_pdbx_audit_revision_category.revision_ordinal 
_pdbx_audit_revision_category.data_content_type 
_pdbx_audit_revision_category.category 
1 2 'Structure model' citation           
2 2 'Structure model' citation_author    
3 2 'Structure model' pdbx_entry_details 
# 
loop_
_pdbx_audit_revision_item.ordinal 
_pdbx_audit_revision_item.revision_ordinal 
_pdbx_audit_revision_item.data_content_type 
_pdbx_audit_revision_item.item 
1  2 'Structure model' '_citation.country'                            
2  2 'Structure model' '_citation.journal_abbrev'                     
3  2 'Structure model' '_citation.journal_id_ASTM'                    
4  2 'Structure model' '_citation.journal_id_CSD'                     
5  2 'Structure model' '_citation.journal_id_ISSN'                    
6  2 'Structure model' '_citation.journal_volume'                     
7  2 'Structure model' '_citation.page_first'                         
8  2 'Structure model' '_citation.page_last'                          
9  2 'Structure model' '_citation.pdbx_database_id_DOI'               
10 2 'Structure model' '_citation.pdbx_database_id_PubMed'            
11 2 'Structure model' '_citation.title'                              
12 2 'Structure model' '_citation.year'                               
13 2 'Structure model' '_pdbx_entry_details.has_protein_modification' 
# 
_pdbx_database_status.status_code                     REL 
_pdbx_database_status.status_code_sf                  REL 
_pdbx_database_status.status_code_mr                  ? 
_pdbx_database_status.entry_id                        7YRB 
_pdbx_database_status.recvd_initial_deposition_date   2022-08-09 
_pdbx_database_status.SG_entry                        N 
_pdbx_database_status.deposit_site                    PDBJ 
_pdbx_database_status.process_site                    PDBJ 
_pdbx_database_status.status_code_cs                  ? 
_pdbx_database_status.status_code_nmr_data            ? 
_pdbx_database_status.methods_development_category    ? 
_pdbx_database_status.pdb_format_compatible           Y 
# 
_pdbx_contact_author.id                 2 
_pdbx_contact_author.email              hksong@korea.ac.kr 
_pdbx_contact_author.name_first         'Hyun Kyu' 
_pdbx_contact_author.name_last          Song 
_pdbx_contact_author.name_mi            ? 
_pdbx_contact_author.role               'principal investigator/group leader' 
_pdbx_contact_author.identifier_ORCID   0000-0001-5684-4059 
# 
loop_
_audit_author.name 
_audit_author.pdbx_ordinal 
_audit_author.identifier_ORCID 
'Kim, B.'    1 0000-0001-5492-1807 
'Song, H.K.' 2 0000-0001-5684-4059 
# 
_citation.abstract                  ? 
_citation.abstract_id_CAS           ? 
_citation.book_id_ISBN              ? 
_citation.book_publisher            ? 
_citation.book_publisher_city       ? 
_citation.book_title                ? 
_citation.coordinate_linkage        ? 
_citation.country                   US 
_citation.database_id_Medline       ? 
_citation.details                   ? 
_citation.id                        primary 
_citation.journal_abbrev            'Protein Sci.' 
_citation.journal_id_ASTM           PRCIEI 
_citation.journal_id_CSD            0795 
_citation.journal_id_ISSN           1469-896X 
_citation.journal_full              ? 
_citation.journal_issue             ? 
_citation.journal_volume            34 
_citation.language                  ? 
_citation.page_first                e70092 
_citation.page_last                 e70092 
_citation.title                     'Revisiting the structure of UBR box from human UBR6.' 
_citation.year                      2025 
_citation.database_id_CSD           ? 
_citation.pdbx_database_id_DOI      10.1002/pro.70092 
_citation.pdbx_database_id_PubMed   40099808 
_citation.pdbx_database_id_patent   ? 
_citation.unpublished_flag          ? 
# 
loop_
_citation_author.citation_id 
_citation_author.name 
_citation_author.ordinal 
_citation_author.identifier_ORCID 
primary 'Kim, B.'    1 ?                   
primary 'Lee, S.'    2 ?                   
primary 'Kim, B.H.'  3 ?                   
primary 'Kim, L.'    4 ?                   
primary 'Song, H.K.' 5 0000-0001-5684-4059 
# 
loop_
_entity.id 
_entity.type 
_entity.src_method 
_entity.pdbx_description 
_entity.formula_weight 
_entity.pdbx_number_of_molecules 
_entity.pdbx_ec 
_entity.pdbx_mutation 
_entity.pdbx_fragment 
_entity.details 
1 polymer     man 'F-box protein 11, isoform CRA_f' 9326.521 1  ? ? ? ? 
2 non-polymer syn 'ZINC ION'                        65.409   3  ? ? ? ? 
3 non-polymer syn 'SULFATE ION'                     96.063   1  ? ? ? ? 
4 water       nat water                             18.015   35 ? ? ? ? 
# 
_entity_name_com.entity_id   1 
_entity_name_com.name        'E3 ubiquitin ligase UBR6,highly similar to F-box only protein 11' 
# 
_entity_poly.entity_id                      1 
_entity_poly.type                           'polypeptide(L)' 
_entity_poly.nstd_linkage                   no 
_entity_poly.nstd_monomer                   no 
_entity_poly.pdbx_seq_one_letter_code       
;GSDAIEKAVSRGQCLYKISSYTSYPMHDFYRCHTCNTTDRNAICVNCIKKCHQGHDVEFIRHDRFFCDCGAGTLSNPCTL
AGE
;
_entity_poly.pdbx_seq_one_letter_code_can   
;GSDAIEKAVSRGQCLYKISSYTSYPMHDFYRCHTCNTTDRNAICVNCIKKCHQGHDVEFIRHDRFFCDCGAGTLSNPCTL
AGE
;
_entity_poly.pdbx_strand_id                 A 
_entity_poly.pdbx_target_identifier         ? 
# 
loop_
_pdbx_entity_nonpoly.entity_id 
_pdbx_entity_nonpoly.name 
_pdbx_entity_nonpoly.comp_id 
2 'ZINC ION'    ZN  
3 'SULFATE ION' SO4 
4 water         HOH 
# 
loop_
_entity_poly_seq.entity_id 
_entity_poly_seq.num 
_entity_poly_seq.mon_id 
_entity_poly_seq.hetero 
1 1  GLY n 
1 2  SER n 
1 3  ASP n 
1 4  ALA n 
1 5  ILE n 
1 6  GLU n 
1 7  LYS n 
1 8  ALA n 
1 9  VAL n 
1 10 SER n 
1 11 ARG n 
1 12 GLY n 
1 13 GLN n 
1 14 CYS n 
1 15 LEU n 
1 16 TYR n 
1 17 LYS n 
1 18 ILE n 
1 19 SER n 
1 20 SER n 
1 21 TYR n 
1 22 THR n 
1 23 SER n 
1 24 TYR n 
1 25 PRO n 
1 26 MET n 
1 27 HIS n 
1 28 ASP n 
1 29 PHE n 
1 30 TYR n 
1 31 ARG n 
1 32 CYS n 
1 33 HIS n 
1 34 THR n 
1 35 CYS n 
1 36 ASN n 
1 37 THR n 
1 38 THR n 
1 39 ASP n 
1 40 ARG n 
1 41 ASN n 
1 42 ALA n 
1 43 ILE n 
1 44 CYS n 
1 45 VAL n 
1 46 ASN n 
1 47 CYS n 
1 48 ILE n 
1 49 LYS n 
1 50 LYS n 
1 51 CYS n 
1 52 HIS n 
1 53 GLN n 
1 54 GLY n 
1 55 HIS n 
1 56 ASP n 
1 57 VAL n 
1 58 GLU n 
1 59 PHE n 
1 60 ILE n 
1 61 ARG n 
1 62 HIS n 
1 63 ASP n 
1 64 ARG n 
1 65 PHE n 
1 66 PHE n 
1 67 CYS n 
1 68 ASP n 
1 69 CYS n 
1 70 GLY n 
1 71 ALA n 
1 72 GLY n 
1 73 THR n 
1 74 LEU n 
1 75 SER n 
1 76 ASN n 
1 77 PRO n 
1 78 CYS n 
1 79 THR n 
1 80 LEU n 
1 81 ALA n 
1 82 GLY n 
1 83 GLU n 
# 
_entity_src_gen.entity_id                          1 
_entity_src_gen.pdbx_src_id                        1 
_entity_src_gen.pdbx_alt_source_flag               sample 
_entity_src_gen.pdbx_seq_type                      'Biological sequence' 
_entity_src_gen.pdbx_beg_seq_num                   1 
_entity_src_gen.pdbx_end_seq_num                   83 
_entity_src_gen.gene_src_common_name               human 
_entity_src_gen.gene_src_genus                     ? 
_entity_src_gen.pdbx_gene_src_gene                 'FBXO11, hCG_1987171' 
_entity_src_gen.gene_src_species                   ? 
_entity_src_gen.gene_src_strain                    ? 
_entity_src_gen.gene_src_tissue                    ? 
_entity_src_gen.gene_src_tissue_fraction           ? 
_entity_src_gen.gene_src_details                   ? 
_entity_src_gen.pdbx_gene_src_fragment             ? 
_entity_src_gen.pdbx_gene_src_scientific_name      'Homo sapiens' 
_entity_src_gen.pdbx_gene_src_ncbi_taxonomy_id     9606 
_entity_src_gen.pdbx_gene_src_variant              ? 
_entity_src_gen.pdbx_gene_src_cell_line            ? 
_entity_src_gen.pdbx_gene_src_atcc                 ? 
_entity_src_gen.pdbx_gene_src_organ                ? 
_entity_src_gen.pdbx_gene_src_organelle            ? 
_entity_src_gen.pdbx_gene_src_cell                 ? 
_entity_src_gen.pdbx_gene_src_cellular_location    ? 
_entity_src_gen.host_org_common_name               ? 
_entity_src_gen.pdbx_host_org_scientific_name      'Escherichia coli' 
_entity_src_gen.pdbx_host_org_ncbi_taxonomy_id     562 
_entity_src_gen.host_org_genus                     ? 
_entity_src_gen.pdbx_host_org_gene                 ? 
_entity_src_gen.pdbx_host_org_organ                ? 
_entity_src_gen.host_org_species                   ? 
_entity_src_gen.pdbx_host_org_tissue               ? 
_entity_src_gen.pdbx_host_org_tissue_fraction      ? 
_entity_src_gen.pdbx_host_org_strain               ? 
_entity_src_gen.pdbx_host_org_variant              ? 
_entity_src_gen.pdbx_host_org_cell_line            ? 
_entity_src_gen.pdbx_host_org_atcc                 ? 
_entity_src_gen.pdbx_host_org_culture_collection   ? 
_entity_src_gen.pdbx_host_org_cell                 ? 
_entity_src_gen.pdbx_host_org_organelle            ? 
_entity_src_gen.pdbx_host_org_cellular_location    ? 
_entity_src_gen.pdbx_host_org_vector_type          ? 
_entity_src_gen.pdbx_host_org_vector               ? 
_entity_src_gen.host_org_details                   ? 
_entity_src_gen.expression_system_id               ? 
_entity_src_gen.plasmid_name                       ? 
_entity_src_gen.plasmid_details                    ? 
_entity_src_gen.pdbx_description                   ? 
# 
loop_
_chem_comp.id 
_chem_comp.type 
_chem_comp.mon_nstd_flag 
_chem_comp.name 
_chem_comp.pdbx_synonyms 
_chem_comp.formula 
_chem_comp.formula_weight 
ALA 'L-peptide linking' y ALANINE         ? 'C3 H7 N O2'     89.093  
ARG 'L-peptide linking' y ARGININE        ? 'C6 H15 N4 O2 1' 175.209 
ASN 'L-peptide linking' y ASPARAGINE      ? 'C4 H8 N2 O3'    132.118 
ASP 'L-peptide linking' y 'ASPARTIC ACID' ? 'C4 H7 N O4'     133.103 
CYS 'L-peptide linking' y CYSTEINE        ? 'C3 H7 N O2 S'   121.158 
GLN 'L-peptide linking' y GLUTAMINE       ? 'C5 H10 N2 O3'   146.144 
GLU 'L-peptide linking' y 'GLUTAMIC ACID' ? 'C5 H9 N O4'     147.129 
GLY 'peptide linking'   y GLYCINE         ? 'C2 H5 N O2'     75.067  
HIS 'L-peptide linking' y HISTIDINE       ? 'C6 H10 N3 O2 1' 156.162 
HOH non-polymer         . WATER           ? 'H2 O'           18.015  
ILE 'L-peptide linking' y ISOLEUCINE      ? 'C6 H13 N O2'    131.173 
LEU 'L-peptide linking' y LEUCINE         ? 'C6 H13 N O2'    131.173 
LYS 'L-peptide linking' y LYSINE          ? 'C6 H15 N2 O2 1' 147.195 
MET 'L-peptide linking' y METHIONINE      ? 'C5 H11 N O2 S'  149.211 
PHE 'L-peptide linking' y PHENYLALANINE   ? 'C9 H11 N O2'    165.189 
PRO 'L-peptide linking' y PROLINE         ? 'C5 H9 N O2'     115.130 
SER 'L-peptide linking' y SERINE          ? 'C3 H7 N O3'     105.093 
SO4 non-polymer         . 'SULFATE ION'   ? 'O4 S -2'        96.063  
THR 'L-peptide linking' y THREONINE       ? 'C4 H9 N O3'     119.119 
TYR 'L-peptide linking' y TYROSINE        ? 'C9 H11 N O3'    181.189 
VAL 'L-peptide linking' y VALINE          ? 'C5 H11 N O2'    117.146 
ZN  non-polymer         . 'ZINC ION'      ? 'Zn 2'           65.409  
# 
loop_
_pdbx_poly_seq_scheme.asym_id 
_pdbx_poly_seq_scheme.entity_id 
_pdbx_poly_seq_scheme.seq_id 
_pdbx_poly_seq_scheme.mon_id 
_pdbx_poly_seq_scheme.ndb_seq_num 
_pdbx_poly_seq_scheme.pdb_seq_num 
_pdbx_poly_seq_scheme.auth_seq_num 
_pdbx_poly_seq_scheme.pdb_mon_id 
_pdbx_poly_seq_scheme.auth_mon_id 
_pdbx_poly_seq_scheme.pdb_strand_id 
_pdbx_poly_seq_scheme.pdb_ins_code 
_pdbx_poly_seq_scheme.hetero 
A 1 1  GLY 1  822 822 GLY GLY A . n 
A 1 2  SER 2  823 823 SER SER A . n 
A 1 3  ASP 3  824 824 ASP ASP A . n 
A 1 4  ALA 4  825 825 ALA ALA A . n 
A 1 5  ILE 5  826 826 ILE ILE A . n 
A 1 6  GLU 6  827 827 GLU GLU A . n 
A 1 7  LYS 7  828 828 LYS LYS A . n 
A 1 8  ALA 8  829 829 ALA ALA A . n 
A 1 9  VAL 9  830 830 VAL VAL A . n 
A 1 10 SER 10 831 831 SER SER A . n 
A 1 11 ARG 11 832 832 ARG ARG A . n 
A 1 12 GLY 12 833 833 GLY GLY A . n 
A 1 13 GLN 13 834 834 GLN GLN A . n 
A 1 14 CYS 14 835 835 CYS CYS A . n 
A 1 15 LEU 15 836 836 LEU LEU A . n 
A 1 16 TYR 16 837 837 TYR TYR A . n 
A 1 17 LYS 17 838 838 LYS LYS A . n 
A 1 18 ILE 18 839 839 ILE ILE A . n 
A 1 19 SER 19 840 840 SER SER A . n 
A 1 20 SER 20 841 841 SER SER A . n 
A 1 21 TYR 21 842 842 TYR TYR A . n 
A 1 22 THR 22 843 843 THR THR A . n 
A 1 23 SER 23 844 844 SER SER A . n 
A 1 24 TYR 24 845 845 TYR TYR A . n 
A 1 25 PRO 25 846 846 PRO PRO A . n 
A 1 26 MET 26 847 847 MET MET A . n 
A 1 27 HIS 27 848 848 HIS HIS A . n 
A 1 28 ASP 28 849 849 ASP ASP A . n 
A 1 29 PHE 29 850 850 PHE PHE A . n 
A 1 30 TYR 30 851 851 TYR TYR A . n 
A 1 31 ARG 31 852 852 ARG ARG A . n 
A 1 32 CYS 32 853 853 CYS CYS A . n 
A 1 33 HIS 33 854 854 HIS HIS A . n 
A 1 34 THR 34 855 855 THR THR A . n 
A 1 35 CYS 35 856 856 CYS CYS A . n 
A 1 36 ASN 36 857 857 ASN ASN A . n 
A 1 37 THR 37 858 858 THR THR A . n 
A 1 38 THR 38 859 859 THR THR A . n 
A 1 39 ASP 39 860 860 ASP ASP A . n 
A 1 40 ARG 40 861 861 ARG ARG A . n 
A 1 41 ASN 41 862 862 ASN ASN A . n 
A 1 42 ALA 42 863 863 ALA ALA A . n 
A 1 43 ILE 43 864 864 ILE ILE A . n 
A 1 44 CYS 44 865 865 CYS CYS A . n 
A 1 45 VAL 45 866 866 VAL VAL A . n 
A 1 46 ASN 46 867 867 ASN ASN A . n 
A 1 47 CYS 47 868 868 CYS CYS A . n 
A 1 48 ILE 48 869 869 ILE ILE A . n 
A 1 49 LYS 49 870 870 LYS LYS A . n 
A 1 50 LYS 50 871 871 LYS LYS A . n 
A 1 51 CYS 51 872 872 CYS CYS A . n 
A 1 52 HIS 52 873 873 HIS HIS A . n 
A 1 53 GLN 53 874 874 GLN GLN A . n 
A 1 54 GLY 54 875 875 GLY GLY A . n 
A 1 55 HIS 55 876 876 HIS HIS A . n 
A 1 56 ASP 56 877 877 ASP ASP A . n 
A 1 57 VAL 57 878 878 VAL VAL A . n 
A 1 58 GLU 58 879 879 GLU GLU A . n 
A 1 59 PHE 59 880 880 PHE PHE A . n 
A 1 60 ILE 60 881 881 ILE ILE A . n 
A 1 61 ARG 61 882 882 ARG ARG A . n 
A 1 62 HIS 62 883 883 HIS HIS A . n 
A 1 63 ASP 63 884 884 ASP ASP A . n 
A 1 64 ARG 64 885 885 ARG ARG A . n 
A 1 65 PHE 65 886 886 PHE PHE A . n 
A 1 66 PHE 66 887 887 PHE PHE A . n 
A 1 67 CYS 67 888 888 CYS CYS A . n 
A 1 68 ASP 68 889 889 ASP ASP A . n 
A 1 69 CYS 69 890 890 CYS CYS A . n 
A 1 70 GLY 70 891 891 GLY GLY A . n 
A 1 71 ALA 71 892 892 ALA ALA A . n 
A 1 72 GLY 72 893 893 GLY GLY A . n 
A 1 73 THR 73 894 894 THR THR A . n 
A 1 74 LEU 74 895 895 LEU LEU A . n 
A 1 75 SER 75 896 896 SER SER A . n 
A 1 76 ASN 76 897 897 ASN ASN A . n 
A 1 77 PRO 77 898 898 PRO PRO A . n 
A 1 78 CYS 78 899 899 CYS CYS A . n 
A 1 79 THR 79 900 900 THR THR A . n 
A 1 80 LEU 80 901 901 LEU LEU A . n 
A 1 81 ALA 81 902 902 ALA ALA A . n 
A 1 82 GLY 82 903 903 GLY GLY A . n 
A 1 83 GLU 83 904 904 GLU GLU A . n 
# 
_pdbx_entity_instance_feature.ordinal        1 
_pdbx_entity_instance_feature.comp_id        ZN 
_pdbx_entity_instance_feature.asym_id        ? 
_pdbx_entity_instance_feature.seq_num        ? 
_pdbx_entity_instance_feature.auth_comp_id   ZN 
_pdbx_entity_instance_feature.auth_asym_id   ? 
_pdbx_entity_instance_feature.auth_seq_num   ? 
_pdbx_entity_instance_feature.feature_type   'SUBJECT OF INVESTIGATION' 
_pdbx_entity_instance_feature.details        ? 
# 
loop_
_pdbx_nonpoly_scheme.asym_id 
_pdbx_nonpoly_scheme.entity_id 
_pdbx_nonpoly_scheme.mon_id 
_pdbx_nonpoly_scheme.ndb_seq_num 
_pdbx_nonpoly_scheme.pdb_seq_num 
_pdbx_nonpoly_scheme.auth_seq_num 
_pdbx_nonpoly_scheme.pdb_mon_id 
_pdbx_nonpoly_scheme.auth_mon_id 
_pdbx_nonpoly_scheme.pdb_strand_id 
_pdbx_nonpoly_scheme.pdb_ins_code 
B 2 ZN  1  1001 1001 ZN  ZN  A . 
C 2 ZN  1  1002 1002 ZN  ZN  A . 
D 2 ZN  1  1003 1003 ZN  ZN  A . 
E 3 SO4 1  1004 1005 SO4 SO4 A . 
F 4 HOH 1  1101 21   HOH HOH A . 
F 4 HOH 2  1102 31   HOH HOH A . 
F 4 HOH 3  1103 11   HOH HOH A . 
F 4 HOH 4  1104 1    HOH HOH A . 
F 4 HOH 5  1105 15   HOH HOH A . 
F 4 HOH 6  1106 14   HOH HOH A . 
F 4 HOH 7  1107 4    HOH HOH A . 
F 4 HOH 8  1108 28   HOH HOH A . 
F 4 HOH 9  1109 6    HOH HOH A . 
F 4 HOH 10 1110 19   HOH HOH A . 
F 4 HOH 11 1111 18   HOH HOH A . 
F 4 HOH 12 1112 20   HOH HOH A . 
F 4 HOH 13 1113 27   HOH HOH A . 
F 4 HOH 14 1114 2    HOH HOH A . 
F 4 HOH 15 1115 12   HOH HOH A . 
F 4 HOH 16 1116 5    HOH HOH A . 
F 4 HOH 17 1117 9    HOH HOH A . 
F 4 HOH 18 1118 3    HOH HOH A . 
F 4 HOH 19 1119 29   HOH HOH A . 
F 4 HOH 20 1120 7    HOH HOH A . 
F 4 HOH 21 1121 10   HOH HOH A . 
F 4 HOH 22 1122 8    HOH HOH A . 
F 4 HOH 23 1123 34   HOH HOH A . 
F 4 HOH 24 1124 13   HOH HOH A . 
F 4 HOH 25 1125 23   HOH HOH A . 
F 4 HOH 26 1126 16   HOH HOH A . 
F 4 HOH 27 1127 33   HOH HOH A . 
F 4 HOH 28 1128 17   HOH HOH A . 
F 4 HOH 29 1129 26   HOH HOH A . 
F 4 HOH 30 1130 35   HOH HOH A . 
F 4 HOH 31 1131 25   HOH HOH A . 
F 4 HOH 32 1132 22   HOH HOH A . 
F 4 HOH 33 1133 32   HOH HOH A . 
F 4 HOH 34 1134 30   HOH HOH A . 
F 4 HOH 35 1135 24   HOH HOH A . 
# 
loop_
_software.citation_id 
_software.classification 
_software.compiler_name 
_software.compiler_version 
_software.contact_author 
_software.contact_author_email 
_software.date 
_software.description 
_software.dependencies 
_software.hardware 
_software.language 
_software.location 
_software.mods 
_software.name 
_software.os 
_software.os_version 
_software.type 
_software.version 
_software.pdbx_ordinal 
? refinement       ? ? ? ? ? ? ? ? ? ? ? PHENIX   ? ? ? 1.20.1_4487 1 
? 'data reduction' ? ? ? ? ? ? ? ? ? ? ? HKL-2000 ? ? ? .           2 
? 'data scaling'   ? ? ? ? ? ? ? ? ? ? ? HKL-2000 ? ? ? .           3 
? phasing          ? ? ? ? ? ? ? ? ? ? ? PHENIX   ? ? ? .           4 
# 
_cell.angle_alpha                  90.000 
_cell.angle_alpha_esd              ? 
_cell.angle_beta                   90.000 
_cell.angle_beta_esd               ? 
_cell.angle_gamma                  90.000 
_cell.angle_gamma_esd              ? 
_cell.entry_id                     7YRB 
_cell.details                      ? 
_cell.formula_units_Z              ? 
_cell.length_a                     38.848 
_cell.length_a_esd                 ? 
_cell.length_b                     39.359 
_cell.length_b_esd                 ? 
_cell.length_c                     45.248 
_cell.length_c_esd                 ? 
_cell.volume                       69185.026 
_cell.volume_esd                   ? 
_cell.Z_PDB                        4 
_cell.reciprocal_angle_alpha       ? 
_cell.reciprocal_angle_beta        ? 
_cell.reciprocal_angle_gamma       ? 
_cell.reciprocal_angle_alpha_esd   ? 
_cell.reciprocal_angle_beta_esd    ? 
_cell.reciprocal_angle_gamma_esd   ? 
_cell.reciprocal_length_a          ? 
_cell.reciprocal_length_b          ? 
_cell.reciprocal_length_c          ? 
_cell.reciprocal_length_a_esd      ? 
_cell.reciprocal_length_b_esd      ? 
_cell.reciprocal_length_c_esd      ? 
_cell.pdbx_unique_axis             ? 
_cell.pdbx_esd_method              ? 
# 
_symmetry.entry_id                         7YRB 
_symmetry.cell_setting                     ? 
_symmetry.Int_Tables_number                19 
_symmetry.space_group_name_Hall            'P 2ac 2ab' 
_symmetry.space_group_name_H-M             'P 21 21 21' 
_symmetry.pdbx_full_space_group_name_H-M   ? 
# 
_exptl.absorpt_coefficient_mu     ? 
_exptl.absorpt_correction_T_max   ? 
_exptl.absorpt_correction_T_min   ? 
_exptl.absorpt_correction_type    ? 
_exptl.absorpt_process_details    ? 
_exptl.entry_id                   7YRB 
_exptl.crystals_number            1 
_exptl.details                    ? 
_exptl.method                     'X-RAY DIFFRACTION' 
_exptl.method_details             ? 
# 
_exptl_crystal.colour                       ? 
_exptl_crystal.density_diffrn               ? 
_exptl_crystal.density_Matthews             1.85 
_exptl_crystal.density_method               ? 
_exptl_crystal.density_percent_sol          33.67 
_exptl_crystal.description                  ? 
_exptl_crystal.F_000                        ? 
_exptl_crystal.id                           1 
_exptl_crystal.preparation                  ? 
_exptl_crystal.size_max                     ? 
_exptl_crystal.size_mid                     ? 
_exptl_crystal.size_min                     ? 
_exptl_crystal.size_rad                     ? 
_exptl_crystal.colour_lustre                ? 
_exptl_crystal.colour_modifier              ? 
_exptl_crystal.colour_primary               ? 
_exptl_crystal.density_meas                 ? 
_exptl_crystal.density_meas_esd             ? 
_exptl_crystal.density_meas_gt              ? 
_exptl_crystal.density_meas_lt              ? 
_exptl_crystal.density_meas_temp            ? 
_exptl_crystal.density_meas_temp_esd        ? 
_exptl_crystal.density_meas_temp_gt         ? 
_exptl_crystal.density_meas_temp_lt         ? 
_exptl_crystal.pdbx_crystal_image_url       ? 
_exptl_crystal.pdbx_crystal_image_format    ? 
_exptl_crystal.pdbx_mosaicity               ? 
_exptl_crystal.pdbx_mosaicity_esd           ? 
_exptl_crystal.pdbx_mosaic_method           ? 
_exptl_crystal.pdbx_mosaic_block_size       ? 
_exptl_crystal.pdbx_mosaic_block_size_esd   ? 
# 
_exptl_crystal_grow.apparatus       ? 
_exptl_crystal_grow.atmosphere      ? 
_exptl_crystal_grow.crystal_id      1 
_exptl_crystal_grow.details         ? 
_exptl_crystal_grow.method          'VAPOR DIFFUSION, SITTING DROP' 
_exptl_crystal_grow.method_ref      ? 
_exptl_crystal_grow.pH              7.5 
_exptl_crystal_grow.pressure        ? 
_exptl_crystal_grow.pressure_esd    ? 
_exptl_crystal_grow.seeding         ? 
_exptl_crystal_grow.seeding_ref     ? 
_exptl_crystal_grow.temp_details    ? 
_exptl_crystal_grow.temp_esd        ? 
_exptl_crystal_grow.time            ? 
_exptl_crystal_grow.pdbx_details    '2.2M Ammonium sulfate, 0.1M HEPES sodium pH 7.5, 1% PEG 400' 
_exptl_crystal_grow.pdbx_pH_range   ? 
_exptl_crystal_grow.temp            294 
# 
_diffrn.ambient_environment              ? 
_diffrn.ambient_temp                     100 
_diffrn.ambient_temp_details             ? 
_diffrn.ambient_temp_esd                 ? 
_diffrn.crystal_id                       1 
_diffrn.crystal_support                  ? 
_diffrn.crystal_treatment                ? 
_diffrn.details                          ? 
_diffrn.id                               1 
_diffrn.ambient_pressure                 ? 
_diffrn.ambient_pressure_esd             ? 
_diffrn.ambient_pressure_gt              ? 
_diffrn.ambient_pressure_lt              ? 
_diffrn.ambient_temp_gt                  ? 
_diffrn.ambient_temp_lt                  ? 
_diffrn.pdbx_serial_crystal_experiment   N 
# 
_diffrn_detector.details                      ? 
_diffrn_detector.detector                     PIXEL 
_diffrn_detector.diffrn_id                    1 
_diffrn_detector.type                         'DECTRIS EIGER X 9M' 
_diffrn_detector.area_resol_mean              ? 
_diffrn_detector.dtime                        ? 
_diffrn_detector.pdbx_frames_total            ? 
_diffrn_detector.pdbx_collection_time_total   ? 
_diffrn_detector.pdbx_collection_date         2022-04-20 
_diffrn_detector.pdbx_frequency               ? 
_diffrn_detector.id                           ? 
_diffrn_detector.number_of_axes               ? 
# 
_diffrn_radiation.collimation                      ? 
_diffrn_radiation.diffrn_id                        1 
_diffrn_radiation.filter_edge                      ? 
_diffrn_radiation.inhomogeneity                    ? 
_diffrn_radiation.monochromator                    ? 
_diffrn_radiation.polarisn_norm                    ? 
_diffrn_radiation.polarisn_ratio                   ? 
_diffrn_radiation.probe                            ? 
_diffrn_radiation.type                             ? 
_diffrn_radiation.xray_symbol                      ? 
_diffrn_radiation.wavelength_id                    1 
_diffrn_radiation.pdbx_monochromatic_or_laue_m_l   M 
_diffrn_radiation.pdbx_wavelength_list             ? 
_diffrn_radiation.pdbx_wavelength                  ? 
_diffrn_radiation.pdbx_diffrn_protocol             MAD 
_diffrn_radiation.pdbx_analyzer                    ? 
_diffrn_radiation.pdbx_scattering_type             x-ray 
# 
_diffrn_radiation_wavelength.id           1 
_diffrn_radiation_wavelength.wavelength   1.00003 
_diffrn_radiation_wavelength.wt           1.0 
# 
_diffrn_source.current                     ? 
_diffrn_source.details                     ? 
_diffrn_source.diffrn_id                   1 
_diffrn_source.power                       ? 
_diffrn_source.size                        ? 
_diffrn_source.source                      SYNCHROTRON 
_diffrn_source.target                      ? 
_diffrn_source.type                        'PAL/PLS BEAMLINE 5C (4A)' 
_diffrn_source.voltage                     ? 
_diffrn_source.take-off_angle              ? 
_diffrn_source.pdbx_wavelength_list        1.00003 
_diffrn_source.pdbx_wavelength             ? 
_diffrn_source.pdbx_synchrotron_beamline   '5C (4A)' 
_diffrn_source.pdbx_synchrotron_site       PAL/PLS 
# 
_reflns.B_iso_Wilson_estimate                          30.64 
_reflns.entry_id                                       7YRB 
_reflns.data_reduction_details                         ? 
_reflns.data_reduction_method                          ? 
_reflns.d_resolution_high                              1.50 
_reflns.d_resolution_low                               50 
_reflns.details                                        ? 
_reflns.limit_h_max                                    ? 
_reflns.limit_h_min                                    ? 
_reflns.limit_k_max                                    ? 
_reflns.limit_k_min                                    ? 
_reflns.limit_l_max                                    ? 
_reflns.limit_l_min                                    ? 
_reflns.number_all                                     ? 
_reflns.number_obs                                     11429 
_reflns.observed_criterion                             ? 
_reflns.observed_criterion_F_max                       ? 
_reflns.observed_criterion_F_min                       ? 
_reflns.observed_criterion_I_max                       ? 
_reflns.observed_criterion_I_min                       ? 
_reflns.observed_criterion_sigma_F                     ? 
_reflns.observed_criterion_sigma_I                     ? 
_reflns.percent_possible_obs                           99.8 
_reflns.R_free_details                                 ? 
_reflns.Rmerge_F_all                                   ? 
_reflns.Rmerge_F_obs                                   ? 
_reflns.Friedel_coverage                               ? 
_reflns.number_gt                                      ? 
_reflns.threshold_expression                           ? 
_reflns.pdbx_redundancy                                12.4 
_reflns.pdbx_netI_over_av_sigmaI                       ? 
_reflns.pdbx_netI_over_sigmaI                          55.47 
_reflns.pdbx_res_netI_over_av_sigmaI_2                 ? 
_reflns.pdbx_res_netI_over_sigmaI_2                    ? 
_reflns.pdbx_chi_squared                               ? 
_reflns.pdbx_scaling_rejects                           ? 
_reflns.pdbx_d_res_high_opt                            ? 
_reflns.pdbx_d_res_low_opt                             ? 
_reflns.pdbx_d_res_opt_method                          ? 
_reflns.phase_calculation_details                      ? 
_reflns.pdbx_Rrim_I_all                                ? 
_reflns.pdbx_Rpim_I_all                                ? 
_reflns.pdbx_d_opt                                     ? 
_reflns.pdbx_number_measured_all                       ? 
_reflns.pdbx_diffrn_id                                 1 
_reflns.pdbx_ordinal                                   1 
_reflns.pdbx_CC_half                                   ? 
_reflns.pdbx_CC_star                                   ? 
_reflns.pdbx_R_split                                   ? 
_reflns.pdbx_Rmerge_I_obs                              0.063 
_reflns.pdbx_Rmerge_I_all                              ? 
_reflns.pdbx_Rsym_value                                ? 
_reflns.pdbx_CC_split_method                           ? 
_reflns.pdbx_aniso_diffraction_limit_axis_1_ortho[1]   ? 
_reflns.pdbx_aniso_diffraction_limit_axis_1_ortho[2]   ? 
_reflns.pdbx_aniso_diffraction_limit_axis_1_ortho[3]   ? 
_reflns.pdbx_aniso_diffraction_limit_axis_2_ortho[1]   ? 
_reflns.pdbx_aniso_diffraction_limit_axis_2_ortho[2]   ? 
_reflns.pdbx_aniso_diffraction_limit_axis_2_ortho[3]   ? 
_reflns.pdbx_aniso_diffraction_limit_axis_3_ortho[1]   ? 
_reflns.pdbx_aniso_diffraction_limit_axis_3_ortho[2]   ? 
_reflns.pdbx_aniso_diffraction_limit_axis_3_ortho[3]   ? 
_reflns.pdbx_aniso_diffraction_limit_1                 ? 
_reflns.pdbx_aniso_diffraction_limit_2                 ? 
_reflns.pdbx_aniso_diffraction_limit_3                 ? 
_reflns.pdbx_aniso_B_tensor_eigenvector_1_ortho[1]     ? 
_reflns.pdbx_aniso_B_tensor_eigenvector_1_ortho[2]     ? 
_reflns.pdbx_aniso_B_tensor_eigenvector_1_ortho[3]     ? 
_reflns.pdbx_aniso_B_tensor_eigenvector_2_ortho[1]     ? 
_reflns.pdbx_aniso_B_tensor_eigenvector_2_ortho[2]     ? 
_reflns.pdbx_aniso_B_tensor_eigenvector_2_ortho[3]     ? 
_reflns.pdbx_aniso_B_tensor_eigenvector_3_ortho[1]     ? 
_reflns.pdbx_aniso_B_tensor_eigenvector_3_ortho[2]     ? 
_reflns.pdbx_aniso_B_tensor_eigenvector_3_ortho[3]     ? 
_reflns.pdbx_aniso_B_tensor_eigenvalue_1               ? 
_reflns.pdbx_aniso_B_tensor_eigenvalue_2               ? 
_reflns.pdbx_aniso_B_tensor_eigenvalue_3               ? 
_reflns.pdbx_orthogonalization_convention              ? 
_reflns.pdbx_percent_possible_ellipsoidal              ? 
_reflns.pdbx_percent_possible_spherical                ? 
_reflns.pdbx_percent_possible_ellipsoidal_anomalous    ? 
_reflns.pdbx_percent_possible_spherical_anomalous      ? 
_reflns.pdbx_redundancy_anomalous                      ? 
_reflns.pdbx_CC_half_anomalous                         ? 
_reflns.pdbx_absDiff_over_sigma_anomalous              ? 
_reflns.pdbx_percent_possible_anomalous                ? 
_reflns.pdbx_observed_signal_threshold                 ? 
_reflns.pdbx_signal_type                               ? 
_reflns.pdbx_signal_details                            ? 
_reflns.pdbx_signal_software_id                        ? 
# 
_reflns_shell.d_res_high                                    1.50 
_reflns_shell.d_res_low                                     1.53 
_reflns_shell.meanI_over_sigI_all                           ? 
_reflns_shell.meanI_over_sigI_obs                           ? 
_reflns_shell.number_measured_all                           ? 
_reflns_shell.number_measured_obs                           ? 
_reflns_shell.number_possible                               ? 
_reflns_shell.number_unique_all                             ? 
_reflns_shell.number_unique_obs                             559 
_reflns_shell.percent_possible_obs                          ? 
_reflns_shell.Rmerge_F_all                                  ? 
_reflns_shell.Rmerge_F_obs                                  ? 
_reflns_shell.meanI_over_sigI_gt                            ? 
_reflns_shell.meanI_over_uI_all                             ? 
_reflns_shell.meanI_over_uI_gt                              ? 
_reflns_shell.number_measured_gt                            ? 
_reflns_shell.number_unique_gt                              ? 
_reflns_shell.percent_possible_gt                           ? 
_reflns_shell.Rmerge_F_gt                                   ? 
_reflns_shell.Rmerge_I_gt                                   ? 
_reflns_shell.pdbx_redundancy                               11.8 
_reflns_shell.pdbx_chi_squared                              ? 
_reflns_shell.pdbx_netI_over_sigmaI_all                     ? 
_reflns_shell.pdbx_netI_over_sigmaI_obs                     ? 
_reflns_shell.pdbx_Rrim_I_all                               ? 
_reflns_shell.pdbx_Rpim_I_all                               ? 
_reflns_shell.pdbx_rejects                                  ? 
_reflns_shell.pdbx_ordinal                                  1 
_reflns_shell.pdbx_diffrn_id                                1 
_reflns_shell.pdbx_CC_half                                  ? 
_reflns_shell.pdbx_CC_star                                  ? 
_reflns_shell.pdbx_R_split                                  ? 
_reflns_shell.percent_possible_all                          99.6 
_reflns_shell.Rmerge_I_all                                  ? 
_reflns_shell.Rmerge_I_obs                                  0.834 
_reflns_shell.pdbx_Rsym_value                               ? 
_reflns_shell.pdbx_percent_possible_ellipsoidal             ? 
_reflns_shell.pdbx_percent_possible_spherical               ? 
_reflns_shell.pdbx_percent_possible_ellipsoidal_anomalous   ? 
_reflns_shell.pdbx_percent_possible_spherical_anomalous     ? 
_reflns_shell.pdbx_redundancy_anomalous                     ? 
_reflns_shell.pdbx_CC_half_anomalous                        ? 
_reflns_shell.pdbx_absDiff_over_sigma_anomalous             ? 
_reflns_shell.pdbx_percent_possible_anomalous               ? 
# 
_refine.aniso_B[1][1]                            ? 
_refine.aniso_B[1][2]                            ? 
_refine.aniso_B[1][3]                            ? 
_refine.aniso_B[2][2]                            ? 
_refine.aniso_B[2][3]                            ? 
_refine.aniso_B[3][3]                            ? 
_refine.B_iso_max                                ? 
_refine.B_iso_mean                               30.64 
_refine.B_iso_min                                ? 
_refine.correlation_coeff_Fo_to_Fc               ? 
_refine.correlation_coeff_Fo_to_Fc_free          ? 
_refine.details                                  ? 
_refine.diff_density_max                         ? 
_refine.diff_density_max_esd                     ? 
_refine.diff_density_min                         ? 
_refine.diff_density_min_esd                     ? 
_refine.diff_density_rms                         ? 
_refine.diff_density_rms_esd                     ? 
_refine.entry_id                                 7YRB 
_refine.pdbx_refine_id                           'X-RAY DIFFRACTION' 
_refine.ls_abs_structure_details                 ? 
_refine.ls_abs_structure_Flack                   ? 
_refine.ls_abs_structure_Flack_esd               ? 
_refine.ls_abs_structure_Rogers                  ? 
_refine.ls_abs_structure_Rogers_esd              ? 
_refine.ls_d_res_high                            1.51 
_refine.ls_d_res_low                             29.47 
_refine.ls_extinction_coef                       ? 
_refine.ls_extinction_coef_esd                   ? 
_refine.ls_extinction_expression                 ? 
_refine.ls_extinction_method                     ? 
_refine.ls_goodness_of_fit_all                   ? 
_refine.ls_goodness_of_fit_all_esd               ? 
_refine.ls_goodness_of_fit_obs                   ? 
_refine.ls_goodness_of_fit_obs_esd               ? 
_refine.ls_hydrogen_treatment                    ? 
_refine.ls_matrix_type                           ? 
_refine.ls_number_constraints                    ? 
_refine.ls_number_parameters                     ? 
_refine.ls_number_reflns_all                     ? 
_refine.ls_number_reflns_obs                     11370 
_refine.ls_number_reflns_R_free                  1146 
_refine.ls_number_reflns_R_work                  10224 
_refine.ls_number_restraints                     ? 
_refine.ls_percent_reflns_obs                    99.21 
_refine.ls_percent_reflns_R_free                 10.08 
_refine.ls_R_factor_all                          ? 
_refine.ls_R_factor_obs                          0.1689 
_refine.ls_R_factor_R_free                       0.1987 
_refine.ls_R_factor_R_free_error                 ? 
_refine.ls_R_factor_R_free_error_details         ? 
_refine.ls_R_factor_R_work                       0.1656 
_refine.ls_R_Fsqd_factor_obs                     ? 
_refine.ls_R_I_factor_obs                        ? 
_refine.ls_redundancy_reflns_all                 ? 
_refine.ls_redundancy_reflns_obs                 ? 
_refine.ls_restrained_S_all                      ? 
_refine.ls_restrained_S_obs                      ? 
_refine.ls_shift_over_esd_max                    ? 
_refine.ls_shift_over_esd_mean                   ? 
_refine.ls_structure_factor_coef                 ? 
_refine.ls_weighting_details                     ? 
_refine.ls_weighting_scheme                      ? 
_refine.ls_wR_factor_all                         ? 
_refine.ls_wR_factor_obs                         ? 
_refine.ls_wR_factor_R_free                      ? 
_refine.ls_wR_factor_R_work                      ? 
_refine.occupancy_max                            ? 
_refine.occupancy_min                            ? 
_refine.solvent_model_details                    'FLAT BULK SOLVENT MODEL' 
_refine.solvent_model_param_bsol                 ? 
_refine.solvent_model_param_ksol                 ? 
_refine.pdbx_R_complete                          ? 
_refine.ls_R_factor_gt                           ? 
_refine.ls_goodness_of_fit_gt                    ? 
_refine.ls_goodness_of_fit_ref                   ? 
_refine.ls_shift_over_su_max                     ? 
_refine.ls_shift_over_su_max_lt                  ? 
_refine.ls_shift_over_su_mean                    ? 
_refine.ls_shift_over_su_mean_lt                 ? 
_refine.pdbx_ls_sigma_I                          ? 
_refine.pdbx_ls_sigma_F                          1.36 
_refine.pdbx_ls_sigma_Fsqd                       ? 
_refine.pdbx_data_cutoff_high_absF               ? 
_refine.pdbx_data_cutoff_high_rms_absF           ? 
_refine.pdbx_data_cutoff_low_absF                ? 
_refine.pdbx_isotropic_thermal_model             ? 
_refine.pdbx_ls_cross_valid_method               'FREE R-VALUE' 
_refine.pdbx_method_to_determine_struct          MAD 
_refine.pdbx_starting_model                      ? 
_refine.pdbx_stereochemistry_target_values       'GeoStd + Monomer Library + CDL v1.2' 
_refine.pdbx_R_Free_selection_details            ? 
_refine.pdbx_stereochem_target_val_spec_case     ? 
_refine.pdbx_overall_ESU_R                       ? 
_refine.pdbx_overall_ESU_R_Free                  ? 
_refine.pdbx_solvent_vdw_probe_radii             1.1000 
_refine.pdbx_solvent_ion_probe_radii             ? 
_refine.pdbx_solvent_shrinkage_radii             0.9000 
_refine.pdbx_real_space_R                        ? 
_refine.pdbx_density_correlation                 ? 
_refine.pdbx_pd_number_of_powder_patterns        ? 
_refine.pdbx_pd_number_of_points                 ? 
_refine.pdbx_pd_meas_number_of_points            ? 
_refine.pdbx_pd_proc_ls_prof_R_factor            ? 
_refine.pdbx_pd_proc_ls_prof_wR_factor           ? 
_refine.pdbx_pd_Marquardt_correlation_coeff      ? 
_refine.pdbx_pd_Fsqrd_R_factor                   ? 
_refine.pdbx_pd_ls_matrix_band_width             ? 
_refine.pdbx_overall_phase_error                 19.4984 
_refine.pdbx_overall_SU_R_free_Cruickshank_DPI   ? 
_refine.pdbx_overall_SU_R_free_Blow_DPI          ? 
_refine.pdbx_overall_SU_R_Blow_DPI               ? 
_refine.pdbx_TLS_residual_ADP_flag               ? 
_refine.pdbx_diffrn_id                           1 
_refine.overall_SU_B                             ? 
_refine.overall_SU_ML                            0.0811 
_refine.overall_SU_R_Cruickshank_DPI             ? 
_refine.overall_SU_R_free                        ? 
_refine.overall_FOM_free_R_set                   ? 
_refine.overall_FOM_work_R_set                   ? 
_refine.pdbx_average_fsc_overall                 ? 
_refine.pdbx_average_fsc_work                    ? 
_refine.pdbx_average_fsc_free                    ? 
# 
_refine_hist.pdbx_refine_id                   'X-RAY DIFFRACTION' 
_refine_hist.cycle_id                         LAST 
_refine_hist.details                          ? 
_refine_hist.d_res_high                       1.51 
_refine_hist.d_res_low                        29.47 
_refine_hist.number_atoms_solvent             35 
_refine_hist.number_atoms_total               689 
_refine_hist.number_reflns_all                ? 
_refine_hist.number_reflns_obs                ? 
_refine_hist.number_reflns_R_free             ? 
_refine_hist.number_reflns_R_work             ? 
_refine_hist.R_factor_all                     ? 
_refine_hist.R_factor_obs                     ? 
_refine_hist.R_factor_R_free                  ? 
_refine_hist.R_factor_R_work                  ? 
_refine_hist.pdbx_number_residues_total       ? 
_refine_hist.pdbx_B_iso_mean_ligand           ? 
_refine_hist.pdbx_B_iso_mean_solvent          ? 
_refine_hist.pdbx_number_atoms_protein        646 
_refine_hist.pdbx_number_atoms_nucleic_acid   0 
_refine_hist.pdbx_number_atoms_ligand         8 
_refine_hist.pdbx_number_atoms_lipid          ? 
_refine_hist.pdbx_number_atoms_carb           ? 
_refine_hist.pdbx_pseudo_atom_details         ? 
# 
loop_
_refine_ls_restr.pdbx_refine_id 
_refine_ls_restr.criterion 
_refine_ls_restr.dev_ideal 
_refine_ls_restr.dev_ideal_target 
_refine_ls_restr.number 
_refine_ls_restr.rejects 
_refine_ls_restr.type 
_refine_ls_restr.weight 
_refine_ls_restr.pdbx_restraint_function 
'X-RAY DIFFRACTION' ? 0.0089 ? 664 ? f_bond_d           ? ? 
'X-RAY DIFFRACTION' ? 1.0609 ? 895 ? f_angle_d          ? ? 
'X-RAY DIFFRACTION' ? 0.0500 ? 94  ? f_chiral_restr     ? ? 
'X-RAY DIFFRACTION' ? 0.0117 ? 117 ? f_plane_restr      ? ? 
'X-RAY DIFFRACTION' ? 6.4828 ? 91  ? f_dihedral_angle_d ? ? 
# 
loop_
_refine_ls_shell.pdbx_refine_id 
_refine_ls_shell.d_res_high 
_refine_ls_shell.d_res_low 
_refine_ls_shell.number_reflns_all 
_refine_ls_shell.number_reflns_obs 
_refine_ls_shell.number_reflns_R_free 
_refine_ls_shell.number_reflns_R_work 
_refine_ls_shell.percent_reflns_obs 
_refine_ls_shell.percent_reflns_R_free 
_refine_ls_shell.R_factor_all 
_refine_ls_shell.R_factor_obs 
_refine_ls_shell.R_factor_R_free_error 
_refine_ls_shell.R_factor_R_work 
_refine_ls_shell.redundancy_reflns_all 
_refine_ls_shell.redundancy_reflns_obs 
_refine_ls_shell.wR_factor_all 
_refine_ls_shell.wR_factor_obs 
_refine_ls_shell.wR_factor_R_free 
_refine_ls_shell.wR_factor_R_work 
_refine_ls_shell.pdbx_R_complete 
_refine_ls_shell.pdbx_total_number_of_bins_used 
_refine_ls_shell.pdbx_phase_error 
_refine_ls_shell.pdbx_fsc_work 
_refine_ls_shell.pdbx_fsc_free 
_refine_ls_shell.R_factor_R_free 
'X-RAY DIFFRACTION' 1.51 1.57  . . 139 1213 95.75  . . . . 0.2109 . . . . . . . . . . . 0.2727 
'X-RAY DIFFRACTION' 1.57 1.66  . . 135 1254 99.50  . . . . 0.1838 . . . . . . . . . . . 0.2207 
'X-RAY DIFFRACTION' 1.66 1.76  . . 140 1263 99.72  . . . . 0.1704 . . . . . . . . . . . 0.1837 
'X-RAY DIFFRACTION' 1.76 1.90  . . 140 1270 99.86  . . . . 0.1587 . . . . . . . . . . . 0.1760 
'X-RAY DIFFRACTION' 1.90 2.09  . . 144 1267 100.00 . . . . 0.1644 . . . . . . . . . . . 0.1920 
'X-RAY DIFFRACTION' 2.09 2.39  . . 147 1295 99.93  . . . . 0.1552 . . . . . . . . . . . 0.2012 
'X-RAY DIFFRACTION' 2.39 3.01  . . 146 1300 99.79  . . . . 0.1764 . . . . . . . . . . . 0.2040 
'X-RAY DIFFRACTION' 3.01 29.47 . . 155 1362 99.22  . . . . 0.1604 . . . . . . . . . . . 0.1954 
# 
_struct.entry_id                     7YRB 
_struct.title                        'UBR box of human UBR6' 
_struct.pdbx_model_details           ? 
_struct.pdbx_formula_weight          ? 
_struct.pdbx_formula_weight_method   ? 
_struct.pdbx_model_type_details      ? 
_struct.pdbx_CASP_flag               N 
# 
_struct_keywords.entry_id        7YRB 
_struct_keywords.text            'E3 ubiquitin-protein ligase, UBR-box domain, LIGASE' 
_struct_keywords.pdbx_keywords   LIGASE 
# 
loop_
_struct_asym.id 
_struct_asym.pdbx_blank_PDB_chainid_flag 
_struct_asym.pdbx_modified 
_struct_asym.entity_id 
_struct_asym.details 
A N N 1 ? 
B N N 2 ? 
C N N 2 ? 
D N N 2 ? 
E N N 3 ? 
F N N 4 ? 
# 
_struct_ref.id                         1 
_struct_ref.db_name                    UNP 
_struct_ref.db_code                    B3KUR1_HUMAN 
_struct_ref.pdbx_db_accession          B3KUR1 
_struct_ref.pdbx_db_isoform            ? 
_struct_ref.entity_id                  1 
_struct_ref.pdbx_seq_one_letter_code   
;DAIEKAVSRGQCLYKISSYTSYPMHDFYRCHTCNTTDRNAICVNCIKKCHQGHDVEFIRHDRFFCDCGAGTLSNPCTLAG
E
;
_struct_ref.pdbx_align_begin           248 
# 
_struct_ref_seq.align_id                      1 
_struct_ref_seq.ref_id                        1 
_struct_ref_seq.pdbx_PDB_id_code              7YRB 
_struct_ref_seq.pdbx_strand_id                A 
_struct_ref_seq.seq_align_beg                 3 
_struct_ref_seq.pdbx_seq_align_beg_ins_code   ? 
_struct_ref_seq.seq_align_end                 83 
_struct_ref_seq.pdbx_seq_align_end_ins_code   ? 
_struct_ref_seq.pdbx_db_accession             B3KUR1 
_struct_ref_seq.db_align_beg                  248 
_struct_ref_seq.pdbx_db_align_beg_ins_code    ? 
_struct_ref_seq.db_align_end                  328 
_struct_ref_seq.pdbx_db_align_end_ins_code    ? 
_struct_ref_seq.pdbx_auth_seq_align_beg       824 
_struct_ref_seq.pdbx_auth_seq_align_end       904 
# 
loop_
_struct_ref_seq_dif.align_id 
_struct_ref_seq_dif.pdbx_pdb_id_code 
_struct_ref_seq_dif.mon_id 
_struct_ref_seq_dif.pdbx_pdb_strand_id 
_struct_ref_seq_dif.seq_num 
_struct_ref_seq_dif.pdbx_pdb_ins_code 
_struct_ref_seq_dif.pdbx_seq_db_name 
_struct_ref_seq_dif.pdbx_seq_db_accession_code 
_struct_ref_seq_dif.db_mon_id 
_struct_ref_seq_dif.pdbx_seq_db_seq_num 
_struct_ref_seq_dif.details 
_struct_ref_seq_dif.pdbx_auth_seq_num 
_struct_ref_seq_dif.pdbx_ordinal 
1 7YRB GLY A 1 ? UNP B3KUR1 ? ? 'expression tag' 822 1 
1 7YRB SER A 2 ? UNP B3KUR1 ? ? 'expression tag' 823 2 
# 
_pdbx_struct_assembly.id                   1 
_pdbx_struct_assembly.details              author_defined_assembly 
_pdbx_struct_assembly.method_details       ? 
_pdbx_struct_assembly.oligomeric_details   monomeric 
_pdbx_struct_assembly.oligomeric_count     1 
# 
_pdbx_struct_assembly_gen.assembly_id       1 
_pdbx_struct_assembly_gen.oper_expression   1 
_pdbx_struct_assembly_gen.asym_id_list      A,B,C,D,E,F 
# 
_pdbx_struct_assembly_auth_evidence.id                     1 
_pdbx_struct_assembly_auth_evidence.assembly_id            1 
_pdbx_struct_assembly_auth_evidence.experimental_support   'gel filtration' 
_pdbx_struct_assembly_auth_evidence.details                ? 
# 
_pdbx_struct_oper_list.id                   1 
_pdbx_struct_oper_list.type                 'identity operation' 
_pdbx_struct_oper_list.name                 1_555 
_pdbx_struct_oper_list.symmetry_operation   x,y,z 
_pdbx_struct_oper_list.matrix[1][1]         1.0000000000 
_pdbx_struct_oper_list.matrix[1][2]         0.0000000000 
_pdbx_struct_oper_list.matrix[1][3]         0.0000000000 
_pdbx_struct_oper_list.vector[1]            0.0000000000 
_pdbx_struct_oper_list.matrix[2][1]         0.0000000000 
_pdbx_struct_oper_list.matrix[2][2]         1.0000000000 
_pdbx_struct_oper_list.matrix[2][3]         0.0000000000 
_pdbx_struct_oper_list.vector[2]            0.0000000000 
_pdbx_struct_oper_list.matrix[3][1]         0.0000000000 
_pdbx_struct_oper_list.matrix[3][2]         0.0000000000 
_pdbx_struct_oper_list.matrix[3][3]         1.0000000000 
_pdbx_struct_oper_list.vector[3]            0.0000000000 
# 
loop_
_struct_conf.conf_type_id 
_struct_conf.id 
_struct_conf.pdbx_PDB_helix_id 
_struct_conf.beg_label_comp_id 
_struct_conf.beg_label_asym_id 
_struct_conf.beg_label_seq_id 
_struct_conf.pdbx_beg_PDB_ins_code 
_struct_conf.end_label_comp_id 
_struct_conf.end_label_asym_id 
_struct_conf.end_label_seq_id 
_struct_conf.pdbx_end_PDB_ins_code 
_struct_conf.beg_auth_comp_id 
_struct_conf.beg_auth_asym_id 
_struct_conf.beg_auth_seq_id 
_struct_conf.end_auth_comp_id 
_struct_conf.end_auth_asym_id 
_struct_conf.end_auth_seq_id 
_struct_conf.pdbx_PDB_helix_class 
_struct_conf.details 
_struct_conf.pdbx_PDB_helix_length 
HELX_P HELX_P1 AA1 ASP A 3  ? ARG A 11 ? ASP A 824 ARG A 832 1 ? 9 
HELX_P HELX_P2 AA2 LEU A 15 ? SER A 20 ? LEU A 836 SER A 841 1 ? 6 
HELX_P HELX_P3 AA3 CYS A 44 ? CYS A 51 ? CYS A 865 CYS A 872 1 ? 8 
# 
_struct_conf_type.id          HELX_P 
_struct_conf_type.criteria    ? 
_struct_conf_type.reference   ? 
# 
loop_
_struct_conn.id 
_struct_conn.conn_type_id 
_struct_conn.pdbx_leaving_atom_flag 
_struct_conn.pdbx_PDB_id 
_struct_conn.ptnr1_label_asym_id 
_struct_conn.ptnr1_label_comp_id 
_struct_conn.ptnr1_label_seq_id 
_struct_conn.ptnr1_label_atom_id 
_struct_conn.pdbx_ptnr1_label_alt_id 
_struct_conn.pdbx_ptnr1_PDB_ins_code 
_struct_conn.pdbx_ptnr1_standard_comp_id 
_struct_conn.ptnr1_symmetry 
_struct_conn.ptnr2_label_asym_id 
_struct_conn.ptnr2_label_comp_id 
_struct_conn.ptnr2_label_seq_id 
_struct_conn.ptnr2_label_atom_id 
_struct_conn.pdbx_ptnr2_label_alt_id 
_struct_conn.pdbx_ptnr2_PDB_ins_code 
_struct_conn.ptnr1_auth_asym_id 
_struct_conn.ptnr1_auth_comp_id 
_struct_conn.ptnr1_auth_seq_id 
_struct_conn.ptnr2_auth_asym_id 
_struct_conn.ptnr2_auth_comp_id 
_struct_conn.ptnr2_auth_seq_id 
_struct_conn.ptnr2_symmetry 
_struct_conn.pdbx_ptnr3_label_atom_id 
_struct_conn.pdbx_ptnr3_label_seq_id 
_struct_conn.pdbx_ptnr3_label_comp_id 
_struct_conn.pdbx_ptnr3_label_asym_id 
_struct_conn.pdbx_ptnr3_label_alt_id 
_struct_conn.pdbx_ptnr3_PDB_ins_code 
_struct_conn.details 
_struct_conn.pdbx_dist_value 
_struct_conn.pdbx_value_order 
_struct_conn.pdbx_role 
metalc1  metalc ? ? A CYS 14 SG  ? ? ? 1_555 C ZN . ZN ? ? A CYS 835 A ZN 1002 1_555 ? ? ? ? ? ? ? 2.308 ? ? 
metalc2  metalc ? ? A CYS 32 SG  ? ? ? 1_555 D ZN . ZN ? ? A CYS 853 A ZN 1003 1_555 ? ? ? ? ? ? ? 2.286 ? ? 
metalc3  metalc ? ? A CYS 35 SG  ? ? ? 1_555 D ZN . ZN ? ? A CYS 856 A ZN 1003 1_555 ? ? ? ? ? ? ? 2.291 ? ? 
metalc4  metalc ? ? A CYS 44 SG  ? ? ? 1_555 C ZN . ZN ? ? A CYS 865 A ZN 1002 1_555 ? ? ? ? ? ? ? 2.354 ? ? 
metalc5  metalc ? ? A CYS 47 SG  ? ? ? 1_555 B ZN . ZN ? ? A CYS 868 A ZN 1001 1_555 ? ? ? ? ? ? ? 2.358 ? ? 
metalc6  metalc ? ? A CYS 47 SG  ? ? ? 1_555 C ZN . ZN ? ? A CYS 868 A ZN 1002 1_555 ? ? ? ? ? ? ? 2.370 ? ? 
metalc7  metalc ? ? A CYS 51 SG  ? ? ? 1_555 B ZN . ZN ? ? A CYS 872 A ZN 1001 1_555 ? ? ? ? ? ? ? 2.417 ? ? 
metalc8  metalc ? ? A HIS 52 ND1 ? ? ? 1_555 D ZN . ZN ? ? A HIS 873 A ZN 1003 1_555 ? ? ? ? ? ? ? 2.126 ? ? 
metalc9  metalc ? ? A HIS 55 ND1 ? ? ? 1_555 D ZN . ZN ? ? A HIS 876 A ZN 1003 1_555 ? ? ? ? ? ? ? 2.041 ? ? 
metalc10 metalc ? ? A CYS 67 SG  ? ? ? 1_555 C ZN . ZN ? ? A CYS 888 A ZN 1002 1_555 ? ? ? ? ? ? ? 2.331 ? ? 
metalc11 metalc ? ? A CYS 69 SG  ? ? ? 1_555 B ZN . ZN ? ? A CYS 890 A ZN 1001 1_555 ? ? ? ? ? ? ? 2.353 ? ? 
metalc12 metalc ? ? A CYS 78 SG  ? ? ? 1_555 B ZN . ZN ? ? A CYS 899 A ZN 1001 1_555 ? ? ? ? ? ? ? 2.289 ? ? 
# 
_struct_conn_type.id          metalc 
_struct_conn_type.criteria    ? 
_struct_conn_type.reference   ? 
# 
loop_
_pdbx_struct_conn_angle.id 
_pdbx_struct_conn_angle.ptnr1_label_atom_id 
_pdbx_struct_conn_angle.ptnr1_label_alt_id 
_pdbx_struct_conn_angle.ptnr1_label_asym_id 
_pdbx_struct_conn_angle.ptnr1_label_comp_id 
_pdbx_struct_conn_angle.ptnr1_label_seq_id 
_pdbx_struct_conn_angle.ptnr1_auth_atom_id 
_pdbx_struct_conn_angle.ptnr1_auth_asym_id 
_pdbx_struct_conn_angle.ptnr1_auth_comp_id 
_pdbx_struct_conn_angle.ptnr1_auth_seq_id 
_pdbx_struct_conn_angle.ptnr1_PDB_ins_code 
_pdbx_struct_conn_angle.ptnr1_symmetry 
_pdbx_struct_conn_angle.ptnr2_label_atom_id 
_pdbx_struct_conn_angle.ptnr2_label_alt_id 
_pdbx_struct_conn_angle.ptnr2_label_asym_id 
_pdbx_struct_conn_angle.ptnr2_label_comp_id 
_pdbx_struct_conn_angle.ptnr2_label_seq_id 
_pdbx_struct_conn_angle.ptnr2_auth_atom_id 
_pdbx_struct_conn_angle.ptnr2_auth_asym_id 
_pdbx_struct_conn_angle.ptnr2_auth_comp_id 
_pdbx_struct_conn_angle.ptnr2_auth_seq_id 
_pdbx_struct_conn_angle.ptnr2_PDB_ins_code 
_pdbx_struct_conn_angle.ptnr2_symmetry 
_pdbx_struct_conn_angle.ptnr3_label_atom_id 
_pdbx_struct_conn_angle.ptnr3_label_alt_id 
_pdbx_struct_conn_angle.ptnr3_label_asym_id 
_pdbx_struct_conn_angle.ptnr3_label_comp_id 
_pdbx_struct_conn_angle.ptnr3_label_seq_id 
_pdbx_struct_conn_angle.ptnr3_auth_atom_id 
_pdbx_struct_conn_angle.ptnr3_auth_asym_id 
_pdbx_struct_conn_angle.ptnr3_auth_comp_id 
_pdbx_struct_conn_angle.ptnr3_auth_seq_id 
_pdbx_struct_conn_angle.ptnr3_PDB_ins_code 
_pdbx_struct_conn_angle.ptnr3_symmetry 
_pdbx_struct_conn_angle.value 
_pdbx_struct_conn_angle.value_esd 
1  SG  ? A CYS 14 ? A CYS 835 ? 1_555 ZN ? C ZN . ? A ZN 1002 ? 1_555 SG  ? A CYS 44 ? A CYS 865 ? 1_555 117.1 ? 
2  SG  ? A CYS 14 ? A CYS 835 ? 1_555 ZN ? C ZN . ? A ZN 1002 ? 1_555 SG  ? A CYS 47 ? A CYS 868 ? 1_555 103.0 ? 
3  SG  ? A CYS 44 ? A CYS 865 ? 1_555 ZN ? C ZN . ? A ZN 1002 ? 1_555 SG  ? A CYS 47 ? A CYS 868 ? 1_555 101.1 ? 
4  SG  ? A CYS 14 ? A CYS 835 ? 1_555 ZN ? C ZN . ? A ZN 1002 ? 1_555 SG  ? A CYS 67 ? A CYS 888 ? 1_555 110.1 ? 
5  SG  ? A CYS 44 ? A CYS 865 ? 1_555 ZN ? C ZN . ? A ZN 1002 ? 1_555 SG  ? A CYS 67 ? A CYS 888 ? 1_555 112.5 ? 
6  SG  ? A CYS 47 ? A CYS 868 ? 1_555 ZN ? C ZN . ? A ZN 1002 ? 1_555 SG  ? A CYS 67 ? A CYS 888 ? 1_555 112.2 ? 
7  SG  ? A CYS 32 ? A CYS 853 ? 1_555 ZN ? D ZN . ? A ZN 1003 ? 1_555 SG  ? A CYS 35 ? A CYS 856 ? 1_555 118.0 ? 
8  SG  ? A CYS 32 ? A CYS 853 ? 1_555 ZN ? D ZN . ? A ZN 1003 ? 1_555 ND1 ? A HIS 52 ? A HIS 873 ? 1_555 113.4 ? 
9  SG  ? A CYS 35 ? A CYS 856 ? 1_555 ZN ? D ZN . ? A ZN 1003 ? 1_555 ND1 ? A HIS 52 ? A HIS 873 ? 1_555 103.9 ? 
10 SG  ? A CYS 32 ? A CYS 853 ? 1_555 ZN ? D ZN . ? A ZN 1003 ? 1_555 ND1 ? A HIS 55 ? A HIS 876 ? 1_555 112.4 ? 
11 SG  ? A CYS 35 ? A CYS 856 ? 1_555 ZN ? D ZN . ? A ZN 1003 ? 1_555 ND1 ? A HIS 55 ? A HIS 876 ? 1_555 102.7 ? 
12 ND1 ? A HIS 52 ? A HIS 873 ? 1_555 ZN ? D ZN . ? A ZN 1003 ? 1_555 ND1 ? A HIS 55 ? A HIS 876 ? 1_555 105.1 ? 
13 SG  ? A CYS 47 ? A CYS 868 ? 1_555 ZN ? B ZN . ? A ZN 1001 ? 1_555 SG  ? A CYS 51 ? A CYS 872 ? 1_555 107.6 ? 
14 SG  ? A CYS 47 ? A CYS 868 ? 1_555 ZN ? B ZN . ? A ZN 1001 ? 1_555 SG  ? A CYS 69 ? A CYS 890 ? 1_555 109.6 ? 
15 SG  ? A CYS 51 ? A CYS 872 ? 1_555 ZN ? B ZN . ? A ZN 1001 ? 1_555 SG  ? A CYS 69 ? A CYS 890 ? 1_555 106.7 ? 
16 SG  ? A CYS 47 ? A CYS 868 ? 1_555 ZN ? B ZN . ? A ZN 1001 ? 1_555 SG  ? A CYS 78 ? A CYS 899 ? 1_555 107.8 ? 
17 SG  ? A CYS 51 ? A CYS 872 ? 1_555 ZN ? B ZN . ? A ZN 1001 ? 1_555 SG  ? A CYS 78 ? A CYS 899 ? 1_555 108.0 ? 
18 SG  ? A CYS 69 ? A CYS 890 ? 1_555 ZN ? B ZN . ? A ZN 1001 ? 1_555 SG  ? A CYS 78 ? A CYS 899 ? 1_555 116.8 ? 
# 
_struct_sheet.id               AA1 
_struct_sheet.type             ? 
_struct_sheet.number_strands   2 
_struct_sheet.details          ? 
# 
_struct_sheet_order.sheet_id     AA1 
_struct_sheet_order.range_id_1   1 
_struct_sheet_order.range_id_2   2 
_struct_sheet_order.offset       ? 
_struct_sheet_order.sense        anti-parallel 
# 
loop_
_struct_sheet_range.sheet_id 
_struct_sheet_range.id 
_struct_sheet_range.beg_label_comp_id 
_struct_sheet_range.beg_label_asym_id 
_struct_sheet_range.beg_label_seq_id 
_struct_sheet_range.pdbx_beg_PDB_ins_code 
_struct_sheet_range.end_label_comp_id 
_struct_sheet_range.end_label_asym_id 
_struct_sheet_range.end_label_seq_id 
_struct_sheet_range.pdbx_end_PDB_ins_code 
_struct_sheet_range.beg_auth_comp_id 
_struct_sheet_range.beg_auth_asym_id 
_struct_sheet_range.beg_auth_seq_id 
_struct_sheet_range.end_auth_comp_id 
_struct_sheet_range.end_auth_asym_id 
_struct_sheet_range.end_auth_seq_id 
AA1 1 MET A 26 ? CYS A 32 ? MET A 847 CYS A 853 
AA1 2 VAL A 57 ? ARG A 64 ? VAL A 878 ARG A 885 
# 
_pdbx_struct_sheet_hbond.sheet_id                AA1 
_pdbx_struct_sheet_hbond.range_id_1              1 
_pdbx_struct_sheet_hbond.range_id_2              2 
_pdbx_struct_sheet_hbond.range_1_label_atom_id   N 
_pdbx_struct_sheet_hbond.range_1_label_comp_id   ARG 
_pdbx_struct_sheet_hbond.range_1_label_asym_id   A 
_pdbx_struct_sheet_hbond.range_1_label_seq_id    31 
_pdbx_struct_sheet_hbond.range_1_PDB_ins_code    ? 
_pdbx_struct_sheet_hbond.range_1_auth_atom_id    N 
_pdbx_struct_sheet_hbond.range_1_auth_comp_id    ARG 
_pdbx_struct_sheet_hbond.range_1_auth_asym_id    A 
_pdbx_struct_sheet_hbond.range_1_auth_seq_id     852 
_pdbx_struct_sheet_hbond.range_2_label_atom_id   O 
_pdbx_struct_sheet_hbond.range_2_label_comp_id   GLU 
_pdbx_struct_sheet_hbond.range_2_label_asym_id   A 
_pdbx_struct_sheet_hbond.range_2_label_seq_id    58 
_pdbx_struct_sheet_hbond.range_2_PDB_ins_code    ? 
_pdbx_struct_sheet_hbond.range_2_auth_atom_id    O 
_pdbx_struct_sheet_hbond.range_2_auth_comp_id    GLU 
_pdbx_struct_sheet_hbond.range_2_auth_asym_id    A 
_pdbx_struct_sheet_hbond.range_2_auth_seq_id     879 
# 
_pdbx_entry_details.entry_id                   7YRB 
_pdbx_entry_details.nonpolymer_details         ? 
_pdbx_entry_details.sequence_details           ? 
_pdbx_entry_details.compound_details           ? 
_pdbx_entry_details.source_details             ? 
_pdbx_entry_details.has_ligand_of_interest     Y 
_pdbx_entry_details.has_protein_modification   N 
# 
loop_
_pdbx_validate_torsion.id 
_pdbx_validate_torsion.PDB_model_num 
_pdbx_validate_torsion.auth_comp_id 
_pdbx_validate_torsion.auth_asym_id 
_pdbx_validate_torsion.auth_seq_id 
_pdbx_validate_torsion.PDB_ins_code 
_pdbx_validate_torsion.label_alt_id 
_pdbx_validate_torsion.phi 
_pdbx_validate_torsion.psi 
1 1 SER A 841 ? ? 51.55   -156.01 
2 1 ARG A 861 ? ? -100.99 72.55   
3 1 ILE A 881 ? ? -101.98 -65.51  
# 
loop_
_chem_comp_atom.comp_id 
_chem_comp_atom.atom_id 
_chem_comp_atom.type_symbol 
_chem_comp_atom.pdbx_aromatic_flag 
_chem_comp_atom.pdbx_stereo_config 
_chem_comp_atom.pdbx_ordinal 
ALA N    N  N N 1   
ALA CA   C  N S 2   
ALA C    C  N N 3   
ALA O    O  N N 4   
ALA CB   C  N N 5   
ALA OXT  O  N N 6   
ALA H    H  N N 7   
ALA H2   H  N N 8   
ALA HA   H  N N 9   
ALA HB1  H  N N 10  
ALA HB2  H  N N 11  
ALA HB3  H  N N 12  
ALA HXT  H  N N 13  
ARG N    N  N N 14  
ARG CA   C  N S 15  
ARG C    C  N N 16  
ARG O    O  N N 17  
ARG CB   C  N N 18  
ARG CG   C  N N 19  
ARG CD   C  N N 20  
ARG NE   N  N N 21  
ARG CZ   C  N N 22  
ARG NH1  N  N N 23  
ARG NH2  N  N N 24  
ARG OXT  O  N N 25  
ARG H    H  N N 26  
ARG H2   H  N N 27  
ARG HA   H  N N 28  
ARG HB2  H  N N 29  
ARG HB3  H  N N 30  
ARG HG2  H  N N 31  
ARG HG3  H  N N 32  
ARG HD2  H  N N 33  
ARG HD3  H  N N 34  
ARG HE   H  N N 35  
ARG HH11 H  N N 36  
ARG HH12 H  N N 37  
ARG HH21 H  N N 38  
ARG HH22 H  N N 39  
ARG HXT  H  N N 40  
ASN N    N  N N 41  
ASN CA   C  N S 42  
ASN C    C  N N 43  
ASN O    O  N N 44  
ASN CB   C  N N 45  
ASN CG   C  N N 46  
ASN OD1  O  N N 47  
ASN ND2  N  N N 48  
ASN OXT  O  N N 49  
ASN H    H  N N 50  
ASN H2   H  N N 51  
ASN HA   H  N N 52  
ASN HB2  H  N N 53  
ASN HB3  H  N N 54  
ASN HD21 H  N N 55  
ASN HD22 H  N N 56  
ASN HXT  H  N N 57  
ASP N    N  N N 58  
ASP CA   C  N S 59  
ASP C    C  N N 60  
ASP O    O  N N 61  
ASP CB   C  N N 62  
ASP CG   C  N N 63  
ASP OD1  O  N N 64  
ASP OD2  O  N N 65  
ASP OXT  O  N N 66  
ASP H    H  N N 67  
ASP H2   H  N N 68  
ASP HA   H  N N 69  
ASP HB2  H  N N 70  
ASP HB3  H  N N 71  
ASP HD2  H  N N 72  
ASP HXT  H  N N 73  
CYS N    N  N N 74  
CYS CA   C  N R 75  
CYS C    C  N N 76  
CYS O    O  N N 77  
CYS CB   C  N N 78  
CYS SG   S  N N 79  
CYS OXT  O  N N 80  
CYS H    H  N N 81  
CYS H2   H  N N 82  
CYS HA   H  N N 83  
CYS HB2  H  N N 84  
CYS HB3  H  N N 85  
CYS HG   H  N N 86  
CYS HXT  H  N N 87  
GLN N    N  N N 88  
GLN CA   C  N S 89  
GLN C    C  N N 90  
GLN O    O  N N 91  
GLN CB   C  N N 92  
GLN CG   C  N N 93  
GLN CD   C  N N 94  
GLN OE1  O  N N 95  
GLN NE2  N  N N 96  
GLN OXT  O  N N 97  
GLN H    H  N N 98  
GLN H2   H  N N 99  
GLN HA   H  N N 100 
GLN HB2  H  N N 101 
GLN HB3  H  N N 102 
GLN HG2  H  N N 103 
GLN HG3  H  N N 104 
GLN HE21 H  N N 105 
GLN HE22 H  N N 106 
GLN HXT  H  N N 107 
GLU N    N  N N 108 
GLU CA   C  N S 109 
GLU C    C  N N 110 
GLU O    O  N N 111 
GLU CB   C  N N 112 
GLU CG   C  N N 113 
GLU CD   C  N N 114 
GLU OE1  O  N N 115 
GLU OE2  O  N N 116 
GLU OXT  O  N N 117 
GLU H    H  N N 118 
GLU H2   H  N N 119 
GLU HA   H  N N 120 
GLU HB2  H  N N 121 
GLU HB3  H  N N 122 
GLU HG2  H  N N 123 
GLU HG3  H  N N 124 
GLU HE2  H  N N 125 
GLU HXT  H  N N 126 
GLY N    N  N N 127 
GLY CA   C  N N 128 
GLY C    C  N N 129 
GLY O    O  N N 130 
GLY OXT  O  N N 131 
GLY H    H  N N 132 
GLY H2   H  N N 133 
GLY HA2  H  N N 134 
GLY HA3  H  N N 135 
GLY HXT  H  N N 136 
HIS N    N  N N 137 
HIS CA   C  N S 138 
HIS C    C  N N 139 
HIS O    O  N N 140 
HIS CB   C  N N 141 
HIS CG   C  Y N 142 
HIS ND1  N  Y N 143 
HIS CD2  C  Y N 144 
HIS CE1  C  Y N 145 
HIS NE2  N  Y N 146 
HIS OXT  O  N N 147 
HIS H    H  N N 148 
HIS H2   H  N N 149 
HIS HA   H  N N 150 
HIS HB2  H  N N 151 
HIS HB3  H  N N 152 
HIS HD1  H  N N 153 
HIS HD2  H  N N 154 
HIS HE1  H  N N 155 
HIS HE2  H  N N 156 
HIS HXT  H  N N 157 
HOH O    O  N N 158 
HOH H1   H  N N 159 
HOH H2   H  N N 160 
ILE N    N  N N 161 
ILE CA   C  N S 162 
ILE C    C  N N 163 
ILE O    O  N N 164 
ILE CB   C  N S 165 
ILE CG1  C  N N 166 
ILE CG2  C  N N 167 
ILE CD1  C  N N 168 
ILE OXT  O  N N 169 
ILE H    H  N N 170 
ILE H2   H  N N 171 
ILE HA   H  N N 172 
ILE HB   H  N N 173 
ILE HG12 H  N N 174 
ILE HG13 H  N N 175 
ILE HG21 H  N N 176 
ILE HG22 H  N N 177 
ILE HG23 H  N N 178 
ILE HD11 H  N N 179 
ILE HD12 H  N N 180 
ILE HD13 H  N N 181 
ILE HXT  H  N N 182 
LEU N    N  N N 183 
LEU CA   C  N S 184 
LEU C    C  N N 185 
LEU O    O  N N 186 
LEU CB   C  N N 187 
LEU CG   C  N N 188 
LEU CD1  C  N N 189 
LEU CD2  C  N N 190 
LEU OXT  O  N N 191 
LEU H    H  N N 192 
LEU H2   H  N N 193 
LEU HA   H  N N 194 
LEU HB2  H  N N 195 
LEU HB3  H  N N 196 
LEU HG   H  N N 197 
LEU HD11 H  N N 198 
LEU HD12 H  N N 199 
LEU HD13 H  N N 200 
LEU HD21 H  N N 201 
LEU HD22 H  N N 202 
LEU HD23 H  N N 203 
LEU HXT  H  N N 204 
LYS N    N  N N 205 
LYS CA   C  N S 206 
LYS C    C  N N 207 
LYS O    O  N N 208 
LYS CB   C  N N 209 
LYS CG   C  N N 210 
LYS CD   C  N N 211 
LYS CE   C  N N 212 
LYS NZ   N  N N 213 
LYS OXT  O  N N 214 
LYS H    H  N N 215 
LYS H2   H  N N 216 
LYS HA   H  N N 217 
LYS HB2  H  N N 218 
LYS HB3  H  N N 219 
LYS HG2  H  N N 220 
LYS HG3  H  N N 221 
LYS HD2  H  N N 222 
LYS HD3  H  N N 223 
LYS HE2  H  N N 224 
LYS HE3  H  N N 225 
LYS HZ1  H  N N 226 
LYS HZ2  H  N N 227 
LYS HZ3  H  N N 228 
LYS HXT  H  N N 229 
MET N    N  N N 230 
MET CA   C  N S 231 
MET C    C  N N 232 
MET O    O  N N 233 
MET CB   C  N N 234 
MET CG   C  N N 235 
MET SD   S  N N 236 
MET CE   C  N N 237 
MET OXT  O  N N 238 
MET H    H  N N 239 
MET H2   H  N N 240 
MET HA   H  N N 241 
MET HB2  H  N N 242 
MET HB3  H  N N 243 
MET HG2  H  N N 244 
MET HG3  H  N N 245 
MET HE1  H  N N 246 
MET HE2  H  N N 247 
MET HE3  H  N N 248 
MET HXT  H  N N 249 
PHE N    N  N N 250 
PHE CA   C  N S 251 
PHE C    C  N N 252 
PHE O    O  N N 253 
PHE CB   C  N N 254 
PHE CG   C  Y N 255 
PHE CD1  C  Y N 256 
PHE CD2  C  Y N 257 
PHE CE1  C  Y N 258 
PHE CE2  C  Y N 259 
PHE CZ   C  Y N 260 
PHE OXT  O  N N 261 
PHE H    H  N N 262 
PHE H2   H  N N 263 
PHE HA   H  N N 264 
PHE HB2  H  N N 265 
PHE HB3  H  N N 266 
PHE HD1  H  N N 267 
PHE HD2  H  N N 268 
PHE HE1  H  N N 269 
PHE HE2  H  N N 270 
PHE HZ   H  N N 271 
PHE HXT  H  N N 272 
PRO N    N  N N 273 
PRO CA   C  N S 274 
PRO C    C  N N 275 
PRO O    O  N N 276 
PRO CB   C  N N 277 
PRO CG   C  N N 278 
PRO CD   C  N N 279 
PRO OXT  O  N N 280 
PRO H    H  N N 281 
PRO HA   H  N N 282 
PRO HB2  H  N N 283 
PRO HB3  H  N N 284 
PRO HG2  H  N N 285 
PRO HG3  H  N N 286 
PRO HD2  H  N N 287 
PRO HD3  H  N N 288 
PRO HXT  H  N N 289 
SER N    N  N N 290 
SER CA   C  N S 291 
SER C    C  N N 292 
SER O    O  N N 293 
SER CB   C  N N 294 
SER OG   O  N N 295 
SER OXT  O  N N 296 
SER H    H  N N 297 
SER H2   H  N N 298 
SER HA   H  N N 299 
SER HB2  H  N N 300 
SER HB3  H  N N 301 
SER HG   H  N N 302 
SER HXT  H  N N 303 
SO4 S    S  N N 304 
SO4 O1   O  N N 305 
SO4 O2   O  N N 306 
SO4 O3   O  N N 307 
SO4 O4   O  N N 308 
THR N    N  N N 309 
THR CA   C  N S 310 
THR C    C  N N 311 
THR O    O  N N 312 
THR CB   C  N R 313 
THR OG1  O  N N 314 
THR CG2  C  N N 315 
THR OXT  O  N N 316 
THR H    H  N N 317 
THR H2   H  N N 318 
THR HA   H  N N 319 
THR HB   H  N N 320 
THR HG1  H  N N 321 
THR HG21 H  N N 322 
THR HG22 H  N N 323 
THR HG23 H  N N 324 
THR HXT  H  N N 325 
TYR N    N  N N 326 
TYR CA   C  N S 327 
TYR C    C  N N 328 
TYR O    O  N N 329 
TYR CB   C  N N 330 
TYR CG   C  Y N 331 
TYR CD1  C  Y N 332 
TYR CD2  C  Y N 333 
TYR CE1  C  Y N 334 
TYR CE2  C  Y N 335 
TYR CZ   C  Y N 336 
TYR OH   O  N N 337 
TYR OXT  O  N N 338 
TYR H    H  N N 339 
TYR H2   H  N N 340 
TYR HA   H  N N 341 
TYR HB2  H  N N 342 
TYR HB3  H  N N 343 
TYR HD1  H  N N 344 
TYR HD2  H  N N 345 
TYR HE1  H  N N 346 
TYR HE2  H  N N 347 
TYR HH   H  N N 348 
TYR HXT  H  N N 349 
VAL N    N  N N 350 
VAL CA   C  N S 351 
VAL C    C  N N 352 
VAL O    O  N N 353 
VAL CB   C  N N 354 
VAL CG1  C  N N 355 
VAL CG2  C  N N 356 
VAL OXT  O  N N 357 
VAL H    H  N N 358 
VAL H2   H  N N 359 
VAL HA   H  N N 360 
VAL HB   H  N N 361 
VAL HG11 H  N N 362 
VAL HG12 H  N N 363 
VAL HG13 H  N N 364 
VAL HG21 H  N N 365 
VAL HG22 H  N N 366 
VAL HG23 H  N N 367 
VAL HXT  H  N N 368 
ZN  ZN   ZN N N 369 
# 
loop_
_chem_comp_bond.comp_id 
_chem_comp_bond.atom_id_1 
_chem_comp_bond.atom_id_2 
_chem_comp_bond.value_order 
_chem_comp_bond.pdbx_aromatic_flag 
_chem_comp_bond.pdbx_stereo_config 
_chem_comp_bond.pdbx_ordinal 
ALA N   CA   sing N N 1   
ALA N   H    sing N N 2   
ALA N   H2   sing N N 3   
ALA CA  C    sing N N 4   
ALA CA  CB   sing N N 5   
ALA CA  HA   sing N N 6   
ALA C   O    doub N N 7   
ALA C   OXT  sing N N 8   
ALA CB  HB1  sing N N 9   
ALA CB  HB2  sing N N 10  
ALA CB  HB3  sing N N 11  
ALA OXT HXT  sing N N 12  
ARG N   CA   sing N N 13  
ARG N   H    sing N N 14  
ARG N   H2   sing N N 15  
ARG CA  C    sing N N 16  
ARG CA  CB   sing N N 17  
ARG CA  HA   sing N N 18  
ARG C   O    doub N N 19  
ARG C   OXT  sing N N 20  
ARG CB  CG   sing N N 21  
ARG CB  HB2  sing N N 22  
ARG CB  HB3  sing N N 23  
ARG CG  CD   sing N N 24  
ARG CG  HG2  sing N N 25  
ARG CG  HG3  sing N N 26  
ARG CD  NE   sing N N 27  
ARG CD  HD2  sing N N 28  
ARG CD  HD3  sing N N 29  
ARG NE  CZ   sing N N 30  
ARG NE  HE   sing N N 31  
ARG CZ  NH1  sing N N 32  
ARG CZ  NH2  doub N N 33  
ARG NH1 HH11 sing N N 34  
ARG NH1 HH12 sing N N 35  
ARG NH2 HH21 sing N N 36  
ARG NH2 HH22 sing N N 37  
ARG OXT HXT  sing N N 38  
ASN N   CA   sing N N 39  
ASN N   H    sing N N 40  
ASN N   H2   sing N N 41  
ASN CA  C    sing N N 42  
ASN CA  CB   sing N N 43  
ASN CA  HA   sing N N 44  
ASN C   O    doub N N 45  
ASN C   OXT  sing N N 46  
ASN CB  CG   sing N N 47  
ASN CB  HB2  sing N N 48  
ASN CB  HB3  sing N N 49  
ASN CG  OD1  doub N N 50  
ASN CG  ND2  sing N N 51  
ASN ND2 HD21 sing N N 52  
ASN ND2 HD22 sing N N 53  
ASN OXT HXT  sing N N 54  
ASP N   CA   sing N N 55  
ASP N   H    sing N N 56  
ASP N   H2   sing N N 57  
ASP CA  C    sing N N 58  
ASP CA  CB   sing N N 59  
ASP CA  HA   sing N N 60  
ASP C   O    doub N N 61  
ASP C   OXT  sing N N 62  
ASP CB  CG   sing N N 63  
ASP CB  HB2  sing N N 64  
ASP CB  HB3  sing N N 65  
ASP CG  OD1  doub N N 66  
ASP CG  OD2  sing N N 67  
ASP OD2 HD2  sing N N 68  
ASP OXT HXT  sing N N 69  
CYS N   CA   sing N N 70  
CYS N   H    sing N N 71  
CYS N   H2   sing N N 72  
CYS CA  C    sing N N 73  
CYS CA  CB   sing N N 74  
CYS CA  HA   sing N N 75  
CYS C   O    doub N N 76  
CYS C   OXT  sing N N 77  
CYS CB  SG   sing N N 78  
CYS CB  HB2  sing N N 79  
CYS CB  HB3  sing N N 80  
CYS SG  HG   sing N N 81  
CYS OXT HXT  sing N N 82  
GLN N   CA   sing N N 83  
GLN N   H    sing N N 84  
GLN N   H2   sing N N 85  
GLN CA  C    sing N N 86  
GLN CA  CB   sing N N 87  
GLN CA  HA   sing N N 88  
GLN C   O    doub N N 89  
GLN C   OXT  sing N N 90  
GLN CB  CG   sing N N 91  
GLN CB  HB2  sing N N 92  
GLN CB  HB3  sing N N 93  
GLN CG  CD   sing N N 94  
GLN CG  HG2  sing N N 95  
GLN CG  HG3  sing N N 96  
GLN CD  OE1  doub N N 97  
GLN CD  NE2  sing N N 98  
GLN NE2 HE21 sing N N 99  
GLN NE2 HE22 sing N N 100 
GLN OXT HXT  sing N N 101 
GLU N   CA   sing N N 102 
GLU N   H    sing N N 103 
GLU N   H2   sing N N 104 
GLU CA  C    sing N N 105 
GLU CA  CB   sing N N 106 
GLU CA  HA   sing N N 107 
GLU C   O    doub N N 108 
GLU C   OXT  sing N N 109 
GLU CB  CG   sing N N 110 
GLU CB  HB2  sing N N 111 
GLU CB  HB3  sing N N 112 
GLU CG  CD   sing N N 113 
GLU CG  HG2  sing N N 114 
GLU CG  HG3  sing N N 115 
GLU CD  OE1  doub N N 116 
GLU CD  OE2  sing N N 117 
GLU OE2 HE2  sing N N 118 
GLU OXT HXT  sing N N 119 
GLY N   CA   sing N N 120 
GLY N   H    sing N N 121 
GLY N   H2   sing N N 122 
GLY CA  C    sing N N 123 
GLY CA  HA2  sing N N 124 
GLY CA  HA3  sing N N 125 
GLY C   O    doub N N 126 
GLY C   OXT  sing N N 127 
GLY OXT HXT  sing N N 128 
HIS N   CA   sing N N 129 
HIS N   H    sing N N 130 
HIS N   H2   sing N N 131 
HIS CA  C    sing N N 132 
HIS CA  CB   sing N N 133 
HIS CA  HA   sing N N 134 
HIS C   O    doub N N 135 
HIS C   OXT  sing N N 136 
HIS CB  CG   sing N N 137 
HIS CB  HB2  sing N N 138 
HIS CB  HB3  sing N N 139 
HIS CG  ND1  sing Y N 140 
HIS CG  CD2  doub Y N 141 
HIS ND1 CE1  doub Y N 142 
HIS ND1 HD1  sing N N 143 
HIS CD2 NE2  sing Y N 144 
HIS CD2 HD2  sing N N 145 
HIS CE1 NE2  sing Y N 146 
HIS CE1 HE1  sing N N 147 
HIS NE2 HE2  sing N N 148 
HIS OXT HXT  sing N N 149 
HOH O   H1   sing N N 150 
HOH O   H2   sing N N 151 
ILE N   CA   sing N N 152 
ILE N   H    sing N N 153 
ILE N   H2   sing N N 154 
ILE CA  C    sing N N 155 
ILE CA  CB   sing N N 156 
ILE CA  HA   sing N N 157 
ILE C   O    doub N N 158 
ILE C   OXT  sing N N 159 
ILE CB  CG1  sing N N 160 
ILE CB  CG2  sing N N 161 
ILE CB  HB   sing N N 162 
ILE CG1 CD1  sing N N 163 
ILE CG1 HG12 sing N N 164 
ILE CG1 HG13 sing N N 165 
ILE CG2 HG21 sing N N 166 
ILE CG2 HG22 sing N N 167 
ILE CG2 HG23 sing N N 168 
ILE CD1 HD11 sing N N 169 
ILE CD1 HD12 sing N N 170 
ILE CD1 HD13 sing N N 171 
ILE OXT HXT  sing N N 172 
LEU N   CA   sing N N 173 
LEU N   H    sing N N 174 
LEU N   H2   sing N N 175 
LEU CA  C    sing N N 176 
LEU CA  CB   sing N N 177 
LEU CA  HA   sing N N 178 
LEU C   O    doub N N 179 
LEU C   OXT  sing N N 180 
LEU CB  CG   sing N N 181 
LEU CB  HB2  sing N N 182 
LEU CB  HB3  sing N N 183 
LEU CG  CD1  sing N N 184 
LEU CG  CD2  sing N N 185 
LEU CG  HG   sing N N 186 
LEU CD1 HD11 sing N N 187 
LEU CD1 HD12 sing N N 188 
LEU CD1 HD13 sing N N 189 
LEU CD2 HD21 sing N N 190 
LEU CD2 HD22 sing N N 191 
LEU CD2 HD23 sing N N 192 
LEU OXT HXT  sing N N 193 
LYS N   CA   sing N N 194 
LYS N   H    sing N N 195 
LYS N   H2   sing N N 196 
LYS CA  C    sing N N 197 
LYS CA  CB   sing N N 198 
LYS CA  HA   sing N N 199 
LYS C   O    doub N N 200 
LYS C   OXT  sing N N 201 
LYS CB  CG   sing N N 202 
LYS CB  HB2  sing N N 203 
LYS CB  HB3  sing N N 204 
LYS CG  CD   sing N N 205 
LYS CG  HG2  sing N N 206 
LYS CG  HG3  sing N N 207 
LYS CD  CE   sing N N 208 
LYS CD  HD2  sing N N 209 
LYS CD  HD3  sing N N 210 
LYS CE  NZ   sing N N 211 
LYS CE  HE2  sing N N 212 
LYS CE  HE3  sing N N 213 
LYS NZ  HZ1  sing N N 214 
LYS NZ  HZ2  sing N N 215 
LYS NZ  HZ3  sing N N 216 
LYS OXT HXT  sing N N 217 
MET N   CA   sing N N 218 
MET N   H    sing N N 219 
MET N   H2   sing N N 220 
MET CA  C    sing N N 221 
MET CA  CB   sing N N 222 
MET CA  HA   sing N N 223 
MET C   O    doub N N 224 
MET C   OXT  sing N N 225 
MET CB  CG   sing N N 226 
MET CB  HB2  sing N N 227 
MET CB  HB3  sing N N 228 
MET CG  SD   sing N N 229 
MET CG  HG2  sing N N 230 
MET CG  HG3  sing N N 231 
MET SD  CE   sing N N 232 
MET CE  HE1  sing N N 233 
MET CE  HE2  sing N N 234 
MET CE  HE3  sing N N 235 
MET OXT HXT  sing N N 236 
PHE N   CA   sing N N 237 
PHE N   H    sing N N 238 
PHE N   H2   sing N N 239 
PHE CA  C    sing N N 240 
PHE CA  CB   sing N N 241 
PHE CA  HA   sing N N 242 
PHE C   O    doub N N 243 
PHE C   OXT  sing N N 244 
PHE CB  CG   sing N N 245 
PHE CB  HB2  sing N N 246 
PHE CB  HB3  sing N N 247 
PHE CG  CD1  doub Y N 248 
PHE CG  CD2  sing Y N 249 
PHE CD1 CE1  sing Y N 250 
PHE CD1 HD1  sing N N 251 
PHE CD2 CE2  doub Y N 252 
PHE CD2 HD2  sing N N 253 
PHE CE1 CZ   doub Y N 254 
PHE CE1 HE1  sing N N 255 
PHE CE2 CZ   sing Y N 256 
PHE CE2 HE2  sing N N 257 
PHE CZ  HZ   sing N N 258 
PHE OXT HXT  sing N N 259 
PRO N   CA   sing N N 260 
PRO N   CD   sing N N 261 
PRO N   H    sing N N 262 
PRO CA  C    sing N N 263 
PRO CA  CB   sing N N 264 
PRO CA  HA   sing N N 265 
PRO C   O    doub N N 266 
PRO C   OXT  sing N N 267 
PRO CB  CG   sing N N 268 
PRO CB  HB2  sing N N 269 
PRO CB  HB3  sing N N 270 
PRO CG  CD   sing N N 271 
PRO CG  HG2  sing N N 272 
PRO CG  HG3  sing N N 273 
PRO CD  HD2  sing N N 274 
PRO CD  HD3  sing N N 275 
PRO OXT HXT  sing N N 276 
SER N   CA   sing N N 277 
SER N   H    sing N N 278 
SER N   H2   sing N N 279 
SER CA  C    sing N N 280 
SER CA  CB   sing N N 281 
SER CA  HA   sing N N 282 
SER C   O    doub N N 283 
SER C   OXT  sing N N 284 
SER CB  OG   sing N N 285 
SER CB  HB2  sing N N 286 
SER CB  HB3  sing N N 287 
SER OG  HG   sing N N 288 
SER OXT HXT  sing N N 289 
SO4 S   O1   doub N N 290 
SO4 S   O2   doub N N 291 
SO4 S   O3   sing N N 292 
SO4 S   O4   sing N N 293 
THR N   CA   sing N N 294 
THR N   H    sing N N 295 
THR N   H2   sing N N 296 
THR CA  C    sing N N 297 
THR CA  CB   sing N N 298 
THR CA  HA   sing N N 299 
THR C   O    doub N N 300 
THR C   OXT  sing N N 301 
THR CB  OG1  sing N N 302 
THR CB  CG2  sing N N 303 
THR CB  HB   sing N N 304 
THR OG1 HG1  sing N N 305 
THR CG2 HG21 sing N N 306 
THR CG2 HG22 sing N N 307 
THR CG2 HG23 sing N N 308 
THR OXT HXT  sing N N 309 
TYR N   CA   sing N N 310 
TYR N   H    sing N N 311 
TYR N   H2   sing N N 312 
TYR CA  C    sing N N 313 
TYR CA  CB   sing N N 314 
TYR CA  HA   sing N N 315 
TYR C   O    doub N N 316 
TYR C   OXT  sing N N 317 
TYR CB  CG   sing N N 318 
TYR CB  HB2  sing N N 319 
TYR CB  HB3  sing N N 320 
TYR CG  CD1  doub Y N 321 
TYR CG  CD2  sing Y N 322 
TYR CD1 CE1  sing Y N 323 
TYR CD1 HD1  sing N N 324 
TYR CD2 CE2  doub Y N 325 
TYR CD2 HD2  sing N N 326 
TYR CE1 CZ   doub Y N 327 
TYR CE1 HE1  sing N N 328 
TYR CE2 CZ   sing Y N 329 
TYR CE2 HE2  sing N N 330 
TYR CZ  OH   sing N N 331 
TYR OH  HH   sing N N 332 
TYR OXT HXT  sing N N 333 
VAL N   CA   sing N N 334 
VAL N   H    sing N N 335 
VAL N   H2   sing N N 336 
VAL CA  C    sing N N 337 
VAL CA  CB   sing N N 338 
VAL CA  HA   sing N N 339 
VAL C   O    doub N N 340 
VAL C   OXT  sing N N 341 
VAL CB  CG1  sing N N 342 
VAL CB  CG2  sing N N 343 
VAL CB  HB   sing N N 344 
VAL CG1 HG11 sing N N 345 
VAL CG1 HG12 sing N N 346 
VAL CG1 HG13 sing N N 347 
VAL CG2 HG21 sing N N 348 
VAL CG2 HG22 sing N N 349 
VAL CG2 HG23 sing N N 350 
VAL OXT HXT  sing N N 351 
# 
_pdbx_audit_support.funding_organization   'National Research Foundation (NRF, Korea)' 
_pdbx_audit_support.country                'Korea, Republic Of' 
_pdbx_audit_support.grant_number           2020R1A2C3008285 
_pdbx_audit_support.ordinal                1 
# 
_atom_sites.entry_id                    7YRB 
_atom_sites.Cartn_transf_matrix[1][1]   ? 
_atom_sites.Cartn_transf_matrix[1][2]   ? 
_atom_sites.Cartn_transf_matrix[1][3]   ? 
_atom_sites.Cartn_transf_matrix[2][1]   ? 
_atom_sites.Cartn_transf_matrix[2][2]   ? 
_atom_sites.Cartn_transf_matrix[2][3]   ? 
_atom_sites.Cartn_transf_matrix[3][1]   ? 
_atom_sites.Cartn_transf_matrix[3][2]   ? 
_atom_sites.Cartn_transf_matrix[3][3]   ? 
_atom_sites.Cartn_transf_vector[1]      ? 
_atom_sites.Cartn_transf_vector[2]      ? 
_atom_sites.Cartn_transf_vector[3]      ? 
_atom_sites.fract_transf_matrix[1][1]   -0.01071366 
_atom_sites.fract_transf_matrix[1][2]   0.02338651 
_atom_sites.fract_transf_matrix[1][3]   0.00094211 
_atom_sites.fract_transf_matrix[2][1]   0.01379384 
_atom_sites.fract_transf_matrix[2][2]   0.00712926 
_atom_sites.fract_transf_matrix[2][3]   -0.02011018 
_atom_sites.fract_transf_matrix[3][1]   -0.01611956 
_atom_sites.fract_transf_matrix[3][2]   -0.00684147 
_atom_sites.fract_transf_matrix[3][3]   -0.01348199 
_atom_sites.fract_transf_vector[1]      0.381011 
_atom_sites.fract_transf_vector[2]      -0.016935 
_atom_sites.fract_transf_vector[3]      -0.013865 
_atom_sites.solution_primary            ? 
_atom_sites.solution_secondary          ? 
_atom_sites.solution_hydrogens          ? 
_atom_sites.special_details             ? 
# 
loop_
_atom_type.symbol 
C  
H  
N  
O  
S  
ZN 
# 
loop_
_atom_site.group_PDB 
_atom_site.id 
_atom_site.type_symbol 
_atom_site.label_atom_id 
_atom_site.label_alt_id 
_atom_site.label_comp_id 
_atom_site.label_asym_id 
_atom_site.label_entity_id 
_atom_site.label_seq_id 
_atom_site.pdbx_PDB_ins_code 
_atom_site.Cartn_x 
_atom_site.Cartn_y 
_atom_site.Cartn_z 
_atom_site.occupancy 
_atom_site.B_iso_or_equiv 
_atom_site.pdbx_formal_charge 
_atom_site.auth_seq_id 
_atom_site.auth_comp_id 
_atom_site.auth_asym_id 
_atom_site.auth_atom_id 
_atom_site.pdbx_PDB_model_num 
ATOM   1    N  N    . GLY A 1 1  ? 12.03416  -9.15225  -13.60970 1.000 23.73518 ? 822  GLY A N    1 
ATOM   2    C  CA   . GLY A 1 1  ? 12.86274  -8.54042  -12.57809 1.000 23.12711 ? 822  GLY A CA   1 
ATOM   3    C  C    . GLY A 1 1  ? 13.10533  -9.50710  -11.44171 1.000 20.95358 ? 822  GLY A C    1 
ATOM   4    O  O    . GLY A 1 1  ? 12.73831  -10.67386 -11.55239 1.000 22.78840 ? 822  GLY A O    1 
ATOM   5    H  HA2  . GLY A 1 1  ? 13.71763  -8.28139  -12.95619 1.000 27.75253 ? 822  GLY A HA2  1 
ATOM   6    H  HA3  . GLY A 1 1  ? 12.42004  -7.75138  -12.22832 1.000 27.75253 ? 822  GLY A HA3  1 
ATOM   7    N  N    . SER A 1 2  ? 13.72178  -9.03606  -10.36549 1.000 21.05215 ? 823  SER A N    1 
ATOM   8    C  CA   . SER A 1 2  ? 13.95265  -9.91281  -9.21753  1.000 22.80005 ? 823  SER A CA   1 
ATOM   9    C  C    . SER A 1 2  ? 12.63914  -10.16853 -8.47449  1.000 23.71522 ? 823  SER A C    1 
ATOM   10   O  O    . SER A 1 2  ? 11.63534  -9.47711  -8.66676  1.000 24.09795 ? 823  SER A O    1 
ATOM   11   C  CB   . SER A 1 2  ? 14.97327  -9.29482  -8.26663  1.000 23.14772 ? 823  SER A CB   1 
ATOM   12   O  OG   . SER A 1 2  ? 14.35716  -8.35301  -7.39674  1.000 24.57468 ? 823  SER A OG   1 
ATOM   13   H  H    . SER A 1 2  ? 14.01095  -8.23138  -10.27346 1.000 25.26258 ? 823  SER A H    1 
ATOM   14   H  HA   . SER A 1 2  ? 14.30323  -10.76096 -9.53161  1.000 27.36006 ? 823  SER A HA   1 
ATOM   15   H  HB2  . SER A 1 2  ? 15.37461  -9.99942  -7.73432  1.000 27.77726 ? 823  SER A HB2  1 
ATOM   16   H  HB3  . SER A 1 2  ? 15.65552  -8.84294  -8.78744  1.000 27.77726 ? 823  SER A HB3  1 
ATOM   17   H  HG   . SER A 1 2  ? 14.29291  -7.60789  -7.77917  1.000 29.48961 ? 823  SER A HG   1 
ATOM   18   N  N    . ASP A 1 3  ? 12.67103  -11.15528 -7.58821  1.000 21.24807 ? 824  ASP A N    1 
ATOM   19   C  CA   . ASP A 1 3  ? 11.53309  -11.46444 -6.72501  1.000 20.95119 ? 824  ASP A CA   1 
ATOM   20   C  C    . ASP A 1 3  ? 11.51508  -10.63956 -5.44799  1.000 23.82947 ? 824  ASP A C    1 
ATOM   21   O  O    . ASP A 1 3  ? 10.73518  -10.94818 -4.54520  1.000 22.39327 ? 824  ASP A O    1 
ATOM   22   C  CB   . ASP A 1 3  ? 11.52367  -12.96526 -6.40031  1.000 25.43898 ? 824  ASP A CB   1 
ATOM   23   C  CG   . ASP A 1 3  ? 12.32224  -13.30576 -5.15611  1.000 26.68000 ? 824  ASP A CG   1 
ATOM   24   O  OD1  . ASP A 1 3  ? 13.39864  -12.70914 -4.91116  1.000 28.83126 ? 824  ASP A OD1  1 
ATOM   25   O  OD2  . ASP A 1 3  ? 11.89469  -14.23870 -4.42056  1.000 35.71968 ? 824  ASP A OD2  1 
ATOM   26   H  H    . ASP A 1 3  ? 13.34962  -11.66892 -7.46454  1.000 25.49768 ? 824  ASP A H    1 
ATOM   27   H  HA   . ASP A 1 3  ? 10.71334  -11.26126 -7.20210  1.000 25.14143 ? 824  ASP A HA   1 
ATOM   28   H  HB2  . ASP A 1 3  ? 10.60804  -13.25097 -6.25569  1.000 30.52678 ? 824  ASP A HB2  1 
ATOM   29   H  HB3  . ASP A 1 3  ? 11.90918  -13.45171 -7.14573  1.000 30.52678 ? 824  ASP A HB3  1 
ATOM   30   N  N    . ALA A 1 4  ? 12.28551  -9.56322  -5.35497  1.000 23.11726 ? 825  ALA A N    1 
ATOM   31   C  CA   . ALA A 1 4  ? 12.40386  -8.89663  -4.05772  1.000 21.85893 ? 825  ALA A CA   1 
ATOM   32   C  C    . ALA A 1 4  ? 11.08399  -8.26175  -3.60501  1.000 20.81760 ? 825  ALA A C    1 
ATOM   33   O  O    . ALA A 1 4  ? 10.77845  -8.26696  -2.41051  1.000 21.02052 ? 825  ALA A O    1 
ATOM   34   C  CB   . ALA A 1 4  ? 13.50080  -7.85262  -4.08627  1.000 26.20770 ? 825  ALA A CB   1 
ATOM   35   H  H    . ALA A 1 4  ? 12.73349  -9.20988  -5.99844  1.000 27.74071 ? 825  ALA A H    1 
ATOM   36   H  HA   . ALA A 1 4  ? 12.64663  -9.57382  -3.40703  1.000 26.23071 ? 825  ALA A HA   1 
ATOM   37   H  HB1  . ALA A 1 4  ? 13.55436  -7.42695  -3.21631  1.000 31.44924 ? 825  ALA A HB1  1 
ATOM   38   H  HB2  . ALA A 1 4  ? 14.34336  -8.28547  -4.29516  1.000 31.44924 ? 825  ALA A HB2  1 
ATOM   39   H  HB3  . ALA A 1 4  ? 13.29084  -7.19243  -4.76520  1.000 31.44924 ? 825  ALA A HB3  1 
ATOM   40   N  N    . ILE A 1 5  ? 10.30156  -7.68791  -4.51833  1.000 21.18630 ? 826  ILE A N    1 
ATOM   41   C  CA   . ILE A 1 5  ? 9.01017   -7.12316  -4.13024  1.000 20.55647 ? 826  ILE A CA   1 
ATOM   42   C  C    . ILE A 1 5  ? 8.05310   -8.23422  -3.73066  1.000 21.80851 ? 826  ILE A C    1 
ATOM   43   O  O    . ILE A 1 5  ? 7.33479   -8.12491  -2.72885  1.000 21.44689 ? 826  ILE A O    1 
ATOM   44   C  CB   . ILE A 1 5  ? 8.42891   -6.28058  -5.28560  1.000 21.13327 ? 826  ILE A CB   1 
ATOM   45   C  CG1  . ILE A 1 5  ? 9.40119   -5.16310  -5.67264  1.000 28.72227 ? 826  ILE A CG1  1 
ATOM   46   C  CG2  . ILE A 1 5  ? 7.08933   -5.70707  -4.93083  1.000 23.86170 ? 826  ILE A CG2  1 
ATOM   47   C  CD1  . ILE A 1 5  ? 9.76770   -4.26843  -4.54194  1.000 32.08227 ? 826  ILE A CD1  1 
ATOM   48   H  H    . ILE A 1 5  ? 10.49084  -7.61361  -5.35395  1.000 25.42356 ? 826  ILE A H    1 
ATOM   49   H  HA   . ILE A 1 5  ? 9.14386   -6.54136  -3.36569  1.000 24.66776 ? 826  ILE A HA   1 
ATOM   50   H  HB   . ILE A 1 5  ? 8.30786   -6.87139  -6.04533  1.000 25.35993 ? 826  ILE A HB   1 
ATOM   51   H  HG12 . ILE A 1 5  ? 10.21781  -5.56332  -6.01005  1.000 34.46673 ? 826  ILE A HG12 1 
ATOM   52   H  HG13 . ILE A 1 5  ? 8.99037   -4.61693  -6.36100  1.000 34.46673 ? 826  ILE A HG13 1 
ATOM   53   H  HG21 . ILE A 1 5  ? 6.88140   -4.98643  -5.54592  1.000 28.63404 ? 826  ILE A HG21 1 
ATOM   54   H  HG22 . ILE A 1 5  ? 6.41886   -6.40465  -4.99983  1.000 28.63404 ? 826  ILE A HG22 1 
ATOM   55   H  HG23 . ILE A 1 5  ? 7.12151   -5.36787  -4.02265  1.000 28.63404 ? 826  ILE A HG23 1 
ATOM   56   H  HD11 . ILE A 1 5  ? 10.26006  -3.50768  -4.88798  1.000 38.49872 ? 826  ILE A HD11 1 
ATOM   57   H  HD12 . ILE A 1 5  ? 8.95727   -3.96602  -4.10301  1.000 38.49872 ? 826  ILE A HD12 1 
ATOM   58   H  HD13 . ILE A 1 5  ? 10.31918  -4.76183  -3.91479  1.000 38.49872 ? 826  ILE A HD13 1 
ATOM   59   N  N    . GLU A 1 6  ? 8.00968   -9.31312  -4.51796  1.000 23.26800 ? 827  GLU A N    1 
ATOM   60   C  CA   . GLU A 1 6  ? 7.11665   -10.42427 -4.20579  1.000 21.90057 ? 827  GLU A CA   1 
ATOM   61   C  C    . GLU A 1 6  ? 7.45911   -11.03379 -2.85816  1.000 24.07218 ? 827  GLU A C    1 
ATOM   62   O  O    . GLU A 1 6  ? 6.56451   -11.41992 -2.09071  1.000 24.06691 ? 827  GLU A O    1 
ATOM   63   C  CB   . GLU A 1 6  ? 7.18791   -11.47497 -5.30787  1.000 29.20025 ? 827  GLU A CB   1 
ATOM   64   C  CG   . GLU A 1 6  ? 5.93617   -12.28377 -5.39829  1.000 43.38266 ? 827  GLU A CG   1 
ATOM   65   C  CD   . GLU A 1 6  ? 4.82522   -11.48569 -6.08136  1.000 48.31579 ? 827  GLU A CD   1 
ATOM   66   O  OE1  . GLU A 1 6  ? 3.68783   -11.46315 -5.55297  1.000 49.25186 ? 827  GLU A OE1  1 
ATOM   67   O  OE2  . GLU A 1 6  ? 5.08347   -10.91758 -7.17171  1.000 49.38557 ? 827  GLU A OE2  1 
ATOM   68   H  H    . GLU A 1 6  ? 8.48149   -9.42295  -5.22854  1.000 27.92159 ? 827  GLU A H    1 
ATOM   69   H  HA   . GLU A 1 6  ? 6.20445   -10.09698 -4.16489  1.000 26.28068 ? 827  GLU A HA   1 
ATOM   70   H  HB2  . GLU A 1 6  ? 7.32474   -11.03265 -6.16024  1.000 35.04031 ? 827  GLU A HB2  1 
ATOM   71   H  HB3  . GLU A 1 6  ? 7.92535   -12.07794 -5.12484  1.000 35.04031 ? 827  GLU A HB3  1 
ATOM   72   H  HG2  . GLU A 1 6  ? 6.10502   -13.08501 -5.91829  1.000 52.05919 ? 827  GLU A HG2  1 
ATOM   73   H  HG3  . GLU A 1 6  ? 5.64019   -12.52347 -4.50619  1.000 52.05919 ? 827  GLU A HG3  1 
ATOM   74   N  N    . LYS A 1 7  ? 8.73858   -11.11526 -2.53791  1.000 21.93096 ? 828  LYS A N    1 
ATOM   75   C  CA   . LYS A 1 7  ? 9.14092   -11.64995 -1.24617  1.000 22.20019 ? 828  LYS A CA   1 
ATOM   76   C  C    . LYS A 1 7  ? 8.71186   -10.72845 -0.10726  1.000 23.14148 ? 828  LYS A C    1 
ATOM   77   O  O    . LYS A 1 7  ? 8.27003   -11.20161 0.95179   1.000 25.10815 ? 828  LYS A O    1 
ATOM   78   C  CB   . LYS A 1 7  ? 10.65604  -11.84746 -1.22416  1.000 24.58335 ? 828  LYS A CB   1 
ATOM   79   C  CG   . LYS A 1 7  ? 11.17158  -12.43821 0.08485   1.000 35.63055 ? 828  LYS A CG   1 
ATOM   80   C  CD   . LYS A 1 7  ? 11.92891  -13.74967 -0.15207  1.000 46.14682 ? 828  LYS A CD   1 
ATOM   81   C  CE   . LYS A 1 7  ? 13.28462  -13.51203 -0.77645  1.000 46.77859 ? 828  LYS A CE   1 
ATOM   82   N  NZ   . LYS A 1 7  ? 14.32195  -14.48358 -0.28766  1.000 49.03665 ? 828  LYS A NZ   1 
ATOM   83   H  H    . LYS A 1 7  ? 9.38983   -10.87089 -3.04363  1.000 26.31715 ? 828  LYS A H    1 
ATOM   84   H  HA   . LYS A 1 7  ? 8.71402   -12.51086 -1.11390  1.000 26.64022 ? 828  LYS A HA   1 
ATOM   85   H  HB2  . LYS A 1 7  ? 10.90346  -12.45193 -1.94130  1.000 29.50002 ? 828  LYS A HB2  1 
ATOM   86   H  HB3  . LYS A 1 7  ? 11.08582  -10.98733 -1.35214  1.000 29.50002 ? 828  LYS A HB3  1 
ATOM   87   H  HG2  . LYS A 1 7  ? 11.77710  -11.80795 0.50559   1.000 42.75666 ? 828  LYS A HG2  1 
ATOM   88   H  HG3  . LYS A 1 7  ? 10.42179  -12.62077 0.67255   1.000 42.75666 ? 828  LYS A HG3  1 
ATOM   89   H  HD2  . LYS A 1 7  ? 12.06068  -14.20076 0.69649   1.000 55.37619 ? 828  LYS A HD2  1 
ATOM   90   H  HD3  . LYS A 1 7  ? 11.41380  -14.31287 -0.75071  1.000 55.37619 ? 828  LYS A HD3  1 
ATOM   91   H  HE2  . LYS A 1 7  ? 13.21193  -13.60869 -1.73888  1.000 56.13431 ? 828  LYS A HE2  1 
ATOM   92   H  HE3  . LYS A 1 7  ? 13.58340  -12.61626 -0.55461  1.000 56.13431 ? 828  LYS A HE3  1 
ATOM   93   H  HZ1  . LYS A 1 7  ? 15.11532  -14.28360 -0.63793  1.000 58.84398 ? 828  LYS A HZ1  1 
ATOM   94   H  HZ2  . LYS A 1 7  ? 14.38017  -14.44591 0.59963   1.000 58.84398 ? 828  LYS A HZ2  1 
ATOM   95   H  HZ3  . LYS A 1 7  ? 14.10065  -15.31153 -0.52771  1.000 58.84398 ? 828  LYS A HZ3  1 
ATOM   96   N  N    . ALA A 1 8  ? 8.87319   -9.41474  -0.27814  1.000 21.25471 ? 829  ALA A N    1 
ATOM   97   C  CA   . ALA A 1 8  ? 8.41847   -8.48833  0.75491   1.000 22.12622 ? 829  ALA A CA   1 
ATOM   98   C  C    . ALA A 1 8  ? 6.91722   -8.62012  0.97850   1.000 20.68078 ? 829  ALA A C    1 
ATOM   99   O  O    . ALA A 1 8  ? 6.43667   -8.56815  2.12034   1.000 23.69267 ? 829  ALA A O    1 
ATOM   100  C  CB   . ALA A 1 8  ? 8.77273   -7.05685  0.39771   1.000 23.06214 ? 829  ALA A CB   1 
ATOM   101  H  H    . ALA A 1 8  ? 9.23370   -9.04461  -0.96563  1.000 25.50565 ? 829  ALA A H    1 
ATOM   102  H  HA   . ALA A 1 8  ? 8.87888   -8.70409  1.58097   1.000 26.55146 ? 829  ALA A HA   1 
ATOM   103  H  HB1  . ALA A 1 8  ? 8.38200   -6.46115  1.05602   1.000 27.67457 ? 829  ALA A HB1  1 
ATOM   104  H  HB2  . ALA A 1 8  ? 9.73800   -6.96124  0.39672   1.000 27.67457 ? 829  ALA A HB2  1 
ATOM   105  H  HB3  . ALA A 1 8  ? 8.41937   -6.85435  -0.48265  1.000 27.67457 ? 829  ALA A HB3  1 
ATOM   106  N  N    . VAL A 1 9  ? 6.15454   -8.79297  -0.10139  1.000 21.25883 ? 830  VAL A N    1 
ATOM   107  C  CA   . VAL A 1 9  ? 4.71012   -8.97965  0.04992   1.000 20.90381 ? 830  VAL A CA   1 
ATOM   108  C  C    . VAL A 1 9  ? 4.41902   -10.24974 0.83183   1.000 21.63362 ? 830  VAL A C    1 
ATOM   109  O  O    . VAL A 1 9  ? 3.51902   -10.29186 1.69140   1.000 22.38715 ? 830  VAL A O    1 
ATOM   110  C  CB   . VAL A 1 9  ? 4.05067   -8.99707  -1.33905  1.000 25.51481 ? 830  VAL A CB   1 
ATOM   111  C  CG1  . VAL A 1 9  ? 2.59555   -9.43568  -1.23812  1.000 24.20069 ? 830  VAL A CG1  1 
ATOM   112  C  CG2  . VAL A 1 9  ? 4.18787   -7.62137  -1.98221  1.000 24.68981 ? 830  VAL A CG2  1 
ATOM   113  H  H    . VAL A 1 9  ? 6.43989   -8.80613  -0.91256  1.000 25.51059 ? 830  VAL A H    1 
ATOM   114  H  HA   . VAL A 1 9  ? 4.34199   -8.23762  0.55468   1.000 25.08457 ? 830  VAL A HA   1 
ATOM   115  H  HB   . VAL A 1 9  ? 4.49742   -9.64172  -1.90980  1.000 30.61777 ? 830  VAL A HB   1 
ATOM   116  H  HG11 . VAL A 1 9  ? 2.14656   -9.23524  -2.07426  1.000 29.04083 ? 830  VAL A HG11 1 
ATOM   117  H  HG12 . VAL A 1 9  ? 2.56450   -10.38986 -1.06646  1.000 29.04083 ? 830  VAL A HG12 1 
ATOM   118  H  HG13 . VAL A 1 9  ? 2.17047   -8.95475  -0.51085  1.000 29.04083 ? 830  VAL A HG13 1 
ATOM   119  H  HG21 . VAL A 1 9  ? 3.91460   -7.67839  -2.91118  1.000 29.62777 ? 830  VAL A HG21 1 
ATOM   120  H  HG22 . VAL A 1 9  ? 3.62044   -6.99327  -1.50846  1.000 29.62777 ? 830  VAL A HG22 1 
ATOM   121  H  HG23 . VAL A 1 9  ? 5.11378   -7.33767  -1.92660  1.000 29.62777 ? 830  VAL A HG23 1 
ATOM   122  N  N    . SER A 1 10 ? 5.16115   -11.31752 0.53682   1.000 21.36584 ? 831  SER A N    1 
ATOM   123  C  CA   . SER A 1 10 ? 4.97694   -12.58041 1.23717   1.000 23.75857 ? 831  SER A CA   1 
ATOM   124  C  C    . SER A 1 10 ? 5.30123   -12.48019 2.71494   1.000 22.39354 ? 831  SER A C    1 
ATOM   125  O  O    . SER A 1 10 ? 4.80621   -13.29659 3.50270   1.000 24.67812 ? 831  SER A O    1 
ATOM   126  C  CB   . SER A 1 10 ? 5.87006   -13.64044 0.59249   1.000 23.61312 ? 831  SER A CB   1 
ATOM   127  O  OG   . SER A 1 10 ? 7.19986   -13.56958 1.11155   1.000 31.90643 ? 831  SER A OG   1 
ATOM   128  H  H    . SER A 1 10 ? 5.77628   -11.33464 -0.06394  1.000 25.63900 ? 831  SER A H    1 
ATOM   129  H  HA   . SER A 1 10 ? 4.04627   -12.84242 1.15910   1.000 28.51028 ? 831  SER A HA   1 
ATOM   130  H  HB2  . SER A 1 10 ? 5.50400   -14.51874 0.78092   1.000 28.33575 ? 831  SER A HB2  1 
ATOM   131  H  HB3  . SER A 1 10 ? 5.89669   -13.49066 -0.36550  1.000 28.33575 ? 831  SER A HB3  1 
ATOM   132  H  HG   . SER A 1 10 ? 7.64095   -14.24028 0.86416   1.000 38.28771 ? 831  SER A HG   1 
ATOM   133  N  N    . ARG A 1 11 ? 6.17908   -11.56675 3.10773   1.000 22.91876 ? 832  ARG A N    1 
ATOM   134  C  CA   . ARG A 1 11 ? 6.46768   -11.37250 4.51967   1.000 23.49668 ? 832  ARG A CA   1 
ATOM   135  C  C    . ARG A 1 11 ? 5.35960   -10.61748 5.24963   1.000 22.75937 ? 832  ARG A C    1 
ATOM   136  O  O    . ARG A 1 11 ? 5.47530   -10.38611 6.45673   1.000 22.68602 ? 832  ARG A O    1 
ATOM   137  C  CB   . ARG A 1 11 ? 7.76868   -10.60497 4.69113   1.000 26.46166 ? 832  ARG A CB   1 
ATOM   138  C  CG   . ARG A 1 11 ? 9.00434   -11.42390 4.48034   1.000 30.01032 ? 832  ARG A CG   1 
ATOM   139  C  CD   . ARG A 1 11 ? 10.15400  -10.70310 5.14102   1.000 32.88304 ? 832  ARG A CD   1 
ATOM   140  N  NE   . ARG A 1 11 ? 11.39045  -11.45674 5.00065   1.000 36.26398 ? 832  ARG A NE   1 
ATOM   141  C  CZ   . ARG A 1 11 ? 11.86243  -12.28551 5.91938   1.000 36.47546 ? 832  ARG A CZ   1 
ATOM   142  N  NH1  . ARG A 1 11 ? 11.24376  -12.46091 7.07918   1.000 34.83082 ? 832  ARG A NH1  1 
ATOM   143  N  NH2  . ARG A 1 11 ? 12.99277  -12.94611 5.67291   1.000 42.10516 ? 832  ARG A NH2  1 
ATOM   144  H  H    . ARG A 1 11 ? 6.61798   -11.05008 2.57855   1.000 27.50251 ? 832  ARG A H    1 
ATOM   145  H  HA   . ARG A 1 11 ? 6.57130   -12.24513 4.93037   1.000 28.19601 ? 832  ARG A HA   1 
ATOM   146  H  HB2  . ARG A 1 11 ? 7.78565   -9.87820  4.04893   1.000 31.75399 ? 832  ARG A HB2  1 
ATOM   147  H  HB3  . ARG A 1 11 ? 7.80203   -10.25106 5.59364   1.000 31.75399 ? 832  ARG A HB3  1 
ATOM   148  H  HG2  . ARG A 1 11 ? 8.89975   -12.29898 4.88556   1.000 36.01239 ? 832  ARG A HG2  1 
ATOM   149  H  HG3  . ARG A 1 11 ? 9.18715   -11.51701 3.53229   1.000 36.01239 ? 832  ARG A HG3  1 
ATOM   150  H  HD2  . ARG A 1 11 ? 10.27387  -9.83552  4.72407   1.000 39.45964 ? 832  ARG A HD2  1 
ATOM   151  H  HD3  . ARG A 1 11 ? 9.96637   -10.59376 6.08640   1.000 39.45964 ? 832  ARG A HD3  1 
ATOM   152  H  HE   . ARG A 1 11 ? 11.84295  -11.35790 4.27605   1.000 43.51678 ? 832  ARG A HE   1 
ATOM   153  H  HH11 . ARG A 1 11 ? 10.51833  -12.03132 7.24885   1.000 41.79699 ? 832  ARG A HH11 1 
ATOM   154  H  HH12 . ARG A 1 11 ? 11.56800  -13.00427 7.66162   1.000 41.79699 ? 832  ARG A HH12 1 
ATOM   155  H  HH21 . ARG A 1 11 ? 13.40406  -12.83102 4.92646   1.000 50.52619 ? 832  ARG A HH21 1 
ATOM   156  H  HH22 . ARG A 1 11 ? 13.31115  -13.48763 6.26026   1.000 50.52619 ? 832  ARG A HH22 1 
ATOM   157  N  N    . GLY A 1 12 ? 4.35236   -10.13779 4.52370   1.000 22.56965 ? 833  GLY A N    1 
ATOM   158  C  CA   . GLY A 1 12 ? 3.25957   -9.43384  5.13306   1.000 22.20882 ? 833  GLY A CA   1 
ATOM   159  C  C    . GLY A 1 12 ? 3.50791   -7.98877  5.45481   1.000 23.85961 ? 833  GLY A C    1 
ATOM   160  O  O    . GLY A 1 12 ? 2.66542   -7.35853  6.11441   1.000 24.46438 ? 833  GLY A O    1 
ATOM   161  H  H    . GLY A 1 12 ? 4.28924   -10.21396 3.66940   1.000 27.08358 ? 833  GLY A H    1 
ATOM   162  H  HA2  . GLY A 1 12 ? 2.49811   -9.47202  4.53336   1.000 26.65058 ? 833  GLY A HA2  1 
ATOM   163  H  HA3  . GLY A 1 12 ? 3.03106   -9.88182  5.96251   1.000 26.65058 ? 833  GLY A HA3  1 
ATOM   164  N  N    . GLN A 1 13 ? 4.59935   -7.41922  4.97279   1.000 24.33907 ? 834  GLN A N    1 
ATOM   165  C  CA   . GLN A 1 13 ? 4.97182   -6.07740  5.36890   1.000 26.27995 ? 834  GLN A CA   1 
ATOM   166  C  C    . GLN A 1 13 ? 4.44489   -5.07396  4.33282   1.000 23.04609 ? 834  GLN A C    1 
ATOM   167  O  O    . GLN A 1 13 ? 4.04616   -5.42284  3.21673   1.000 22.84544 ? 834  GLN A O    1 
ATOM   168  C  CB   . GLN A 1 13 ? 6.49653   -5.98715  5.53388   1.000 33.74996 ? 834  GLN A CB   1 
ATOM   169  C  CG   . GLN A 1 13 ? 7.17096   -6.70550  6.76655   1.000 33.31465 ? 834  GLN A CG   1 
ATOM   170  C  CD   . GLN A 1 13 ? 6.43581   -6.64067  8.12945   1.000 34.70565 ? 834  GLN A CD   1 
ATOM   171  O  OE1  . GLN A 1 13 ? 6.18692   -5.56116  8.68741   1.000 33.62905 ? 834  GLN A OE1  1 
ATOM   172  N  NE2  . GLN A 1 13 ? 6.15677   -7.81983  8.70266   1.000 38.40487 ? 834  GLN A NE2  1 
ATOM   173  H  H    . GLN A 1 13 ? 5.13839   -7.79134  4.41551   1.000 29.20688 ? 834  GLN A H    1 
ATOM   174  H  HA   . GLN A 1 13 ? 4.57707   -5.84913  6.22503   1.000 31.53595 ? 834  GLN A HA   1 
ATOM   175  H  HB2  . GLN A 1 13 ? 6.89958   -6.36997  4.73895   1.000 40.49995 ? 834  GLN A HB2  1 
ATOM   176  H  HB3  . GLN A 1 13 ? 6.72776   -5.04769  5.60353   1.000 40.49995 ? 834  GLN A HB3  1 
ATOM   177  H  HG2  . GLN A 1 13 ? 7.26701   -7.64527  6.54632   1.000 39.97758 ? 834  GLN A HG2  1 
ATOM   178  H  HG3  . GLN A 1 13 ? 8.04424   -6.30552  6.90182   1.000 39.97758 ? 834  GLN A HG3  1 
ATOM   179  H  HE21 . GLN A 1 13 ? 6.38467   -8.55193  8.31318   1.000 46.08584 ? 834  GLN A HE21 1 
ATOM   180  H  HE22 . GLN A 1 13 ? 5.74983   -7.84425  9.45990   1.000 46.08584 ? 834  GLN A HE22 1 
ATOM   181  N  N    . CYS A 1 14 ? 4.43940   -3.80908  4.72356   1.000 22.28446 ? 835  CYS A N    1 
ATOM   182  C  CA   . CYS A 1 14 ? 4.08589   -2.74769  3.79053   1.000 21.67294 ? 835  CYS A CA   1 
ATOM   183  C  C    . CYS A 1 14 ? 5.24940   -2.41765  2.86345   1.000 21.83155 ? 835  CYS A C    1 
ATOM   184  O  O    . CYS A 1 14 ? 6.39971   -2.28598  3.29404   1.000 25.57884 ? 835  CYS A O    1 
ATOM   185  C  CB   . CYS A 1 14 ? 3.68223   -1.47806  4.53489   1.000 27.38133 ? 835  CYS A CB   1 
ATOM   186  S  SG   . CYS A 1 14 ? 3.38289   0.00551   3.46817   1.000 21.71192 ? 835  CYS A SG   1 
ATOM   187  H  H    . CYS A 1 14 ? 4.63464   -3.53964  5.51658   1.000 26.74136 ? 835  CYS A H    1 
ATOM   188  H  HA   . CYS A 1 14 ? 3.33581   -3.05427  3.25734   1.000 26.00753 ? 835  CYS A HA   1 
ATOM   189  H  HB2  . CYS A 1 14 ? 2.86124   -1.65621  5.01978   1.000 32.85760 ? 835  CYS A HB2  1 
ATOM   190  H  HB3  . CYS A 1 14 ? 4.39144   -1.24954  5.15594   1.000 32.85760 ? 835  CYS A HB3  1 
ATOM   191  N  N    . LEU A 1 15 ? 4.94447   -2.26510  1.58111   1.000 20.18312 ? 836  LEU A N    1 
ATOM   192  C  CA   . LEU A 1 15 ? 6.01346   -2.02292  0.61717   1.000 20.66010 ? 836  LEU A CA   1 
ATOM   193  C  C    . LEU A 1 15 ? 6.68222   -0.66549  0.77452   1.000 26.18259 ? 836  LEU A C    1 
ATOM   194  O  O    . LEU A 1 15 ? 7.75599   -0.45139  0.20122   1.000 24.92500 ? 836  LEU A O    1 
ATOM   195  C  CB   . LEU A 1 15 ? 5.46349   -2.17172  -0.78304  1.000 21.44089 ? 836  LEU A CB   1 
ATOM   196  C  CG   . LEU A 1 15 ? 5.12043   -3.59847  -1.21557  1.000 20.90319 ? 836  LEU A CG   1 
ATOM   197  C  CD1  . LEU A 1 15 ? 4.57462   -3.63283  -2.61060  1.000 20.79367 ? 836  LEU A CD1  1 
ATOM   198  C  CD2  . LEU A 1 15 ? 6.35045   -4.52039  -1.12537  1.000 29.73227 ? 836  LEU A CD2  1 
ATOM   199  H  H    . LEU A 1 15 ? 4.15067   -2.29618  1.25171   1.000 24.21974 ? 836  LEU A H    1 
ATOM   200  H  HA   . LEU A 1 15 ? 6.70608   -2.68906  0.74921   1.000 24.79213 ? 836  LEU A HA   1 
ATOM   201  H  HB2  . LEU A 1 15 ? 4.64949   -1.64797  -0.84629  1.000 25.72907 ? 836  LEU A HB2  1 
ATOM   202  H  HB3  . LEU A 1 15 ? 6.12517   -1.83304  -1.40623  1.000 25.72907 ? 836  LEU A HB3  1 
ATOM   203  H  HG   . LEU A 1 15 ? 4.43844   -3.92908  -0.61019  1.000 25.08383 ? 836  LEU A HG   1 
ATOM   204  H  HD11 . LEU A 1 15 ? 4.30931   -4.54119  -2.82363  1.000 24.95240 ? 836  LEU A HD11 1 
ATOM   205  H  HD12 . LEU A 1 15 ? 3.80655   -3.04279  -2.66382  1.000 24.95240 ? 836  LEU A HD12 1 
ATOM   206  H  HD13 . LEU A 1 15 ? 5.26289   -3.33622  -3.22640  1.000 24.95240 ? 836  LEU A HD13 1 
ATOM   207  H  HD21 . LEU A 1 15 ? 6.19519   -5.30826  -1.66948  1.000 35.67872 ? 836  LEU A HD21 1 
ATOM   208  H  HD22 . LEU A 1 15 ? 7.12860   -4.04154  -1.45110  1.000 35.67872 ? 836  LEU A HD22 1 
ATOM   209  H  HD23 . LEU A 1 15 ? 6.48440   -4.77861  -0.20001  1.000 35.67872 ? 836  LEU A HD23 1 
ATOM   210  N  N    . TYR A 1 16 ? 6.10018   0.25218   1.52733   1.000 24.81418 ? 837  TYR A N    1 
ATOM   211  C  CA   . TYR A 1 16 ? 6.77605   1.52486   1.74381   1.000 23.04654 ? 837  TYR A CA   1 
ATOM   212  C  C    . TYR A 1 16 ? 8.09411   1.34303   2.48468   1.000 29.76454 ? 837  TYR A C    1 
ATOM   213  O  O    . TYR A 1 16 ? 8.99897   2.18199   2.35087   1.000 28.50539 ? 837  TYR A O    1 
ATOM   214  C  CB   . TYR A 1 16 ? 5.84217   2.45387   2.50462   1.000 25.94783 ? 837  TYR A CB   1 
ATOM   215  C  CG   . TYR A 1 16 ? 6.33401   3.86643   2.59345   1.000 24.23331 ? 837  TYR A CG   1 
ATOM   216  C  CD1  . TYR A 1 16 ? 6.17137   4.73795   1.53330   1.000 28.44428 ? 837  TYR A CD1  1 
ATOM   217  C  CD2  . TYR A 1 16 ? 6.94250   4.32229   3.74118   1.000 30.41734 ? 837  TYR A CD2  1 
ATOM   218  C  CE1  . TYR A 1 16 ? 6.60850   6.02493   1.61332   1.000 28.85600 ? 837  TYR A CE1  1 
ATOM   219  C  CE2  . TYR A 1 16 ? 7.37839   5.62643   3.83849   1.000 31.38659 ? 837  TYR A CE2  1 
ATOM   220  C  CZ   . TYR A 1 16 ? 7.21398   6.46750   2.76198   1.000 33.27362 ? 837  TYR A CZ   1 
ATOM   221  O  OH   . TYR A 1 16 ? 7.64643   7.78226   2.83895   1.000 38.70998 ? 837  TYR A OH   1 
ATOM   222  H  H    . TYR A 1 16 ? 5.33677   0.16878   1.91443   1.000 29.77702 ? 837  TYR A H    1 
ATOM   223  H  HA   . TYR A 1 16 ? 6.98388   1.94382   0.89400   1.000 27.65584 ? 837  TYR A HA   1 
ATOM   224  H  HB2  . TYR A 1 16 ? 4.98249   2.46767   2.05556   1.000 31.13739 ? 837  TYR A HB2  1 
ATOM   225  H  HB3  . TYR A 1 16 ? 5.73864   2.11926   3.40916   1.000 31.13739 ? 837  TYR A HB3  1 
ATOM   226  H  HD1  . TYR A 1 16 ? 5.75783   4.44141   0.75487   1.000 34.13314 ? 837  TYR A HD1  1 
ATOM   227  H  HD2  . TYR A 1 16 ? 7.06088   3.74349   4.45943   1.000 36.50080 ? 837  TYR A HD2  1 
ATOM   228  H  HE1  . TYR A 1 16 ? 6.49708   6.60158   0.89224   1.000 34.62720 ? 837  TYR A HE1  1 
ATOM   229  H  HE2  . TYR A 1 16 ? 7.77774   5.93332   4.62031   1.000 37.66390 ? 837  TYR A HE2  1 
ATOM   230  H  HH   . TYR A 1 16 ? 8.03325   7.91498   3.57268   1.000 46.45198 ? 837  TYR A HH   1 
ATOM   231  N  N    . LYS A 1 17 ? 8.22852   0.26428   3.25285   1.000 25.42478 ? 838  LYS A N    1 
ATOM   232  C  CA   . LYS A 1 17 ? 9.44258   0.02354   4.02987   1.000 29.83459 ? 838  LYS A CA   1 
ATOM   233  C  C    . LYS A 1 17 ? 10.63437  -0.28263  3.14479   1.000 36.05431 ? 838  LYS A C    1 
ATOM   234  O  O    . LYS A 1 17 ? 11.77695  -0.29590  3.63023   1.000 34.77124 ? 838  LYS A O    1 
ATOM   235  C  CB   . LYS A 1 17 ? 9.24347   -1.13892  4.99935   1.000 31.03506 ? 838  LYS A CB   1 
ATOM   236  C  CG   . LYS A 1 17 ? 8.24521   -0.88124  6.10691   1.000 31.82506 ? 838  LYS A CG   1 
ATOM   237  C  CD   . LYS A 1 17 ? 8.65508   0.23937   7.04875   1.000 33.68274 ? 838  LYS A CD   1 
ATOM   238  C  CE   . LYS A 1 17 ? 7.59520   0.32004   8.13899   1.000 39.55316 ? 838  LYS A CE   1 
ATOM   239  N  NZ   . LYS A 1 17 ? 7.95000   1.17456   9.29816   1.000 45.57641 ? 838  LYS A NZ   1 
ATOM   240  H  H    . LYS A 1 17 ? 7.62934   -0.34613  3.34216   1.000 30.50974 ? 838  LYS A H    1 
ATOM   241  H  HA   . LYS A 1 17 ? 9.62901   0.81908   4.55262   1.000 35.80150 ? 838  LYS A HA   1 
ATOM   242  H  HB2  . LYS A 1 17 ? 8.92966   -1.90737  4.49744   1.000 37.24208 ? 838  LYS A HB2  1 
ATOM   243  H  HB3  . LYS A 1 17 ? 10.09564  -1.34061  5.41650   1.000 37.24208 ? 838  LYS A HB3  1 
ATOM   244  H  HG2  . LYS A 1 17 ? 7.39388   -0.63801  5.71073   1.000 38.19007 ? 838  LYS A HG2  1 
ATOM   245  H  HG3  . LYS A 1 17 ? 8.14695   -1.68951  6.63412   1.000 38.19007 ? 838  LYS A HG3  1 
ATOM   246  H  HD2  . LYS A 1 17 ? 9.51670   0.04526   7.44977   1.000 40.41929 ? 838  LYS A HD2  1 
ATOM   247  H  HD3  . LYS A 1 17 ? 8.69341   1.08360   6.57259   1.000 40.41929 ? 838  LYS A HD3  1 
ATOM   248  H  HE2  . LYS A 1 17 ? 6.78226   0.68030   7.75138   1.000 47.46379 ? 838  LYS A HE2  1 
ATOM   249  H  HE3  . LYS A 1 17 ? 7.43335   -0.57457  8.47718   1.000 47.46379 ? 838  LYS A HE3  1 
ATOM   250  H  HZ1  . LYS A 1 17 ? 7.27391   1.19918   9.87642   1.000 54.69170 ? 838  LYS A HZ1  1 
ATOM   251  H  HZ2  . LYS A 1 17 ? 8.66914   0.84792   9.70831   1.000 54.69170 ? 838  LYS A HZ2  1 
ATOM   252  H  HZ3  . LYS A 1 17 ? 8.12539   2.00273   9.02343   1.000 54.69170 ? 838  LYS A HZ3  1 
ATOM   253  N  N    . ILE A 1 18 ? 10.40495  -0.58807  1.87547   1.000 27.77419 ? 839  ILE A N    1 
ATOM   254  C  CA   . ILE A 1 18 ? 11.51265  -0.74510  0.94007   1.000 29.46495 ? 839  ILE A CA   1 
ATOM   255  C  C    . ILE A 1 18 ? 11.47640  0.24687   -0.21015  1.000 30.81976 ? 839  ILE A C    1 
ATOM   256  O  O    . ILE A 1 18 ? 12.48271  0.36981   -0.91337  1.000 31.67198 ? 839  ILE A O    1 
ATOM   257  C  CB   . ILE A 1 18 ? 11.61156  -2.18975  0.39766   1.000 32.32238 ? 839  ILE A CB   1 
ATOM   258  C  CG1  . ILE A 1 18 ? 10.46130  -2.50434  -0.55094  1.000 32.14245 ? 839  ILE A CG1  1 
ATOM   259  C  CG2  . ILE A 1 18 ? 11.69436  -3.18495  1.57127   1.000 33.86540 ? 839  ILE A CG2  1 
ATOM   260  C  CD1  . ILE A 1 18 ? 10.55303  -3.91542  -1.15759  1.000 34.58801 ? 839  ILE A CD1  1 
ATOM   261  H  H    . ILE A 1 18 ? 9.62500   -0.70858  1.53377   1.000 33.32903 ? 839  ILE A H    1 
ATOM   262  H  HA   . ILE A 1 18 ? 12.33182  -0.57109  1.42956   1.000 35.35794 ? 839  ILE A HA   1 
ATOM   263  H  HB   . ILE A 1 18 ? 12.42529  -2.27375  -0.12357  1.000 38.78686 ? 839  ILE A HB   1 
ATOM   264  H  HG12 . ILE A 1 18 ? 9.62494   -2.44159  -0.06365  1.000 38.57093 ? 839  ILE A HG12 1 
ATOM   265  H  HG13 . ILE A 1 18 ? 10.46964  -1.86398  -1.27948  1.000 38.57093 ? 839  ILE A HG13 1 
ATOM   266  H  HG21 . ILE A 1 18 ? 11.65570  -4.08906  1.22199   1.000 40.63847 ? 839  ILE A HG21 1 
ATOM   267  H  HG22 . ILE A 1 18 ? 12.53081  -3.04807  2.04298   1.000 40.63847 ? 839  ILE A HG22 1 
ATOM   268  H  HG23 . ILE A 1 18 ? 10.94748  -3.02958  2.17037   1.000 40.63847 ? 839  ILE A HG23 1 
ATOM   269  H  HD11 . ILE A 1 18 ? 9.85911   -4.01680  -1.82773  1.000 41.50561 ? 839  ILE A HD11 1 
ATOM   270  H  HD12 . ILE A 1 18 ? 11.42585  -4.02764  -1.56561  1.000 41.50561 ? 839  ILE A HD12 1 
ATOM   271  H  HD13 . ILE A 1 18 ? 10.43061  -4.57068  -0.45292  1.000 41.50561 ? 839  ILE A HD13 1 
ATOM   272  N  N    . SER A 1 19 ? 10.38601  0.99333   -0.41397  1.000 26.76163 ? 840  SER A N    1 
ATOM   273  C  CA   . SER A 1 19 ? 10.33071  1.94089   -1.51769  1.000 29.55883 ? 840  SER A CA   1 
ATOM   274  C  C    . SER A 1 19 ? 10.55010  3.38017   -1.08966  1.000 32.16452 ? 840  SER A C    1 
ATOM   275  O  O    . SER A 1 19 ? 11.06704  4.17655   -1.88005  1.000 31.02755 ? 840  SER A O    1 
ATOM   276  C  CB   . SER A 1 19 ? 8.97456   1.85939   -2.22155  1.000 32.04683 ? 840  SER A CB   1 
ATOM   277  O  OG   . SER A 1 19 ? 7.95308   2.39639   -1.38130  1.000 28.92634 ? 840  SER A OG   1 
ATOM   278  H  H    . SER A 1 19 ? 9.67631   0.96536   0.07095   1.000 32.11396 ? 840  SER A H    1 
ATOM   279  H  HA   . SER A 1 19 ? 11.02344  1.70253   -2.15346  1.000 35.47060 ? 840  SER A HA   1 
ATOM   280  H  HB2  . SER A 1 19 ? 9.01152   2.37075   -3.04498  1.000 38.45620 ? 840  SER A HB2  1 
ATOM   281  H  HB3  . SER A 1 19 ? 8.77176   0.93104   -2.41635  1.000 38.45620 ? 840  SER A HB3  1 
ATOM   282  H  HG   . SER A 1 19 ? 7.91174   3.22998   -1.47621  1.000 34.71161 ? 840  SER A HG   1 
ATOM   283  N  N    . SER A 1 20 ? 10.17725  3.73337   0.14065   1.000 30.31001 ? 841  SER A N    1 
ATOM   284  C  CA   . SER A 1 20 ? 10.06317  5.12782   0.54036   1.000 29.41898 ? 841  SER A CA   1 
ATOM   285  C  C    . SER A 1 20 ? 9.19011   5.81309   -0.50394  1.000 33.73091 ? 841  SER A C    1 
ATOM   286  O  O    . SER A 1 20 ? 8.38601   5.14318   -1.18138  1.000 29.29957 ? 841  SER A O    1 
ATOM   287  C  CB   . SER A 1 20 ? 11.45354  5.75743   0.69567   1.000 37.34530 ? 841  SER A CB   1 
ATOM   288  O  OG   . SER A 1 20 ? 11.36047  6.99820   1.37997   1.000 44.32762 ? 841  SER A OG   1 
ATOM   289  H  H    . SER A 1 20 ? 9.98363   3.17574   0.76606   1.000 36.37202 ? 841  SER A H    1 
ATOM   290  H  HA   . SER A 1 20 ? 9.65008   5.23996   1.41081   1.000 35.30277 ? 841  SER A HA   1 
ATOM   291  H  HB2  . SER A 1 20 ? 12.01966  5.15589   1.20417   1.000 44.81436 ? 841  SER A HB2  1 
ATOM   292  H  HB3  . SER A 1 20 ? 11.83437  5.90743   -0.18374  1.000 44.81436 ? 841  SER A HB3  1 
ATOM   293  H  HG   . SER A 1 20 ? 11.64609  7.61832   0.89059   1.000 53.19315 ? 841  SER A HG   1 
ATOM   294  N  N    . TYR A 1 21 ? 9.33053   7.12586   -0.64640  1.000 32.57417 ? 842  TYR A N    1 
ATOM   295  C  CA   . TYR A 1 21 ? 8.56120   7.91877   -1.59587  1.000 33.23074 ? 842  TYR A CA   1 
ATOM   296  C  C    . TYR A 1 21 ? 9.38501   8.29060   -2.82424  1.000 35.06119 ? 842  TYR A C    1 
ATOM   297  O  O    . TYR A 1 21 ? 8.92524   9.07870   -3.66006  1.000 36.59646 ? 842  TYR A O    1 
ATOM   298  C  CB   . TYR A 1 21 ? 8.02362   9.17069   -0.89220  1.000 35.64052 ? 842  TYR A CB   1 
ATOM   299  C  CG   . TYR A 1 21 ? 9.10758   10.04929  -0.28736  1.000 40.21424 ? 842  TYR A CG   1 
ATOM   300  C  CD1  . TYR A 1 21 ? 9.77610   10.99768  -1.06282  1.000 43.47010 ? 842  TYR A CD1  1 
ATOM   301  C  CD2  . TYR A 1 21 ? 9.46473   9.93338   1.05194   1.000 42.05762 ? 842  TYR A CD2  1 
ATOM   302  C  CE1  . TYR A 1 21 ? 10.77091  11.80291  -0.51349  1.000 46.14779 ? 842  TYR A CE1  1 
ATOM   303  C  CE2  . TYR A 1 21 ? 10.46361  10.73764  1.60737   1.000 45.20414 ? 842  TYR A CE2  1 
ATOM   304  C  CZ   . TYR A 1 21 ? 11.10720  11.66467  0.81982   1.000 46.79850 ? 842  TYR A CZ   1 
ATOM   305  O  OH   . TYR A 1 21 ? 12.08600  12.45876  1.37440   1.000 45.58010 ? 842  TYR A OH   1 
ATOM   306  H  H    . TYR A 1 21 ? 9.88529   7.59628   -0.18753  1.000 39.08900 ? 842  TYR A H    1 
ATOM   307  H  HA   . TYR A 1 21 ? 7.79625   7.41012   -1.90734  1.000 39.87689 ? 842  TYR A HA   1 
ATOM   308  H  HB2  . TYR A 1 21 ? 7.53550   9.70546   -1.53770  1.000 42.76862 ? 842  TYR A HB2  1 
ATOM   309  H  HB3  . TYR A 1 21 ? 7.43197   8.89490   -0.17472  1.000 42.76862 ? 842  TYR A HB3  1 
ATOM   310  H  HD1  . TYR A 1 21 ? 9.55377   11.09352  -1.96075  1.000 52.16412 ? 842  TYR A HD1  1 
ATOM   311  H  HD2  . TYR A 1 21 ? 9.03082   9.30918   1.58766   1.000 50.46915 ? 842  TYR A HD2  1 
ATOM   312  H  HE1  . TYR A 1 21 ? 11.20734  12.43143  -1.04207  1.000 55.37734 ? 842  TYR A HE1  1 
ATOM   313  H  HE2  . TYR A 1 21 ? 10.69214  10.64687  2.50428   1.000 54.24496 ? 842  TYR A HE2  1 
ATOM   314  H  HH   . TYR A 1 21 ? 12.13202  12.32230  2.20197   1.000 54.69612 ? 842  TYR A HH   1 
ATOM   315  N  N    . THR A 1 22 ? 10.57481  7.70360   -2.96998  1.000 36.84997 ? 843  THR A N    1 
ATOM   316  C  CA   . THR A 1 22 ? 11.50906  8.04434   -4.03433  1.000 39.97563 ? 843  THR A CA   1 
ATOM   317  C  C    . THR A 1 22 ? 11.65214  6.94758   -5.07486  1.000 38.43966 ? 843  THR A C    1 
ATOM   318  O  O    . THR A 1 22 ? 12.42466  7.10532   -6.02271  1.000 41.67992 ? 843  THR A O    1 
ATOM   319  C  CB   . THR A 1 22 ? 12.88900  8.34845   -3.44194  1.000 41.37515 ? 843  THR A CB   1 
ATOM   320  O  OG1  . THR A 1 22 ? 13.24125  7.32500   -2.50148  1.000 43.32950 ? 843  THR A OG1  1 
ATOM   321  C  CG2  . THR A 1 22 ? 12.87449  9.69467   -2.73032  1.000 47.36165 ? 843  THR A CG2  1 
ATOM   322  H  H    . THR A 1 22 ? 10.86854  7.08713   -2.44722  1.000 44.21996 ? 843  THR A H    1 
ATOM   323  H  HA   . THR A 1 22 ? 11.18257  8.84120   -4.48078  1.000 47.97075 ? 843  THR A HA   1 
ATOM   324  H  HB   . THR A 1 22 ? 13.54851  8.37989   -4.15253  1.000 49.65018 ? 843  THR A HB   1 
ATOM   325  H  HG1  . THR A 1 22 ? 13.99507  7.48784   -2.16858  1.000 51.99540 ? 843  THR A HG1  1 
ATOM   326  H  HG21 . THR A 1 22 ? 13.78259  9.98687   -2.55465  1.000 56.83398 ? 843  THR A HG21 1 
ATOM   327  H  HG22 . THR A 1 22 ? 12.43193  10.35747  -3.28328  1.000 56.83398 ? 843  THR A HG22 1 
ATOM   328  H  HG23 . THR A 1 22 ? 12.39945  9.61956   -1.88795  1.000 56.83398 ? 843  THR A HG23 1 
ATOM   329  N  N    . SER A 1 23 ? 10.96282  5.82234   -4.90506  1.000 33.84935 ? 844  SER A N    1 
ATOM   330  C  CA   . SER A 1 23 ? 10.95928  4.76920   -5.90137  1.000 30.13592 ? 844  SER A CA   1 
ATOM   331  C  C    . SER A 1 23 ? 9.53959   4.25814   -6.04074  1.000 29.21562 ? 844  SER A C    1 
ATOM   332  O  O    . SER A 1 23 ? 8.70690   4.42950   -5.14087  1.000 30.84195 ? 844  SER A O    1 
ATOM   333  C  CB   . SER A 1 23 ? 11.87978  3.60970   -5.53962  1.000 31.07764 ? 844  SER A CB   1 
ATOM   334  O  OG   . SER A 1 23 ? 11.41694  2.98671   -4.36151  1.000 33.52917 ? 844  SER A OG   1 
ATOM   335  H  H    . SER A 1 23 ? 10.48541  5.64822   -4.21125  1.000 40.61922 ? 844  SER A H    1 
ATOM   336  H  HA   . SER A 1 23 ? 11.26504  5.13374   -6.74667  1.000 36.16311 ? 844  SER A HA   1 
ATOM   337  H  HB2  . SER A 1 23 ? 11.88223  2.96436   -6.26379  1.000 37.29317 ? 844  SER A HB2  1 
ATOM   338  H  HB3  . SER A 1 23 ? 12.77737  3.94679   -5.39260  1.000 37.29317 ? 844  SER A HB3  1 
ATOM   339  H  HG   . SER A 1 23 ? 11.98584  2.43315   -4.08670  1.000 40.23501 ? 844  SER A HG   1 
ATOM   340  N  N    . TYR A 1 24 ? 9.28310   3.60919   -7.17014  1.000 26.07691 ? 845  TYR A N    1 
ATOM   341  C  CA   . TYR A 1 24 ? 7.94403   3.15810   -7.53613  1.000 25.19960 ? 845  TYR A CA   1 
ATOM   342  C  C    . TYR A 1 24 ? 8.01843   1.68044   -7.90621  1.000 24.81046 ? 845  TYR A C    1 
ATOM   343  O  O    . TYR A 1 24 ? 7.90868   1.31454   -9.07827  1.000 29.34943 ? 845  TYR A O    1 
ATOM   344  C  CB   . TYR A 1 24 ? 7.37053   3.98292   -8.68973  1.000 26.78081 ? 845  TYR A CB   1 
ATOM   345  C  CG   . TYR A 1 24 ? 7.08230   5.42989   -8.37601  1.000 27.49082 ? 845  TYR A CG   1 
ATOM   346  C  CD1  . TYR A 1 24 ? 5.90359   5.81124   -7.77507  1.000 27.39849 ? 845  TYR A CD1  1 
ATOM   347  C  CD2  . TYR A 1 24 ? 7.96933   6.43189   -8.75042  1.000 30.17278 ? 845  TYR A CD2  1 
ATOM   348  C  CE1  . TYR A 1 24 ? 5.61756   7.12841   -7.51736  1.000 28.07898 ? 845  TYR A CE1  1 
ATOM   349  C  CE2  . TYR A 1 24 ? 7.69894   7.76568   -8.48428  1.000 34.80474 ? 845  TYR A CE2  1 
ATOM   350  C  CZ   . TYR A 1 24 ? 6.51055   8.10537   -7.87080  1.000 34.71549 ? 845  TYR A CZ   1 
ATOM   351  O  OH   . TYR A 1 24 ? 6.19063   9.41655   -7.59388  1.000 39.39136 ? 845  TYR A OH   1 
ATOM   352  H  H    . TYR A 1 24 ? 9.88252   3.41354   -7.75497  1.000 31.29230 ? 845  TYR A H    1 
ATOM   353  H  HA   . TYR A 1 24 ? 7.35335   3.26230   -6.77381  1.000 30.23952 ? 845  TYR A HA   1 
ATOM   354  H  HB2  . TYR A 1 24 ? 8.00749   3.96796   -9.42114  1.000 32.13698 ? 845  TYR A HB2  1 
ATOM   355  H  HB3  . TYR A 1 24 ? 6.53515   3.57663   -8.96895  1.000 32.13698 ? 845  TYR A HB3  1 
ATOM   356  H  HD1  . TYR A 1 24 ? 5.28487   5.15882   -7.53751  1.000 32.87818 ? 845  TYR A HD1  1 
ATOM   357  H  HD2  . TYR A 1 24 ? 8.75814   6.20396   -9.18715  1.000 36.20733 ? 845  TYR A HD2  1 
ATOM   358  H  HE1  . TYR A 1 24 ? 4.81737   7.35789   -7.10271  1.000 33.69477 ? 845  TYR A HE1  1 
ATOM   359  H  HE2  . TYR A 1 24 ? 8.31247   8.42471   -8.71696  1.000 41.76569 ? 845  TYR A HE2  1 
ATOM   360  H  HH   . TYR A 1 24 ? 6.76699   9.92927   -7.92632  1.000 47.26963 ? 845  TYR A HH   1 
ATOM   361  N  N    . PRO A 1 25 ? 8.15232   0.79846   -6.91933  1.000 24.63949 ? 846  PRO A N    1 
ATOM   362  C  CA   . PRO A 1 25 ? 8.15023   -0.64019  -7.22328  1.000 28.81213 ? 846  PRO A CA   1 
ATOM   363  C  C    . PRO A 1 25 ? 6.84837   -1.08906  -7.86696  1.000 26.06922 ? 846  PRO A C    1 
ATOM   364  O  O    . PRO A 1 25 ? 5.78062   -0.51469  -7.66018  1.000 26.33777 ? 846  PRO A O    1 
ATOM   365  C  CB   . PRO A 1 25 ? 8.32079   -1.30431  -5.86270  1.000 30.79047 ? 846  PRO A CB   1 
ATOM   366  C  CG   . PRO A 1 25 ? 8.56889   -0.23132  -4.88445  1.000 32.07948 ? 846  PRO A CG   1 
ATOM   367  C  CD   . PRO A 1 25 ? 8.26138   1.08312   -5.48745  1.000 28.17133 ? 846  PRO A CD   1 
ATOM   368  H  HA   . PRO A 1 25 ? 8.89967   -0.85372  -7.80091  1.000 34.57455 ? 846  PRO A HA   1 
ATOM   369  H  HB2  . PRO A 1 25 ? 7.51088   -1.78828  -5.63745  1.000 36.94856 ? 846  PRO A HB2  1 
ATOM   370  H  HB3  . PRO A 1 25 ? 9.07390   -1.91478  -5.89512  1.000 36.94856 ? 846  PRO A HB3  1 
ATOM   371  H  HG2  . PRO A 1 25 ? 8.00128   -0.37883  -4.11182  1.000 38.49538 ? 846  PRO A HG2  1 
ATOM   372  H  HG3  . PRO A 1 25 ? 9.50200   -0.26142  -4.62120  1.000 38.49538 ? 846  PRO A HG3  1 
ATOM   373  H  HD2  . PRO A 1 25 ? 7.42413   1.43087   -5.14251  1.000 33.80560 ? 846  PRO A HD2  1 
ATOM   374  H  HD3  . PRO A 1 25 ? 8.97802   1.71426   -5.31720  1.000 33.80560 ? 846  PRO A HD3  1 
ATOM   375  N  N    . MET A 1 26 ? 6.93096   -2.18732  -8.59583  1.000 26.22476 ? 847  MET A N    1 
ATOM   376  C  CA   . MET A 1 26 ? 5.79039   -2.72301  -9.32376  1.000 23.20321 ? 847  MET A CA   1 
ATOM   377  C  C    . MET A 1 26 ? 5.12762   -3.83433  -8.53138  1.000 25.76132 ? 847  MET A C    1 
ATOM   378  O  O    . MET A 1 26 ? 5.78019   -4.81843  -8.18394  1.000 26.19699 ? 847  MET A O    1 
ATOM   379  C  CB   . MET A 1 26 ? 6.23769   -3.26685  -10.67640 1.000 26.42320 ? 847  MET A CB   1 
ATOM   380  C  CG   . MET A 1 26 ? 5.26244   -4.24366  -11.30155 1.000 32.99531 ? 847  MET A CG   1 
ATOM   381  S  SD   . MET A 1 26 ? 5.28578   -4.25164  -13.10835 1.000 47.13460 ? 847  MET A SD   1 
ATOM   382  C  CE   . MET A 1 26 ? 5.02922   -2.52636  -13.47233 1.000 42.66565 ? 847  MET A CE   1 
ATOM   383  H  H    . MET A 1 26 ? 7.64977   -2.65049  -8.68748  1.000 31.46971 ? 847  MET A H    1 
ATOM   384  H  HA   . MET A 1 26 ? 5.15027   -2.00554  -9.45173  1.000 27.84386 ? 847  MET A HA   1 
ATOM   385  H  HB2  . MET A 1 26 ? 6.34492   -2.52343  -11.29019 1.000 31.70784 ? 847  MET A HB2  1 
ATOM   386  H  HB3  . MET A 1 26 ? 7.08377   -3.72721  -10.56188 1.000 31.70784 ? 847  MET A HB3  1 
ATOM   387  H  HG2  . MET A 1 26 ? 5.48250   -5.13900  -11.00015 1.000 39.59437 ? 847  MET A HG2  1 
ATOM   388  H  HG3  . MET A 1 26 ? 4.36421   -4.01007  -11.01957 1.000 39.59437 ? 847  MET A HG3  1 
ATOM   389  H  HE1  . MET A 1 26 ? 4.73374   -2.43818  -14.39201 1.000 51.19878 ? 847  MET A HE1  1 
ATOM   390  H  HE2  . MET A 1 26 ? 4.35317   -2.17418  -12.87248 1.000 51.19878 ? 847  MET A HE2  1 
ATOM   391  H  HE3  . MET A 1 26 ? 5.86435   -2.04937  -13.34605 1.000 51.19878 ? 847  MET A HE3  1 
ATOM   392  N  N    . HIS A 1 27 ? 3.83550   -3.69308  -8.26990  1.000 21.97589 ? 848  HIS A N    1 
ATOM   393  C  CA   . HIS A 1 27 ? 3.03498   -4.76430  -7.66098  1.000 21.03113 ? 848  HIS A CA   1 
ATOM   394  C  C    . HIS A 1 27 ? 1.56302   -4.39661  -7.81824  1.000 21.53258 ? 848  HIS A C    1 
ATOM   395  O  O    . HIS A 1 27 ? 1.22013   -3.41586  -8.48228  1.000 20.92561 ? 848  HIS A O    1 
ATOM   396  C  CB   . HIS A 1 27 ? 3.41021   -5.02751  -6.20167  1.000 22.53589 ? 848  HIS A CB   1 
ATOM   397  C  CG   . HIS A 1 27 ? 3.11266   -6.42805  -5.76527  1.000 21.92945 ? 848  HIS A CG   1 
ATOM   398  N  ND1  . HIS A 1 27 ? 2.01733   -6.75453  -5.00227  1.000 22.76285 ? 848  HIS A ND1  1 
ATOM   399  C  CD2  . HIS A 1 27 ? 3.74524   -7.59379  -6.04394  1.000 27.24611 ? 848  HIS A CD2  1 
ATOM   400  C  CE1  . HIS A 1 27 ? 1.98983   -8.06467  -4.81969  1.000 29.62035 ? 848  HIS A CE1  1 
ATOM   401  N  NE2  . HIS A 1 27 ? 3.02192   -8.59724  -5.45490  1.000 29.52995 ? 848  HIS A NE2  1 
ATOM   402  H  H    . HIS A 1 27 ? 3.38751   -2.97806  -8.43614  1.000 26.37107 ? 848  HIS A H    1 
ATOM   403  H  HA   . HIS A 1 27 ? 3.20980   -5.57818  -8.15890  1.000 25.23736 ? 848  HIS A HA   1 
ATOM   404  H  HB2  . HIS A 1 27 ? 4.36134   -4.87440  -6.08856  1.000 27.04307 ? 848  HIS A HB2  1 
ATOM   405  H  HB3  . HIS A 1 27 ? 2.90707   -4.42358  -5.63332  1.000 27.04307 ? 848  HIS A HB3  1 
ATOM   406  H  HD2  . HIS A 1 27 ? 4.52439   -7.69385  -6.54175  1.000 32.69533 ? 848  HIS A HD2  1 
ATOM   407  H  HE1  . HIS A 1 27 ? 1.35337   -8.53212  -4.32845  1.000 35.54443 ? 848  HIS A HE1  1 
ATOM   408  H  HE2  . HIS A 1 27 ? 3.20801   -9.43605  -5.49180  1.000 35.43594 ? 848  HIS A HE2  1 
ATOM   409  N  N    . ASP A 1 28 ? 0.67770   -5.18161  -7.19505  1.000 22.15269 ? 849  ASP A N    1 
ATOM   410  C  CA   . ASP A 1 28 ? -0.74277  -4.87067  -7.24129  1.000 19.99273 ? 849  ASP A CA   1 
ATOM   411  C  C    . ASP A 1 28 ? -1.01713  -3.69059  -6.33522  1.000 20.55154 ? 849  ASP A C    1 
ATOM   412  O  O    . ASP A 1 28 ? -0.55108  -3.67410  -5.20122  1.000 25.56426 ? 849  ASP A O    1 
ATOM   413  C  CB   . ASP A 1 28 ? -1.56178  -6.05530  -6.74865  1.000 22.36257 ? 849  ASP A CB   1 
ATOM   414  C  CG   . ASP A 1 28 ? -1.46698  -7.26646  -7.64421  1.000 26.76091 ? 849  ASP A CG   1 
ATOM   415  O  OD1  . ASP A 1 28 ? -1.26857  -7.10552  -8.85895  1.000 29.90819 ? 849  ASP A OD1  1 
ATOM   416  O  OD2  . ASP A 1 28 ? -1.62065  -8.40223  -7.10876  1.000 30.44606 ? 849  ASP A OD2  1 
ATOM   417  H  H    . ASP A 1 28 ? 0.87656   -5.88817  -6.74690  1.000 26.58322 ? 849  ASP A H    1 
ATOM   418  H  HA   . ASP A 1 28 ? -0.99987  -4.66659  -8.15406  1.000 23.99127 ? 849  ASP A HA   1 
ATOM   419  H  HB2  . ASP A 1 28 ? -1.24424  -6.31136  -5.86859  1.000 26.83508 ? 849  ASP A HB2  1 
ATOM   420  H  HB3  . ASP A 1 28 ? -2.49454  -5.79332  -6.70153  1.000 26.83508 ? 849  ASP A HB3  1 
ATOM   421  N  N    . PHE A 1 29 ? -1.77513  -2.69995  -6.80004  1.000 19.82718 ? 850  PHE A N    1 
ATOM   422  C  CA   . PHE A 1 29 ? -2.19626  -1.68193  -5.85963  1.000 18.19686 ? 850  PHE A CA   1 
ATOM   423  C  C    . PHE A 1 29 ? -3.69040  -1.43907  -5.92883  1.000 19.64078 ? 850  PHE A C    1 
ATOM   424  O  O    . PHE A 1 29 ? -4.37440  -1.76221  -6.89670  1.000 19.00044 ? 850  PHE A O    1 
ATOM   425  C  CB   . PHE A 1 29 ? -1.39246  -0.37390  -6.00949  1.000 19.09778 ? 850  PHE A CB   1 
ATOM   426  C  CG   . PHE A 1 29 ? -1.76343  0.49876   -7.18561  1.000 18.31502 ? 850  PHE A CG   1 
ATOM   427  C  CD1  . PHE A 1 29 ? -2.83234  1.38382   -7.10907  1.000 20.84197 ? 850  PHE A CD1  1 
ATOM   428  C  CD2  . PHE A 1 29 ? -0.99462  0.49306   -8.33737  1.000 20.71121 ? 850  PHE A CD2  1 
ATOM   429  C  CE1  . PHE A 1 29 ? -3.13793  2.22350   -8.17201  1.000 22.73319 ? 850  PHE A CE1  1 
ATOM   430  C  CE2  . PHE A 1 29 ? -1.29679  1.36168   -9.39708  1.000 21.84193 ? 850  PHE A CE2  1 
ATOM   431  C  CZ   . PHE A 1 29 ? -2.34502  2.19863   -9.31438  1.000 21.15311 ? 850  PHE A CZ   1 
ATOM   432  H  H    . PHE A 1 29 ? -2.04044  -2.60679  -7.61277  1.000 23.79262 ? 850  PHE A H    1 
ATOM   433  H  HA   . PHE A 1 29 ? -2.03059  -2.01057  -4.96216  1.000 21.83623 ? 850  PHE A HA   1 
ATOM   434  H  HB2  . PHE A 1 29 ? -1.52250  0.15569   -5.20730  1.000 22.91734 ? 850  PHE A HB2  1 
ATOM   435  H  HB3  . PHE A 1 29 ? -0.45507  -0.60336  -6.10721  1.000 22.91734 ? 850  PHE A HB3  1 
ATOM   436  H  HD1  . PHE A 1 29 ? -3.34923  1.41405   -6.33653  1.000 25.01037 ? 850  PHE A HD1  1 
ATOM   437  H  HD2  . PHE A 1 29 ? -0.27367  -0.09004  -8.40893  1.000 24.85345 ? 850  PHE A HD2  1 
ATOM   438  H  HE1  . PHE A 1 29 ? -3.86730  2.79816   -8.12040  1.000 27.27983 ? 850  PHE A HE1  1 
ATOM   439  H  HE2  . PHE A 1 29 ? -0.76796  1.35819   -10.16209 1.000 26.21032 ? 850  PHE A HE2  1 
ATOM   440  H  HZ   . PHE A 1 29 ? -2.54144  2.76479   -10.02556 1.000 25.38373 ? 850  PHE A HZ   1 
ATOM   441  N  N    . TYR A 1 30 ? -4.18371  -0.98873  -4.79672  1.000 18.80902 ? 851  TYR A N    1 
ATOM   442  C  CA   . TYR A 1 30 ? -5.57661  -0.83041  -4.49588  1.000 17.97907 ? 851  TYR A CA   1 
ATOM   443  C  C    . TYR A 1 30 ? -5.83760  0.61156   -4.10631  1.000 18.96802 ? 851  TYR A C    1 
ATOM   444  O  O    . TYR A 1 30 ? -4.93124  1.38937   -3.79675  1.000 20.85691 ? 851  TYR A O    1 
ATOM   445  C  CB   . TYR A 1 30 ? -5.97197  -1.77620  -3.33194  1.000 19.61194 ? 851  TYR A CB   1 
ATOM   446  C  CG   . TYR A 1 30 ? -5.74915  -3.24440  -3.62732  1.000 17.92921 ? 851  TYR A CG   1 
ATOM   447  C  CD1  . TYR A 1 30 ? -4.47063  -3.79059  -3.63914  1.000 19.62351 ? 851  TYR A CD1  1 
ATOM   448  C  CD2  . TYR A 1 30 ? -6.83309  -4.08647  -3.94112  1.000 23.73672 ? 851  TYR A CD2  1 
ATOM   449  C  CE1  . TYR A 1 30 ? -4.26093  -5.13499  -3.95730  1.000 21.04428 ? 851  TYR A CE1  1 
ATOM   450  C  CE2  . TYR A 1 30 ? -6.61845  -5.45301  -4.27642  1.000 24.18084 ? 851  TYR A CE2  1 
ATOM   451  C  CZ   . TYR A 1 30 ? -5.34453  -5.95951  -4.25709  1.000 26.47815 ? 851  TYR A CZ   1 
ATOM   452  O  OH   . TYR A 1 30 ? -5.13538  -7.29727  -4.57751  1.000 33.62606 ? 851  TYR A OH   1 
ATOM   453  H  H    . TYR A 1 30 ? -3.68646  -0.75024  -4.13681  1.000 22.57083 ? 851  TYR A H    1 
ATOM   454  H  HA   . TYR A 1 30 ? -6.11831  -1.04176  -5.27228  1.000 21.57489 ? 851  TYR A HA   1 
ATOM   455  H  HB2  . TYR A 1 30 ? -5.44139  -1.54839  -2.55253  1.000 23.53433 ? 851  TYR A HB2  1 
ATOM   456  H  HB3  . TYR A 1 30 ? -6.91467  -1.65403  -3.13880  1.000 23.53433 ? 851  TYR A HB3  1 
ATOM   457  H  HD1  . TYR A 1 30 ? -3.74184  -3.25145  -3.43153  1.000 23.54822 ? 851  TYR A HD1  1 
ATOM   458  H  HD2  . TYR A 1 30 ? -7.69851  -3.74616  -3.92918  1.000 28.48407 ? 851  TYR A HD2  1 
ATOM   459  H  HE1  . TYR A 1 30 ? -3.39745  -5.48020  -3.96910  1.000 25.25314 ? 851  TYR A HE1  1 
ATOM   460  H  HE2  . TYR A 1 30 ? -7.33622  -5.99771  -4.50666  1.000 29.01701 ? 851  TYR A HE2  1 
ATOM   461  H  HH   . TYR A 1 30 ? -5.82896  -7.62184  -4.92277  1.000 40.35127 ? 851  TYR A HH   1 
ATOM   462  N  N    . ARG A 1 31 ? -7.10817  0.93662   -4.05917  1.000 19.78734 ? 852  ARG A N    1 
ATOM   463  C  CA   . ARG A 1 31 ? -7.57350  2.25858   -3.69255  1.000 18.68385 ? 852  ARG A CA   1 
ATOM   464  C  C    . ARG A 1 31 ? -8.57840  2.09883   -2.57229  1.000 22.32609 ? 852  ARG A C    1 
ATOM   465  O  O    . ARG A 1 31 ? -9.39467  1.17920   -2.60581  1.000 20.98283 ? 852  ARG A O    1 
ATOM   466  C  CB   . ARG A 1 31 ? -8.22606  2.91294   -4.88396  1.000 21.53038 ? 852  ARG A CB   1 
ATOM   467  C  CG   . ARG A 1 31 ? -8.68034  4.31846   -4.70994  1.000 24.93121 ? 852  ARG A CG   1 
ATOM   468  C  CD   . ARG A 1 31 ? -8.61934  5.06924   -6.05948  1.000 28.09440 ? 852  ARG A CD   1 
ATOM   469  N  NE   . ARG A 1 31 ? -7.23059  5.26620   -6.41872  1.000 28.84881 ? 852  ARG A NE   1 
ATOM   470  C  CZ   . ARG A 1 31 ? -6.72265  5.28171   -7.64552  1.000 26.35198 ? 852  ARG A CZ   1 
ATOM   471  N  NH1  . ARG A 1 31 ? -7.49302  5.24225   -8.72830  1.000 31.26408 ? 852  ARG A NH1  1 
ATOM   472  N  NH2  . ARG A 1 31 ? -5.40680  5.33123   -7.78534  1.000 28.08711 ? 852  ARG A NH2  1 
ATOM   473  H  H    . ARG A 1 31 ? -7.74678  0.39028   -4.24160  1.000 23.74481 ? 852  ARG A H    1 
ATOM   474  H  HA   . ARG A 1 31 ? -6.84837  2.82446   -3.38454  1.000 22.42062 ? 852  ARG A HA   1 
ATOM   475  H  HB2  . ARG A 1 31 ? -7.58838  2.90973   -5.61489  1.000 25.83645 ? 852  ARG A HB2  1 
ATOM   476  H  HB3  . ARG A 1 31 ? -9.00738  2.39018   -5.12304  1.000 25.83645 ? 852  ARG A HB3  1 
ATOM   477  H  HG2  . ARG A 1 31 ? -9.59615  4.32823   -4.39038  1.000 29.91745 ? 852  ARG A HG2  1 
ATOM   478  H  HG3  . ARG A 1 31 ? -8.10292  4.77194   -4.07603  1.000 29.91745 ? 852  ARG A HG3  1 
ATOM   479  H  HD2  . ARG A 1 31 ? -9.05403  4.54534   -6.75047  1.000 33.71328 ? 852  ARG A HD2  1 
ATOM   480  H  HD3  . ARG A 1 31 ? -9.05111  5.93399   -5.97779  1.000 33.71328 ? 852  ARG A HD3  1 
ATOM   481  H  HE   . ARG A 1 31 ? -6.67775  5.38543   -5.77083  1.000 34.61858 ? 852  ARG A HE   1 
ATOM   482  H  HH11 . ARG A 1 31 ? -8.34832  5.20540   -8.64639  1.000 37.51689 ? 852  ARG A HH11 1 
ATOM   483  H  HH12 . ARG A 1 31 ? -7.13606  5.25359   -9.51064  1.000 37.51689 ? 852  ARG A HH12 1 
ATOM   484  H  HH21 . ARG A 1 31 ? -4.90101  5.35257   -7.09013  1.000 33.70454 ? 852  ARG A HH21 1 
ATOM   485  H  HH22 . ARG A 1 31 ? -5.05801  5.34205   -8.57136  1.000 33.70454 ? 852  ARG A HH22 1 
ATOM   486  N  N    . CYS A 1 32 ? -8.52272  2.97960   -1.57833  1.000 19.20712 ? 853  CYS A N    1 
ATOM   487  C  CA   . CYS A 1 32 ? -9.51950  2.99075   -0.51602  1.000 18.70387 ? 853  CYS A CA   1 
ATOM   488  C  C    . CYS A 1 32 ? -10.31434 4.28101   -0.63410  1.000 23.74671 ? 853  CYS A C    1 
ATOM   489  O  O    . CYS A 1 32 ? -9.75766  5.37809   -0.52066  1.000 22.75502 ? 853  CYS A O    1 
ATOM   490  C  CB   . CYS A 1 32 ? -8.91027  2.84244   0.86576   1.000 19.60702 ? 853  CYS A CB   1 
ATOM   491  S  SG   . CYS A 1 32 ? -10.25158 2.84861   2.10670   1.000 20.56096 ? 853  CYS A SG   1 
ATOM   492  H  H    . CYS A 1 32 ? -7.91415  3.58204   -1.49881  1.000 23.04855 ? 853  CYS A H    1 
ATOM   493  H  HA   . CYS A 1 32 ? -10.11602 2.23480   -0.63270  1.000 22.44464 ? 853  CYS A HA   1 
ATOM   494  H  HB2  . CYS A 1 32 ? -8.42729  2.00337   0.92560   1.000 23.52843 ? 853  CYS A HB2  1 
ATOM   495  H  HB3  . CYS A 1 32 ? -8.31065  3.58383   1.04381   1.000 23.52843 ? 853  CYS A HB3  1 
ATOM   496  N  N    . HIS A 1 33 ? -11.61644 4.13457   -0.88925  1.000 23.36921 ? 854  HIS A N    1 
ATOM   497  C  CA   . HIS A 1 33 ? -12.52335 5.27111   -0.98666  1.000 26.70761 ? 854  HIS A CA   1 
ATOM   498  C  C    . HIS A 1 33 ? -12.99083 5.76521   0.36565   1.000 27.46138 ? 854  HIS A C    1 
ATOM   499  O  O    . HIS A 1 33 ? -13.46738 6.90381   0.47531   1.000 32.72619 ? 854  HIS A O    1 
ATOM   500  C  CB   . HIS A 1 33 ? -13.73488 4.87221   -1.81550  1.000 27.95861 ? 854  HIS A CB   1 
ATOM   501  C  CG   . HIS A 1 33 ? -13.37974 4.41948   -3.18539  1.000 33.19542 ? 854  HIS A CG   1 
ATOM   502  N  ND1  . HIS A 1 33 ? -12.75339 5.24860   -4.08884  1.000 32.50517 ? 854  HIS A ND1  1 
ATOM   503  C  CD2  . HIS A 1 33 ? -13.51134 3.21892   -3.79611  1.000 36.03215 ? 854  HIS A CD2  1 
ATOM   504  C  CE1  . HIS A 1 33 ? -12.53915 4.58551   -5.20972  1.000 38.92594 ? 854  HIS A CE1  1 
ATOM   505  N  NE2  . HIS A 1 33 ? -12.99145 3.35296   -5.05947  1.000 38.84655 ? 854  HIS A NE2  1 
ATOM   506  H  H    . HIS A 1 33 ? -12.00181 3.37547   -1.01116  1.000 28.04305 ? 854  HIS A H    1 
ATOM   507  H  HA   . HIS A 1 33 ? -12.06543 6.00370   -1.42772  1.000 32.04914 ? 854  HIS A HA   1 
ATOM   508  H  HB2  . HIS A 1 33 ? -14.19489 4.14379   -1.36975  1.000 33.55033 ? 854  HIS A HB2  1 
ATOM   509  H  HB3  . HIS A 1 33 ? -14.32575 5.63713   -1.89720  1.000 33.55033 ? 854  HIS A HB3  1 
ATOM   510  H  HD2  . HIS A 1 33 ? -13.88330 2.44938   -3.42953  1.000 43.23858 ? 854  HIS A HD2  1 
ATOM   511  H  HE1  . HIS A 1 33 ? -12.13779 4.92777   -5.97567  1.000 46.71113 ? 854  HIS A HE1  1 
ATOM   512  H  HE2  . HIS A 1 33 ? -12.96445 2.73473   -5.65667  1.000 46.61586 ? 854  HIS A HE2  1 
ATOM   513  N  N    . THR A 1 34 ? -12.90992 4.92107   1.38369   1.000 22.28049 ? 855  THR A N    1 
ATOM   514  C  CA   . THR A 1 34 ? -13.28808 5.33225   2.72382   1.000 26.51908 ? 855  THR A CA   1 
ATOM   515  C  C    . THR A 1 34 ? -12.29346 6.32516   3.30035   1.000 29.08811 ? 855  THR A C    1 
ATOM   516  O  O    . THR A 1 34 ? -12.67702 7.22699   4.04872   1.000 30.47091 ? 855  THR A O    1 
ATOM   517  C  CB   . THR A 1 34 ? -13.36660 4.11040   3.61530   1.000 24.71306 ? 855  THR A CB   1 
ATOM   518  O  OG1  . THR A 1 34 ? -14.30050 3.17009   3.06698   1.000 27.39273 ? 855  THR A OG1  1 
ATOM   519  C  CG2  . THR A 1 34 ? -13.80501 4.50802   4.99562   1.000 28.80463 ? 855  THR A CG2  1 
ATOM   520  H  H    . THR A 1 34 ? -12.63990 4.10664   1.32541   1.000 26.73659 ? 855  THR A H    1 
ATOM   521  H  HA   . THR A 1 34 ? -14.15795 5.76008   2.68918   1.000 31.82290 ? 855  THR A HA   1 
ATOM   522  H  HB   . THR A 1 34 ? -12.49389 3.69133   3.67586   1.000 29.65568 ? 855  THR A HB   1 
ATOM   523  H  HG1  . THR A 1 34 ? -14.49672 2.59093   3.64290   1.000 32.87127 ? 855  THR A HG1  1 
ATOM   524  H  HG21 . THR A 1 34 ? -14.13831 3.73282   5.47404   1.000 34.56555 ? 855  THR A HG21 1 
ATOM   525  H  HG22 . THR A 1 34 ? -13.05694 4.88303   5.48617   1.000 34.56555 ? 855  THR A HG22 1 
ATOM   526  H  HG23 . THR A 1 34 ? -14.51035 5.17170   4.94139   1.000 34.56555 ? 855  THR A HG23 1 
ATOM   527  N  N    . CYS A 1 35 ? -11.00824 6.15552   2.98638   1.000 27.90125 ? 856  CYS A N    1 
ATOM   528  C  CA   . CYS A 1 35 ? -9.92141  6.92749   3.56919   1.000 31.08181 ? 856  CYS A CA   1 
ATOM   529  C  C    . CYS A 1 35 ? -9.44579  8.02933   2.63729   1.000 39.72227 ? 856  CYS A C    1 
ATOM   530  O  O    . CYS A 1 35 ? -8.29950  8.48016   2.75921   1.000 45.09224 ? 856  CYS A O    1 
ATOM   531  C  CB   . CYS A 1 35 ? -8.74093  6.01148   3.91912   1.000 33.32610 ? 856  CYS A CB   1 
ATOM   532  S  SG   . CYS A 1 35 ? -8.98653  4.84665   5.23553   1.000 30.22428 ? 856  CYS A SG   1 
ATOM   533  H  H    . CYS A 1 35 ? -10.73435 5.57450   2.41453   1.000 33.48150 ? 856  CYS A H    1 
ATOM   534  H  HA   . CYS A 1 35 ? -10.24333 7.33203   4.38993   1.000 37.29817 ? 856  CYS A HA   1 
ATOM   535  H  HB2  . CYS A 1 35 ? -8.51538  5.49882   3.12715   1.000 39.99132 ? 856  CYS A HB2  1 
ATOM   536  H  HB3  . CYS A 1 35 ? -7.99253  6.57295   4.17514   1.000 39.99132 ? 856  CYS A HB3  1 
ATOM   537  N  N    . ASN A 1 36 ? -10.30506 8.46571   1.70877   1.000 44.23106 ? 857  ASN A N    1 
ATOM   538  C  CA   . ASN A 1 36 ? -9.91061  9.35007   0.60634   1.000 50.69905 ? 857  ASN A CA   1 
ATOM   539  C  C    . ASN A 1 36 ? -9.75927  10.78247  1.10482   1.000 56.44376 ? 857  ASN A C    1 
ATOM   540  O  O    . ASN A 1 36 ? -10.64109 11.63505  0.97347   1.000 59.77469 ? 857  ASN A O    1 
ATOM   541  C  CB   . ASN A 1 36 ? -10.91411 9.30212   -0.54229  1.000 52.22262 ? 857  ASN A CB   1 
ATOM   542  C  CG   . ASN A 1 36 ? -10.46173 8.40807   -1.67956  1.000 54.45259 ? 857  ASN A CG   1 
ATOM   543  O  OD1  . ASN A 1 36 ? -9.27223  8.13274   -1.83164  1.000 59.33412 ? 857  ASN A OD1  1 
ATOM   544  N  ND2  . ASN A 1 36 ? -11.40449 8.00520   -2.52875  1.000 54.89715 ? 857  ASN A ND2  1 
ATOM   545  H  H    . ASN A 1 36 ? -11.13969 8.25875   1.69591   1.000 53.07727 ? 857  ASN A H    1 
ATOM   546  H  HA   . ASN A 1 36 ? -9.04767  9.03507   0.29485   1.000 60.83886 ? 857  ASN A HA   1 
ATOM   547  H  HB2  . ASN A 1 36 ? -11.75883 8.96029   -0.20990  1.000 62.66715 ? 857  ASN A HB2  1 
ATOM   548  H  HB3  . ASN A 1 36 ? -11.03425 10.19787  -0.89459  1.000 62.66715 ? 857  ASN A HB3  1 
ATOM   549  H  HD21 . ASN A 1 36 ? -11.19803 7.49653   -3.19074  1.000 65.87659 ? 857  ASN A HD21 1 
ATOM   550  H  HD22 . ASN A 1 36 ? -12.21998 8.25360   -2.41534  1.000 65.87659 ? 857  ASN A HD22 1 
ATOM   551  N  N    . THR A 1 37 ? -8.59456  11.04473  1.66348   1.000 59.68887 ? 858  THR A N    1 
ATOM   552  C  CA   . THR A 1 37 ? -8.11559  12.39928  1.87172   1.000 60.93793 ? 858  THR A CA   1 
ATOM   553  C  C    . THR A 1 37 ? -7.27737  12.84562  0.68592   1.000 63.84711 ? 858  THR A C    1 
ATOM   554  O  O    . THR A 1 37 ? -7.41668  13.97643  0.20406   1.000 65.44845 ? 858  THR A O    1 
ATOM   555  C  CB   . THR A 1 37 ? -7.30670  12.43264  3.15885   1.000 59.65046 ? 858  THR A CB   1 
ATOM   556  O  OG1  . THR A 1 37 ? -6.18517  11.54665  3.04458   1.000 59.59426 ? 858  THR A OG1  1 
ATOM   557  C  CG2  . THR A 1 37 ? -8.18592  11.93733  4.31773   1.000 54.73139 ? 858  THR A CG2  1 
ATOM   558  H  H    . THR A 1 37 ? -8.04687  10.44150  1.93871   1.000 71.62665 ? 858  THR A H    1 
ATOM   559  H  HA   . THR A 1 37 ? -8.84874  13.02623  1.97330   1.000 73.12552 ? 858  THR A HA   1 
ATOM   560  H  HB   . THR A 1 37 ? -6.99793  13.33556  3.33294   1.000 71.58055 ? 858  THR A HB   1 
ATOM   561  H  HG1  . THR A 1 37 ? -6.35616  10.81645  3.42295   1.000 71.51312 ? 858  THR A HG1  1 
ATOM   562  H  HG21 . THR A 1 37 ? -7.66749  11.90443  5.13690   1.000 65.67767 ? 858  THR A HG21 1 
ATOM   563  H  HG22 . THR A 1 37 ? -8.93705  12.53787  4.44445   1.000 65.67767 ? 858  THR A HG22 1 
ATOM   564  H  HG23 . THR A 1 37 ? -8.52269  11.04887  4.12242   1.000 65.67767 ? 858  THR A HG23 1 
ATOM   565  N  N    . THR A 1 38 ? -6.40317  11.95218  0.22502   1.000 67.81173 ? 859  THR A N    1 
ATOM   566  C  CA   . THR A 1 38 ? -5.79419  12.02311  -1.09516  1.000 70.51760 ? 859  THR A CA   1 
ATOM   567  C  C    . THR A 1 38 ? -6.73378  11.34169  -2.08279  1.000 63.21421 ? 859  THR A C    1 
ATOM   568  O  O    . THR A 1 38 ? -7.24152  10.24881  -1.80931  1.000 59.03254 ? 859  THR A O    1 
ATOM   569  C  CB   . THR A 1 38 ? -4.42669  11.33618  -1.10325  1.000 70.52000 ? 859  THR A CB   1 
ATOM   570  O  OG1  . THR A 1 38 ? -4.59105  9.91049   -1.05044  1.000 57.86179 ? 859  THR A OG1  1 
ATOM   571  C  CG2  . THR A 1 38 ? -3.59955  11.77599  0.09724   1.000 64.95079 ? 859  THR A CG2  1 
ATOM   572  H  H    . THR A 1 38 ? -6.13857  11.27068  0.67797   1.000 81.37407 ? 859  THR A H    1 
ATOM   573  H  HA   . THR A 1 38 ? -5.65750  12.94716  -1.35660  1.000 84.62112 ? 859  THR A HA   1 
ATOM   574  H  HB   . THR A 1 38 ? -3.95738  11.58010  -1.91635  1.000 84.62400 ? 859  THR A HB   1 
ATOM   575  H  HG1  . THR A 1 38 ? -4.85969  9.68029   -0.28857  1.000 69.43414 ? 859  THR A HG1  1 
ATOM   576  H  HG21 . THR A 1 38 ? -2.68135  11.48094  -0.00647  1.000 77.94095 ? 859  THR A HG21 1 
ATOM   577  H  HG22 . THR A 1 38 ? -3.61284  12.74293  0.17297   1.000 77.94095 ? 859  THR A HG22 1 
ATOM   578  H  HG23 . THR A 1 38 ? -3.96384  11.39155  0.90991   1.000 77.94095 ? 859  THR A HG23 1 
ATOM   579  N  N    . ASP A 1 39 ? -6.96325  11.97966  -3.22744  1.000 64.14972 ? 860  ASP A N    1 
ATOM   580  C  CA   . ASP A 1 39 ? -8.03340  11.52601  -4.11067  1.000 63.36281 ? 860  ASP A CA   1 
ATOM   581  C  C    . ASP A 1 39 ? -7.70782  10.17293  -4.74898  1.000 59.59649 ? 860  ASP A C    1 
ATOM   582  O  O    . ASP A 1 39 ? -8.43968  9.19453   -4.55139  1.000 56.16906 ? 860  ASP A O    1 
ATOM   583  C  CB   . ASP A 1 39 ? -8.31339  12.60705  -5.15405  1.000 65.53782 ? 860  ASP A CB   1 
ATOM   584  C  CG   . ASP A 1 39 ? -9.02401  13.81327  -4.55351  1.000 79.94925 ? 860  ASP A CG   1 
ATOM   585  O  OD1  . ASP A 1 39 ? -8.43473  14.46947  -3.66492  1.000 79.05192 ? 860  ASP A OD1  1 
ATOM   586  O  OD2  . ASP A 1 39 ? -10.17460 14.09538  -4.95377  1.000 86.99840 ? 860  ASP A OD2  1 
ATOM   587  H  H    . ASP A 1 39 ? -6.52379  12.66271  -3.51013  1.000 76.97966 ? 860  ASP A H    1 
ATOM   588  H  HA   . ASP A 1 39 ? -8.84399  11.39323  -3.59472  1.000 76.03537 ? 860  ASP A HA   1 
ATOM   589  H  HB2  . ASP A 1 39 ? -7.47325  12.90872  -5.53358  1.000 78.64538 ? 860  ASP A HB2  1 
ATOM   590  H  HB3  . ASP A 1 39 ? -8.87883  12.23855  -5.85075  1.000 78.64538 ? 860  ASP A HB3  1 
ATOM   591  N  N    . ARG A 1 40 ? -6.62019  10.08621  -5.51879  1.000 46.87194 ? 861  ARG A N    1 
ATOM   592  C  CA   . ARG A 1 40 ? -6.24092  8.81653   -6.15286  1.000 37.80306 ? 861  ARG A CA   1 
ATOM   593  C  C    . ARG A 1 40 ? -5.11353  8.12481   -5.38368  1.000 34.43807 ? 861  ARG A C    1 
ATOM   594  O  O    . ARG A 1 40 ? -3.98176  8.00451   -5.85416  1.000 31.90262 ? 861  ARG A O    1 
ATOM   595  C  CB   . ARG A 1 40 ? -5.83479  9.04039   -7.61131  1.000 39.43818 ? 861  ARG A CB   1 
ATOM   596  C  CG   . ARG A 1 40 ? -6.88870  9.71139   -8.48081  1.000 47.99662 ? 861  ARG A CG   1 
ATOM   597  C  CD   . ARG A 1 40 ? -6.55016  9.59024   -9.99059  1.000 43.68103 ? 861  ARG A CD   1 
ATOM   598  N  NE   . ARG A 1 40 ? -7.31254  8.51481   -10.61954 1.000 49.16200 ? 861  ARG A NE   1 
ATOM   599  C  CZ   . ARG A 1 40 ? -8.63931  8.46815   -10.66919 1.000 53.99895 ? 861  ARG A CZ   1 
ATOM   600  N  NH1  . ARG A 1 40 ? -9.38443  9.44921   -10.17921 1.000 55.97657 ? 861  ARG A NH1  1 
ATOM   601  N  NH2  . ARG A 1 40 ? -9.23326  7.40265   -11.20662 1.000 54.92106 ? 861  ARG A NH2  1 
ATOM   602  H  H    . ARG A 1 40 ? -6.08958  10.74137  -5.68860  1.000 56.24632 ? 861  ARG A H    1 
ATOM   603  H  HA   . ARG A 1 40 ? -7.02184  8.24202   -6.12131  1.000 45.36368 ? 861  ARG A HA   1 
ATOM   604  H  HB2  . ARG A 1 40 ? -5.04492  9.60322   -7.62643  1.000 47.32582 ? 861  ARG A HB2  1 
ATOM   605  H  HB3  . ARG A 1 40 ? -5.63578  8.17863   -8.00963  1.000 47.32582 ? 861  ARG A HB3  1 
ATOM   606  H  HG2  . ARG A 1 40 ? -7.74782  9.28806   -8.32711  1.000 57.59595 ? 861  ARG A HG2  1 
ATOM   607  H  HG3  . ARG A 1 40 ? -6.93795  10.65347  -8.25507  1.000 57.59595 ? 861  ARG A HG3  1 
ATOM   608  H  HD2  . ARG A 1 40 ? -6.76932  10.42275  -10.43757 1.000 52.41723 ? 861  ARG A HD2  1 
ATOM   609  H  HD3  . ARG A 1 40 ? -5.60531  9.39678   -10.09424 1.000 52.41723 ? 861  ARG A HD3  1 
ATOM   610  H  HE   . ARG A 1 40 ? -6.87389  7.86962   -10.98137 1.000 58.99439 ? 861  ARG A HE   1 
ATOM   611  H  HH11 . ARG A 1 40 ? -9.01020  10.13487  -9.81946  1.000 67.17189 ? 861  ARG A HH11 1 
ATOM   612  H  HH12 . ARG A 1 40 ? -10.24199 9.39993   -10.22114 1.000 67.17189 ? 861  ARG A HH12 1 
ATOM   613  H  HH21 . ARG A 1 40 ? -8.75822  6.75596   -11.51602 1.000 65.90527 ? 861  ARG A HH21 1 
ATOM   614  H  HH22 . ARG A 1 40 ? -10.09147 7.36191   -11.24394 1.000 65.90527 ? 861  ARG A HH22 1 
ATOM   615  N  N    . ASN A 1 41 ? -5.46007  7.58334   -4.21517  1.000 24.63225 ? 862  ASN A N    1 
ATOM   616  C  CA   . ASN A 1 41 ? -4.44493  6.90402   -3.42414  1.000 21.41065 ? 862  ASN A CA   1 
ATOM   617  C  C    . ASN A 1 41 ? -4.09160  5.56255   -4.06504  1.000 22.75716 ? 862  ASN A C    1 
ATOM   618  O  O    . ASN A 1 41 ? -4.87524  4.97415   -4.82545  1.000 21.22264 ? 862  ASN A O    1 
ATOM   619  C  CB   . ASN A 1 41 ? -4.87717  6.73724   -1.94120  1.000 21.04864 ? 862  ASN A CB   1 
ATOM   620  C  CG   . ASN A 1 41 ? -6.20879  5.98156   -1.73183  1.000 24.32722 ? 862  ASN A CG   1 
ATOM   621  O  OD1  . ASN A 1 41 ? -6.33331  4.78999   -1.97840  1.000 22.33059 ? 862  ASN A OD1  1 
ATOM   622  N  ND2  . ASN A 1 41 ? -7.17836  6.67952   -1.16944  1.000 31.39674 ? 862  ASN A ND2  1 
ATOM   623  H  H    . ASN A 1 41 ? -6.24911  7.59708   -3.87339  1.000 29.55870 ? 862  ASN A H    1 
ATOM   624  H  HA   . ASN A 1 41 ? -3.63994  7.44475   -3.40161  1.000 25.69279 ? 862  ASN A HA   1 
ATOM   625  H  HB2  . ASN A 1 41 ? -4.18599  6.24339   -1.47292  1.000 25.25837 ? 862  ASN A HB2  1 
ATOM   626  H  HB3  . ASN A 1 41 ? -4.97848  7.61873   -1.54923  1.000 25.25837 ? 862  ASN A HB3  1 
ATOM   627  H  HD21 . ASN A 1 41 ? -7.94378  6.31443   -1.02635  1.000 37.67609 ? 862  ASN A HD21 1 
ATOM   628  H  HD22 . ASN A 1 41 ? -7.04446  7.49918   -0.94624  1.000 37.67609 ? 862  ASN A HD22 1 
ATOM   629  N  N    . ALA A 1 42 ? -2.88331  5.09013   -3.75062  1.000 19.54244 ? 863  ALA A N    1 
ATOM   630  C  CA   . ALA A 1 42 ? -2.39911  3.76991   -4.14681  1.000 20.02200 ? 863  ALA A CA   1 
ATOM   631  C  C    . ALA A 1 42 ? -1.91358  3.05934   -2.89918  1.000 18.91426 ? 863  ALA A C    1 
ATOM   632  O  O    . ALA A 1 42 ? -1.09141  3.60178   -2.15460  1.000 20.75197 ? 863  ALA A O    1 
ATOM   633  C  CB   . ALA A 1 42 ? -1.26456  3.85550   -5.15395  1.000 17.64239 ? 863  ALA A CB   1 
ATOM   634  H  H    . ALA A 1 42 ? -2.30672  5.53352   -3.29176  1.000 23.45093 ? 863  ALA A H    1 
ATOM   635  H  HA   . ALA A 1 42 ? -3.12797  3.27384   -4.55127  1.000 24.02639 ? 863  ALA A HA   1 
ATOM   636  H  HB1  . ALA A 1 42 ? -0.99897  2.95770   -5.40750  1.000 21.17086 ? 863  ALA A HB1  1 
ATOM   637  H  HB2  . ALA A 1 42 ? -1.57139  4.34260   -5.93465  1.000 21.17086 ? 863  ALA A HB2  1 
ATOM   638  H  HB3  . ALA A 1 42 ? -0.51595  4.31959   -4.74763  1.000 21.17086 ? 863  ALA A HB3  1 
ATOM   639  N  N    . ILE A 1 43 ? -2.47391  1.87765   -2.63656  1.000 17.54216 ? 864  ILE A N    1 
ATOM   640  C  CA   . ILE A 1 43 ? -2.23639  1.14245   -1.39445  1.000 17.04798 ? 864  ILE A CA   1 
ATOM   641  C  C    . ILE A 1 43 ? -1.78343  -0.27820  -1.70893  1.000 15.57693 ? 864  ILE A C    1 
ATOM   642  O  O    . ILE A 1 43 ? -2.35835  -0.94479  -2.57686  1.000 16.50061 ? 864  ILE A O    1 
ATOM   643  C  CB   . ILE A 1 43 ? -3.50545  1.13615   -0.51220  1.000 16.56328 ? 864  ILE A CB   1 
ATOM   644  C  CG1  . ILE A 1 43 ? -3.93627  2.58221   -0.21976  1.000 18.65249 ? 864  ILE A CG1  1 
ATOM   645  C  CG2  . ILE A 1 43 ? -3.30707  0.34290   0.77555   1.000 19.37221 ? 864  ILE A CG2  1 
ATOM   646  C  CD1  . ILE A 1 43 ? -5.25939  2.69360   0.54879   1.000 19.63625 ? 864  ILE A CD1  1 
ATOM   647  H  H    . ILE A 1 43 ? -3.00774  1.47278   -3.17573  1.000 21.05059 ? 864  ILE A H    1 
ATOM   648  H  HA   . ILE A 1 43 ? -1.51214  1.56640   -0.90802  1.000 20.45757 ? 864  ILE A HA   1 
ATOM   649  H  HB   . ILE A 1 43 ? -4.21147  0.68837   -1.00407  1.000 19.87593 ? 864  ILE A HB   1 
ATOM   650  H  HG12 . ILE A 1 43 ? -3.24813  3.01026   0.31327   1.000 22.38299 ? 864  ILE A HG12 1 
ATOM   651  H  HG13 . ILE A 1 43 ? -4.04346  3.05142   -1.06192  1.000 22.38299 ? 864  ILE A HG13 1 
ATOM   652  H  HG21 . ILE A 1 43 ? -4.14128  0.33026   1.27036   1.000 23.24665 ? 864  ILE A HG21 1 
ATOM   653  H  HG22 . ILE A 1 43 ? -3.04195  -0.56272  0.55094   1.000 23.24665 ? 864  ILE A HG22 1 
ATOM   654  H  HG23 . ILE A 1 43 ? -2.61478  0.76851   1.30516   1.000 23.24665 ? 864  ILE A HG23 1 
ATOM   655  H  HD11 . ILE A 1 43 ? -5.46996  3.63123   0.68078   1.000 23.56350 ? 864  ILE A HD11 1 
ATOM   656  H  HD12 . ILE A 1 43 ? -5.96111  2.26641   0.03305   1.000 23.56350 ? 864  ILE A HD12 1 
ATOM   657  H  HD13 . ILE A 1 43 ? -5.16416  2.25196   1.40715   1.000 23.56350 ? 864  ILE A HD13 1 
ATOM   658  N  N    . CYS A 1 44 ? -0.77770  -0.76068  -0.97221  1.000 16.52099 ? 865  CYS A N    1 
ATOM   659  C  CA   . CYS A 1 44 ? -0.24191  -2.08315  -1.22432  1.000 19.03675 ? 865  CYS A CA   1 
ATOM   660  C  C    . CYS A 1 44 ? -1.19383  -3.16298  -0.70219  1.000 18.18299 ? 865  CYS A C    1 
ATOM   661  O  O    . CYS A 1 44 ? -2.12820  -2.88998  0.06148   1.000 18.03226 ? 865  CYS A O    1 
ATOM   662  C  CB   . CYS A 1 44 ? 1.15141   -2.21591  -0.59122  1.000 17.66614 ? 865  CYS A CB   1 
ATOM   663  S  SG   . CYS A 1 44 ? 1.24493   -2.45899  1.19356   1.000 19.00672 ? 865  CYS A SG   1 
ATOM   664  H  H    . CYS A 1 44 ? -0.39646  -0.33875  -0.32705  1.000 19.82518 ? 865  CYS A H    1 
ATOM   665  H  HA   . CYS A 1 44 ? -0.14579  -2.22612  -2.17891  1.000 22.84410 ? 865  CYS A HA   1 
ATOM   666  H  HB2  . CYS A 1 44 ? 1.59062   -2.97820  -0.99976  1.000 21.19937 ? 865  CYS A HB2  1 
ATOM   667  H  HB3  . CYS A 1 44 ? 1.64446   -1.40411  -0.78819  1.000 21.19937 ? 865  CYS A HB3  1 
ATOM   668  N  N    . VAL A 1 45 ? -0.97924  -4.40569  -1.15832  1.000 16.83365 ? 866  VAL A N    1 
ATOM   669  C  CA   . VAL A 1 45 ? -1.96537  -5.44985  -0.86531  1.000 18.57404 ? 866  VAL A CA   1 
ATOM   670  C  C    . VAL A 1 45 ? -2.01285  -5.77169  0.62686   1.000 20.36164 ? 866  VAL A C    1 
ATOM   671  O  O    . VAL A 1 45 ? -3.09017  -6.05513  1.17066   1.000 21.49244 ? 866  VAL A O    1 
ATOM   672  C  CB   . VAL A 1 45 ? -1.70139  -6.72080  -1.68731  1.000 21.94607 ? 866  VAL A CB   1 
ATOM   673  C  CG1  . VAL A 1 45 ? -0.38648  -7.34258  -1.28214  1.000 24.81200 ? 866  VAL A CG1  1 
ATOM   674  C  CG2  . VAL A 1 45 ? -2.88041  -7.70999  -1.55706  1.000 25.97700 ? 866  VAL A CG2  1 
ATOM   675  H  H    . VAL A 1 45 ? -0.29902  -4.65803  -1.62007  1.000 20.20038 ? 866  VAL A H    1 
ATOM   676  H  HA   . VAL A 1 45 ? -2.83031  -5.09844  -1.12851  1.000 22.28885 ? 866  VAL A HA   1 
ATOM   677  H  HB   . VAL A 1 45 ? -1.63237  -6.48955  -2.62681  1.000 26.33528 ? 866  VAL A HB   1 
ATOM   678  H  HG11 . VAL A 1 45 ? -0.13625  -8.00938  -1.94066  1.000 29.77440 ? 866  VAL A HG11 1 
ATOM   679  H  HG12 . VAL A 1 45 ? 0.29074   -6.64943  -1.23942  1.000 29.77440 ? 866  VAL A HG12 1 
ATOM   680  H  HG13 . VAL A 1 45 ? -0.48888  -7.75905  -0.41210  1.000 29.77440 ? 866  VAL A HG13 1 
ATOM   681  H  HG21 . VAL A 1 45 ? -2.66208  -8.52610  -2.03371  1.000 31.17240 ? 866  VAL A HG21 1 
ATOM   682  H  HG22 . VAL A 1 45 ? -3.02721  -7.90448  -0.61816  1.000 31.17240 ? 866  VAL A HG22 1 
ATOM   683  H  HG23 . VAL A 1 45 ? -3.67517  -7.30616  -1.93939  1.000 31.17240 ? 866  VAL A HG23 1 
ATOM   684  N  N    . ASN A 1 46 ? -0.88173  -5.71623  1.32835   1.000 18.04179 ? 867  ASN A N    1 
ATOM   685  C  CA   . ASN A 1 46 ? -0.92476  -6.05156  2.75215   1.000 18.98809 ? 867  ASN A CA   1 
ATOM   686  C  C    . ASN A 1 46 ? -1.63922  -4.97276  3.53383   1.000 19.63569 ? 867  ASN A C    1 
ATOM   687  O  O    . ASN A 1 46 ? -2.38169  -5.29315  4.47857   1.000 20.37458 ? 867  ASN A O    1 
ATOM   688  C  CB   . ASN A 1 46 ? 0.48524   -6.28895  3.28328   1.000 17.82620 ? 867  ASN A CB   1 
ATOM   689  C  CG   . ASN A 1 46 ? 1.05134   -7.60144  2.78563   1.000 21.32276 ? 867  ASN A CG   1 
ATOM   690  O  OD1  . ASN A 1 46 ? 0.31750   -8.58246  2.65927   1.000 26.28461 ? 867  ASN A OD1  1 
ATOM   691  N  ND2  . ASN A 1 46 ? 2.33940   -7.61286  2.44881   1.000 22.68088 ? 867  ASN A ND2  1 
ATOM   692  H  H    . ASN A 1 46 ? -0.10965  -5.49733  1.01918   1.000 21.65015 ? 867  ASN A H    1 
ATOM   693  H  HA   . ASN A 1 46 ? -1.41527  -6.87967  2.87271   1.000 22.78570 ? 867  ASN A HA   1 
ATOM   694  H  HB2  . ASN A 1 46 ? 1.06616   -5.57248  2.98311   1.000 21.39144 ? 867  ASN A HB2  1 
ATOM   695  H  HB3  . ASN A 1 46 ? 0.46308   -6.31399  4.25271   1.000 21.39144 ? 867  ASN A HB3  1 
ATOM   696  H  HD21 . ASN A 1 46 ? 2.70220   -8.33753  2.16102   1.000 27.21705 ? 867  ASN A HD21 1 
ATOM   697  H  HD22 . ASN A 1 46 ? 2.80861   -6.89556  2.51906   1.000 27.21705 ? 867  ASN A HD22 1 
ATOM   698  N  N    . CYS A 1 47 ? -1.45164  -3.70432  3.16200   1.000 18.30096 ? 868  CYS A N    1 
ATOM   699  C  CA   . CYS A 1 47 ? -2.19872  -2.62326  3.80276   1.000 19.72527 ? 868  CYS A CA   1 
ATOM   700  C  C    . CYS A 1 47 ? -3.68145  -2.71057  3.49720   1.000 20.36246 ? 868  CYS A C    1 
ATOM   701  O  O    . CYS A 1 47 ? -4.51801  -2.50264  4.39206   1.000 21.92095 ? 868  CYS A O    1 
ATOM   702  C  CB   . CYS A 1 47 ? -1.64370  -1.28193  3.34984   1.000 22.48876 ? 868  CYS A CB   1 
ATOM   703  S  SG   . CYS A 1 47 ? -0.10894  -0.84329  4.17099   1.000 20.52137 ? 868  CYS A SG   1 
ATOM   704  H  H    . CYS A 1 47 ? -0.90528  -3.44679  2.54981   1.000 21.96115 ? 868  CYS A H    1 
ATOM   705  H  HA   . CYS A 1 47 ? -2.08982  -2.69578  4.76389   1.000 23.67032 ? 868  CYS A HA   1 
ATOM   706  H  HB2  . CYS A 1 47 ? -1.47283  -1.31829  2.39569   1.000 26.98651 ? 868  CYS A HB2  1 
ATOM   707  H  HB3  . CYS A 1 47 ? -2.29535  -0.59017  3.54405   1.000 26.98651 ? 868  CYS A HB3  1 
ATOM   708  N  N    . ILE A 1 48 ? -4.05256  -3.04187  2.26376   1.000 17.97667 ? 869  ILE A N    1 
ATOM   709  C  CA   . ILE A 1 48 ? -5.48826  -3.04497  1.95380   1.000 17.26912 ? 869  ILE A CA   1 
ATOM   710  C  C    . ILE A 1 48 ? -6.20802  -4.12771  2.75066   1.000 20.31013 ? 869  ILE A C    1 
ATOM   711  O  O    . ILE A 1 48 ? -7.38451  -3.95943  3.10207   1.000 21.40293 ? 869  ILE A O    1 
ATOM   712  C  CB   . ILE A 1 48 ? -5.72119  -3.18211  0.43477   1.000 20.38488 ? 869  ILE A CB   1 
ATOM   713  C  CG1  . ILE A 1 48 ? -7.00842  -2.42997  0.02700   1.000 21.12598 ? 869  ILE A CG1  1 
ATOM   714  C  CG2  . ILE A 1 48 ? -5.76477  -4.64276  0.00465   1.000 20.67356 ? 869  ILE A CG2  1 
ATOM   715  C  CD1  . ILE A 1 48 ? -6.90832  -0.91545  0.18803   1.000 20.11401 ? 869  ILE A CD1  1 
ATOM   716  H  H    . ILE A 1 48 ? -3.52588  -3.25804  1.61918   1.000 21.57201 ? 869  ILE A H    1 
ATOM   717  H  HA   . ILE A 1 48 ? -5.86107  -2.19023  2.22090   1.000 20.72295 ? 869  ILE A HA   1 
ATOM   718  H  HB   . ILE A 1 48 ? -4.97024  -2.77565  -0.02542  1.000 24.46185 ? 869  ILE A HB   1 
ATOM   719  H  HG12 . ILE A 1 48 ? -7.19761  -2.61731  -0.90574  1.000 25.35118 ? 869  ILE A HG12 1 
ATOM   720  H  HG13 . ILE A 1 48 ? -7.74063  -2.73968  0.58274   1.000 25.35118 ? 869  ILE A HG13 1 
ATOM   721  H  HG21 . ILE A 1 48 ? -5.59435  -4.69644  -0.94875  1.000 24.80828 ? 869  ILE A HG21 1 
ATOM   722  H  HG22 . ILE A 1 48 ? -5.08493  -5.13544  0.49044   1.000 24.80828 ? 869  ILE A HG22 1 
ATOM   723  H  HG23 . ILE A 1 48 ? -6.64212  -5.00486  0.20474   1.000 24.80828 ? 869  ILE A HG23 1 
ATOM   724  H  HD11 . ILE A 1 48 ? -7.65162  -0.49879  -0.27543  1.000 24.13681 ? 869  ILE A HD11 1 
ATOM   725  H  HD12 . ILE A 1 48 ? -6.94194  -0.69534  1.13212   1.000 24.13681 ? 869  ILE A HD12 1 
ATOM   726  H  HD13 . ILE A 1 48 ? -6.06929  -0.61216  -0.19266  1.000 24.13681 ? 869  ILE A HD13 1 
ATOM   727  N  N    . LYS A 1 49 ? -5.52958  -5.25023  3.01477   1.000 20.19120 ? 870  LYS A N    1 
ATOM   728  C  CA   . LYS A 1 49 ? -6.10519  -6.37879  3.75392   1.000 23.48617 ? 870  LYS A CA   1 
ATOM   729  C  C    . LYS A 1 49 ? -6.15601  -6.12471  5.24623   1.000 26.23233 ? 870  LYS A C    1 
ATOM   730  O  O    . LYS A 1 49 ? -7.01167  -6.69033  5.94119   1.000 28.81173 ? 870  LYS A O    1 
ATOM   731  C  CB   . LYS A 1 49 ? -5.25698  -7.62297  3.52872   1.000 24.33741 ? 870  LYS A CB   1 
ATOM   732  C  CG   . LYS A 1 49 ? -5.52344  -8.42737  2.28080   1.000 28.85677 ? 870  LYS A CG   1 
ATOM   733  C  CD   . LYS A 1 49 ? -4.44539  -9.51529  2.16688   1.000 37.83511 ? 870  LYS A CD   1 
ATOM   734  C  CE   . LYS A 1 49 ? -4.34252  -10.10256 0.76725   1.000 48.53737 ? 870  LYS A CE   1 
ATOM   735  N  NZ   . LYS A 1 49 ? -4.20422  -11.59350 0.76414   1.000 49.34221 ? 870  LYS A NZ   1 
ATOM   736  H  H    . LYS A 1 49 ? -4.71605  -5.38689  2.77169   1.000 24.22944 ? 870  LYS A H    1 
ATOM   737  H  HA   . LYS A 1 49 ? -7.00568  -6.52417  3.42393   1.000 28.18341 ? 870  LYS A HA   1 
ATOM   738  H  HB2  . LYS A 1 49 ? -4.32779  -7.34707  3.49160   1.000 29.20489 ? 870  LYS A HB2  1 
ATOM   739  H  HB3  . LYS A 1 49 ? -5.39639  -8.21857  4.28154   1.000 29.20489 ? 870  LYS A HB3  1 
ATOM   740  H  HG2  . LYS A 1 49 ? -6.39553  -8.84850  2.33577   1.000 34.62812 ? 870  LYS A HG2  1 
ATOM   741  H  HG3  . LYS A 1 49 ? -5.48048  -7.85418  1.49945   1.000 34.62812 ? 870  LYS A HG3  1 
ATOM   742  H  HD2  . LYS A 1 49 ? -3.58399  -9.13152  2.39406   1.000 45.40213 ? 870  LYS A HD2  1 
ATOM   743  H  HD3  . LYS A 1 49 ? -4.65887  -10.23694 2.77887   1.000 45.40213 ? 870  LYS A HD3  1 
ATOM   744  H  HE2  . LYS A 1 49 ? -5.14477  -9.87645  0.27109   1.000 58.24485 ? 870  LYS A HE2  1 
ATOM   745  H  HE3  . LYS A 1 49 ? -3.56333  -9.72987  0.32582   1.000 58.24485 ? 870  LYS A HE3  1 
ATOM   746  H  HZ1  . LYS A 1 49 ? -4.23062  -11.89990 -0.07104  1.000 59.21065 ? 870  LYS A HZ1  1 
ATOM   747  H  HZ2  . LYS A 1 49 ? -3.42920  -11.82808 1.13350   1.000 59.21065 ? 870  LYS A HZ2  1 
ATOM   748  H  HZ3  . LYS A 1 49 ? -4.86848  -11.96179 1.22806   1.000 59.21065 ? 870  LYS A HZ3  1 
ATOM   749  N  N    . LYS A 1 50 ? -5.22225  -5.33638  5.77752   1.000 20.53023 ? 871  LYS A N    1 
ATOM   750  C  CA   . LYS A 1 50 ? -5.11958  -5.16161  7.22199   1.000 23.33604 ? 871  LYS A CA   1 
ATOM   751  C  C    . LYS A 1 50 ? -5.51365  -3.75328  7.65131   1.000 26.84332 ? 871  LYS A C    1 
ATOM   752  O  O    . LYS A 1 50 ? -6.49938  -3.57496  8.37214   1.000 28.48791 ? 871  LYS A O    1 
ATOM   753  C  CB   . LYS A 1 50 ? -3.68999  -5.50121  7.67688   1.000 23.72369 ? 871  LYS A CB   1 
ATOM   754  C  CG   . LYS A 1 50 ? -3.51237  -5.44607  9.17472   1.000 36.10626 ? 871  LYS A CG   1 
ATOM   755  C  CD   . LYS A 1 50 ? -2.32992  -6.26379  9.63569   1.000 39.96608 ? 871  LYS A CD   1 
ATOM   756  C  CE   . LYS A 1 50 ? -2.38330  -6.40760  11.15207  1.000 42.47271 ? 871  LYS A CE   1 
ATOM   757  N  NZ   . LYS A 1 50 ? -1.95327  -5.14666  11.80894  1.000 44.55851 ? 871  LYS A NZ   1 
ATOM   758  H  H    . LYS A 1 50 ? -4.64076  -4.89539  5.32255   1.000 24.63627 ? 871  LYS A H    1 
ATOM   759  H  HA   . LYS A 1 50 ? -5.72674  -5.77455  7.66534   1.000 28.00324 ? 871  LYS A HA   1 
ATOM   760  H  HB2  . LYS A 1 50 ? -3.47258  -6.39989  7.38360   1.000 28.46843 ? 871  LYS A HB2  1 
ATOM   761  H  HB3  . LYS A 1 50 ? -3.07493  -4.86479  7.27993   1.000 28.46843 ? 871  LYS A HB3  1 
ATOM   762  H  HG2  . LYS A 1 50 ? -3.36780  -4.52588  9.44538   1.000 43.32752 ? 871  LYS A HG2  1 
ATOM   763  H  HG3  . LYS A 1 50 ? -4.30849  -5.79688  9.60372   1.000 43.32752 ? 871  LYS A HG3  1 
ATOM   764  H  HD2  . LYS A 1 50 ? -2.36203  -7.14632  9.23444   1.000 47.95930 ? 871  LYS A HD2  1 
ATOM   765  H  HD3  . LYS A 1 50 ? -1.50415  -5.81777  9.39062   1.000 47.95930 ? 871  LYS A HD3  1 
ATOM   766  H  HE2  . LYS A 1 50 ? -3.29183  -6.60590  11.42798  1.000 50.96725 ? 871  LYS A HE2  1 
ATOM   767  H  HE3  . LYS A 1 50 ? -1.78840  -7.12076  11.43207  1.000 50.96725 ? 871  LYS A HE3  1 
ATOM   768  H  HZ1  . LYS A 1 50 ? -1.94509  -5.25126  12.69273  1.000 53.47021 ? 871  LYS A HZ1  1 
ATOM   769  H  HZ2  . LYS A 1 50 ? -1.13538  -4.92520  11.53671  1.000 53.47021 ? 871  LYS A HZ2  1 
ATOM   770  H  HZ3  . LYS A 1 50 ? -2.51497  -4.48830  11.60118  1.000 53.47021 ? 871  LYS A HZ3  1 
ATOM   771  N  N    . CYS A 1 51 ? -4.82211  -2.73379  7.16121   1.000 22.22308 ? 872  CYS A N    1 
ATOM   772  C  CA   . CYS A 1 51 ? -5.12377  -1.35504  7.50926   1.000 22.96821 ? 872  CYS A CA   1 
ATOM   773  C  C    . CYS A 1 51 ? -6.48148  -0.90349  6.99642   1.000 21.82892 ? 872  CYS A C    1 
ATOM   774  O  O    . CYS A 1 51 ? -7.05250  0.05790   7.54197   1.000 26.67500 ? 872  CYS A O    1 
ATOM   775  C  CB   . CYS A 1 51 ? -4.05421  -0.42751  6.92916   1.000 22.82109 ? 872  CYS A CB   1 
ATOM   776  S  SG   . CYS A 1 51 ? -2.36640  -1.00173  7.29095   1.000 23.24806 ? 872  CYS A SG   1 
ATOM   777  H  H    . CYS A 1 51 ? -4.16209  -2.81480  6.61586   1.000 26.66769 ? 872  CYS A H    1 
ATOM   778  H  HA   . CYS A 1 51 ? -5.12101  -1.28221  8.47651   1.000 27.56185 ? 872  CYS A HA   1 
ATOM   779  H  HB2  . CYS A 1 51 ? -4.15906  -0.38666  5.96571   1.000 27.38530 ? 872  CYS A HB2  1 
ATOM   780  H  HB3  . CYS A 1 51 ? -4.16058  0.45725   7.31226   1.000 27.38530 ? 872  CYS A HB3  1 
ATOM   781  N  N    . HIS A 1 52 ? -7.01161  -1.55349  5.96866   1.000 22.06123 ? 873  HIS A N    1 
ATOM   782  C  CA   . HIS A 1 52 ? -8.28068  -1.13687  5.38647   1.000 19.61807 ? 873  HIS A CA   1 
ATOM   783  C  C    . HIS A 1 52 ? -9.28638  -2.26811  5.36329   1.000 22.43268 ? 873  HIS A C    1 
ATOM   784  O  O    . HIS A 1 52 ? -10.19813 -2.27777  4.54054   1.000 20.36870 ? 873  HIS A O    1 
ATOM   785  C  CB   . HIS A 1 52 ? -8.05683  -0.54484  4.00107   1.000 19.40458 ? 873  HIS A CB   1 
ATOM   786  C  CG   . HIS A 1 52 ? -7.08455  0.56997   4.04726   1.000 18.71836 ? 873  HIS A CG   1 
ATOM   787  N  ND1  . HIS A 1 52 ? -7.43450  1.88230   4.28426   1.000 18.62716 ? 873  HIS A ND1  1 
ATOM   788  C  CD2  . HIS A 1 52 ? -5.73418  0.55688   3.93039   1.000 21.38913 ? 873  HIS A CD2  1 
ATOM   789  C  CE1  . HIS A 1 52 ? -6.34324  2.62898   4.29078   1.000 24.67874 ? 873  HIS A CE1  1 
ATOM   790  N  NE2  . HIS A 1 52 ? -5.30017  1.83733   4.10930   1.000 20.45602 ? 873  HIS A NE2  1 
ATOM   791  H  H    . HIS A 1 52 ? -6.65499  -2.23896  5.59112   1.000 26.47348 ? 873  HIS A H    1 
ATOM   792  H  HA   . HIS A 1 52 ? -8.66886  -0.44052  5.93901   1.000 23.54168 ? 873  HIS A HA   1 
ATOM   793  H  HB2  . HIS A 1 52 ? -7.70930  -1.23105  3.41009   1.000 23.28550 ? 873  HIS A HB2  1 
ATOM   794  H  HB3  . HIS A 1 52 ? -8.89751  -0.20497  3.65659   1.000 23.28550 ? 873  HIS A HB3  1 
ATOM   795  H  HD2  . HIS A 1 52 ? -5.20255  -0.18690  3.75992   1.000 25.66695 ? 873  HIS A HD2  1 
ATOM   796  H  HE1  . HIS A 1 52 ? -6.31449  3.55166   4.40356   1.000 29.61448 ? 873  HIS A HE1  1 
ATOM   797  H  HE2  . HIS A 1 52 ? -4.47808  2.08982   4.10476   1.000 24.54723 ? 873  HIS A HE2  1 
ATOM   798  N  N    . GLN A 1 53 ? -9.13490  -3.21127  6.29636   1.000 24.57832 ? 874  GLN A N    1 
ATOM   799  C  CA   . GLN A 1 53 ? -10.12771 -4.26111  6.47839   1.000 26.51195 ? 874  GLN A CA   1 
ATOM   800  C  C    . GLN A 1 53 ? -11.50571 -3.68544  6.71141   1.000 22.95673 ? 874  GLN A C    1 
ATOM   801  O  O    . GLN A 1 53 ? -11.71133 -2.89619  7.64101   1.000 25.44776 ? 874  GLN A O    1 
ATOM   802  C  CB   . GLN A 1 53 ? -9.80081  -5.13703  7.67535   1.000 28.92268 ? 874  GLN A CB   1 
ATOM   803  C  CG   . GLN A 1 53 ? -10.64873 -6.40184  7.64534   1.000 35.71822 ? 874  GLN A CG   1 
ATOM   804  C  CD   . GLN A 1 53 ? -10.23058 -7.38396  8.69048   1.000 44.51754 ? 874  GLN A CD   1 
ATOM   805  O  OE1  . GLN A 1 53 ? -11.01660 -7.80891  9.52849   1.000 48.39870 ? 874  GLN A OE1  1 
ATOM   806  N  NE2  . GLN A 1 53 ? -8.97146  -7.74550  8.65407   1.000 54.58722 ? 874  GLN A NE2  1 
ATOM   807  H  H    . GLN A 1 53 ? -8.46558  -3.26179  6.83398   1.000 29.49398 ? 874  GLN A H    1 
ATOM   808  H  HA   . GLN A 1 53 ? -10.11185 -4.79623  5.66950   1.000 31.81433 ? 874  GLN A HA   1 
ATOM   809  H  HB2  . GLN A 1 53 ? -8.86447  -5.38895  7.64875   1.000 34.70721 ? 874  GLN A HB2  1 
ATOM   810  H  HB3  . GLN A 1 53 ? -9.99117  -4.65368  8.49452   1.000 34.70721 ? 874  GLN A HB3  1 
ATOM   811  H  HG2  . GLN A 1 53 ? -11.57644 -6.16731  7.80426   1.000 42.86186 ? 874  GLN A HG2  1 
ATOM   812  H  HG3  . GLN A 1 53 ? -10.55768 -6.82594  6.77773   1.000 42.86186 ? 874  GLN A HG3  1 
ATOM   813  H  HE21 . GLN A 1 53 ? -8.44768  -7.41965  8.05486   1.000 65.50466 ? 874  GLN A HE21 1 
ATOM   814  H  HE22 . GLN A 1 53 ? -8.66897  -8.30861  9.22940   1.000 65.50466 ? 874  GLN A HE22 1 
ATOM   815  N  N    . GLY A 1 54 ? -12.44325 -4.09941  5.88076   1.000 25.23575 ? 875  GLY A N    1 
ATOM   816  C  CA   . GLY A 1 54 ? -13.80796 -3.62807  6.00687   1.000 25.70252 ? 875  GLY A CA   1 
ATOM   817  C  C    . GLY A 1 54 ? -14.06082 -2.26815  5.40193   1.000 26.71043 ? 875  GLY A C    1 
ATOM   818  O  O    . GLY A 1 54 ? -15.19398 -1.77494  5.46371   1.000 27.12781 ? 875  GLY A O    1 
ATOM   819  H  H    . GLY A 1 54 ? -12.31462 -4.65323  5.23553   1.000 30.28290 ? 875  GLY A H    1 
ATOM   820  H  HA2  . GLY A 1 54 ? -14.39823 -4.26193  5.57017   1.000 30.84302 ? 875  GLY A HA2  1 
ATOM   821  H  HA3  . GLY A 1 54 ? -14.03582 -3.58138  6.94856   1.000 30.84302 ? 875  GLY A HA3  1 
ATOM   822  N  N    . HIS A 1 55 ? -13.04486 -1.62514  4.84321   1.000 23.75376 ? 876  HIS A N    1 
ATOM   823  C  CA   . HIS A 1 55 ? -13.25334 -0.36771  4.15387   1.000 21.70440 ? 876  HIS A CA   1 
ATOM   824  C  C    . HIS A 1 55 ? -13.77276 -0.61614  2.74505   1.000 21.70286 ? 876  HIS A C    1 
ATOM   825  O  O    . HIS A 1 55 ? -13.79055 -1.75047  2.25076   1.000 26.49465 ? 876  HIS A O    1 
ATOM   826  C  CB   . HIS A 1 55 ? -11.96367 0.43268   4.07907   1.000 22.07901 ? 876  HIS A CB   1 
ATOM   827  C  CG   . HIS A 1 55 ? -11.41622 0.82465   5.40472   1.000 18.59912 ? 876  HIS A CG   1 
ATOM   828  N  ND1  . HIS A 1 55 ? -10.49169 1.82899   5.54904   1.000 22.58457 ? 876  HIS A ND1  1 
ATOM   829  C  CD2  . HIS A 1 55 ? -11.76038 0.44006   6.66600   1.000 24.42857 ? 876  HIS A CD2  1 
ATOM   830  C  CE1  . HIS A 1 55 ? -10.21169 1.98187   6.83363   1.000 25.97951 ? 876  HIS A CE1  1 
ATOM   831  N  NE2  . HIS A 1 55 ? -10.97300 1.15613   7.52952   1.000 24.16628 ? 876  HIS A NE2  1 
ATOM   832  H  H    . HIS A 1 55 ? -12.22918 -1.89751  4.85097   1.000 28.50451 ? 876  HIS A H    1 
ATOM   833  H  HA   . HIS A 1 55 ? -13.90774 0.14918   4.64935   1.000 26.04528 ? 876  HIS A HA   1 
ATOM   834  H  HB2  . HIS A 1 55 ? -11.29142 -0.10252  3.62904   1.000 26.49482 ? 876  HIS A HB2  1 
ATOM   835  H  HB3  . HIS A 1 55 ? -12.13114 1.24566   3.57717   1.000 26.49482 ? 876  HIS A HB3  1 
ATOM   836  H  HD2  . HIS A 1 55 ? -12.40609 -0.18821  6.89670   1.000 29.31428 ? 876  HIS A HD2  1 
ATOM   837  H  HE1  . HIS A 1 55 ? -9.58485  2.57112   7.18681   1.000 31.17542 ? 876  HIS A HE1  1 
ATOM   838  H  HE2  . HIS A 1 55 ? -10.97426 1.08022   8.38615   1.000 28.99953 ? 876  HIS A HE2  1 
ATOM   839  N  N    . ASP A 1 56 ? -14.17427 0.47814   2.08356   1.000 23.42062 ? 877  ASP A N    1 
ATOM   840  C  CA   . ASP A 1 56 ? -14.62267 0.46983   0.69169   1.000 23.30256 ? 877  ASP A CA   1 
ATOM   841  C  C    . ASP A 1 56 ? -13.41666 0.52984   -0.24303  1.000 22.84692 ? 877  ASP A C    1 
ATOM   842  O  O    . ASP A 1 56 ? -12.92740 1.60714   -0.58601  1.000 25.05572 ? 877  ASP A O    1 
ATOM   843  C  CB   . ASP A 1 56 ? -15.54434 1.65391   0.41589   1.000 27.02719 ? 877  ASP A CB   1 
ATOM   844  C  CG   . ASP A 1 56 ? -16.03315 1.69851   -1.01746  1.000 28.28969 ? 877  ASP A CG   1 
ATOM   845  O  OD1  . ASP A 1 56 ? -15.87536 0.69024   -1.73844  1.000 30.66436 ? 877  ASP A OD1  1 
ATOM   846  O  OD2  . ASP A 1 56 ? -16.58507 2.75032   -1.42069  1.000 35.42664 ? 877  ASP A OD2  1 
ATOM   847  H  H    . ASP A 1 56 ? -14.19531 1.26278   2.43497   1.000 28.10475 ? 877  ASP A H    1 
ATOM   848  H  HA   . ASP A 1 56 ? -15.09635 -0.36237  0.53681   1.000 27.96307 ? 877  ASP A HA   1 
ATOM   849  H  HB2  . ASP A 1 56 ? -16.32003 1.59168   0.99497   1.000 32.43263 ? 877  ASP A HB2  1 
ATOM   850  H  HB3  . ASP A 1 56 ? -15.06271 2.47689   0.59374   1.000 32.43263 ? 877  ASP A HB3  1 
ATOM   851  N  N    . VAL A 1 57 ? -12.97130 -0.62973  -0.70329  1.000 21.54491 ? 878  VAL A N    1 
ATOM   852  C  CA   . VAL A 1 57 ? -11.70803 -0.74992  -1.41044  1.000 21.15161 ? 878  VAL A CA   1 
ATOM   853  C  C    . VAL A 1 57 ? -11.91044 -1.38334  -2.78048  1.000 25.90999 ? 878  VAL A C    1 
ATOM   854  O  O    . VAL A 1 57 ? -12.86591 -2.12279  -3.02892  1.000 25.52248 ? 878  VAL A O    1 
ATOM   855  C  CB   . VAL A 1 57 ? -10.69088 -1.56222  -0.59156  1.000 21.83446 ? 878  VAL A CB   1 
ATOM   856  C  CG1  . VAL A 1 57 ? -10.47153 -0.91336  0.76888   1.000 21.43597 ? 878  VAL A CG1  1 
ATOM   857  C  CG2  . VAL A 1 57 ? -11.15438 -2.99831  -0.42981  1.000 29.72502 ? 878  VAL A CG2  1 
ATOM   858  H  H    . VAL A 1 57 ? -13.39171 -1.37490  -0.61621  1.000 25.85389 ? 878  VAL A H    1 
ATOM   859  H  HA   . VAL A 1 57 ? -11.36406 0.14286   -1.57024  1.000 25.38194 ? 878  VAL A HA   1 
ATOM   860  H  HB   . VAL A 1 57 ? -9.84477  -1.57405  -1.06574  1.000 26.20135 ? 878  VAL A HB   1 
ATOM   861  H  HG11 . VAL A 1 57 ? -9.75482  -1.37807  1.22853   1.000 25.72316 ? 878  VAL A HG11 1 
ATOM   862  H  HG12 . VAL A 1 57 ? -10.23263 0.01785   0.63979   1.000 25.72316 ? 878  VAL A HG12 1 
ATOM   863  H  HG13 . VAL A 1 57 ? -11.29070 -0.97628  1.28454   1.000 25.72316 ? 878  VAL A HG13 1 
ATOM   864  H  HG21 . VAL A 1 57 ? -10.62596 -3.42457  0.26298   1.000 35.67002 ? 878  VAL A HG21 1 
ATOM   865  H  HG22 . VAL A 1 57 ? -12.09164 -3.00140  -0.17995  1.000 35.67002 ? 878  VAL A HG22 1 
ATOM   866  H  HG23 . VAL A 1 57 ? -11.03489 -3.46542  -1.27149  1.000 35.67002 ? 878  VAL A HG23 1 
ATOM   867  N  N    . GLU A 1 58 ? -10.95522 -1.11853  -3.66874  1.000 23.21993 ? 879  GLU A N    1 
ATOM   868  C  CA   . GLU A 1 58 ? -10.99248 -1.58841  -5.04046  1.000 23.19374 ? 879  GLU A CA   1 
ATOM   869  C  C    . GLU A 1 58 ? -9.57696  -1.91627  -5.46063  1.000 23.64632 ? 879  GLU A C    1 
ATOM   870  O  O    . GLU A 1 58 ? -8.66405  -1.13605  -5.18148  1.000 22.97349 ? 879  GLU A O    1 
ATOM   871  C  CB   . GLU A 1 58 ? -11.50749 -0.53046  -6.03669  1.000 31.13042 ? 879  GLU A CB   1 
ATOM   872  C  CG   . GLU A 1 58 ? -12.95251 -0.10376  -5.85510  1.000 43.57203 ? 879  GLU A CG   1 
ATOM   873  C  CD   . GLU A 1 58 ? -13.45001 0.74269   -7.02919  1.000 53.42694 ? 879  GLU A CD   1 
ATOM   874  O  OE1  . GLU A 1 58 ? -13.02433 0.48632   -8.18307  1.000 47.91214 ? 879  GLU A OE1  1 
ATOM   875  O  OE2  . GLU A 1 58 ? -14.27221 1.65505   -6.79636  1.000 55.30240 ? 879  GLU A OE2  1 
ATOM   876  H  H    . GLU A 1 58 ? -10.25457 -0.65298  -3.49000  1.000 27.86391 ? 879  GLU A H    1 
ATOM   877  H  HA   . GLU A 1 58 ? -11.57565 -2.36273  -5.07556  1.000 27.83249 ? 879  GLU A HA   1 
ATOM   878  H  HB2  . GLU A 1 58 ? -10.95915 0.26459   -5.94666  1.000 37.35650 ? 879  GLU A HB2  1 
ATOM   879  H  HB3  . GLU A 1 58 ? -11.42439 -0.89101  -6.93335  1.000 37.35650 ? 879  GLU A HB3  1 
ATOM   880  H  HG2  . GLU A 1 58 ? -13.51287 -0.89292  -5.79097  1.000 52.28643 ? 879  GLU A HG2  1 
ATOM   881  H  HG3  . GLU A 1 58 ? -13.03006 0.42487   -5.04551  1.000 52.28643 ? 879  GLU A HG3  1 
ATOM   882  N  N    . PHE A 1 59 ? -9.40716  -3.01459  -6.19577  1.000 23.09131 ? 880  PHE A N    1 
ATOM   883  C  CA   . PHE A 1 59 ? -8.16675  -3.24622  -6.92552  1.000 22.04429 ? 880  PHE A CA   1 
ATOM   884  C  C    . PHE A 1 59 ? -8.08572  -2.32802  -8.13408  1.000 22.82333 ? 880  PHE A C    1 
ATOM   885  O  O    . PHE A 1 59 ? -9.08045  -2.16631  -8.84806  1.000 23.29289 ? 880  PHE A O    1 
ATOM   886  C  CB   . PHE A 1 59 ? -8.09566  -4.69459  -7.39532  1.000 25.40010 ? 880  PHE A CB   1 
ATOM   887  C  CG   . PHE A 1 59 ? -6.93986  -4.97998  -8.26964  1.000 21.70698 ? 880  PHE A CG   1 
ATOM   888  C  CD1  . PHE A 1 59 ? -5.64946  -4.84213  -7.80242  1.000 22.78209 ? 880  PHE A CD1  1 
ATOM   889  C  CD2  . PHE A 1 59 ? -7.11660  -5.38666  -9.58049  1.000 23.78757 ? 880  PHE A CD2  1 
ATOM   890  C  CE1  . PHE A 1 59 ? -4.56534  -5.10330  -8.60617  1.000 24.50782 ? 880  PHE A CE1  1 
ATOM   891  C  CE2  . PHE A 1 59 ? -6.03588  -5.65288  -10.36590 1.000 23.89032 ? 880  PHE A CE2  1 
ATOM   892  C  CZ   . PHE A 1 59 ? -4.76230  -5.51997  -9.88115  1.000 23.27652 ? 880  PHE A CZ   1 
ATOM   893  H  H    . PHE A 1 59 ? -9.99332  -3.63726  -6.28695  1.000 27.70957 ? 880  PHE A H    1 
ATOM   894  H  HA   . PHE A 1 59 ? -7.41694  -3.06480  -6.33751  1.000 26.45314 ? 880  PHE A HA   1 
ATOM   895  H  HB2  . PHE A 1 59 ? -8.02895  -5.27161  -6.61848  1.000 30.48012 ? 880  PHE A HB2  1 
ATOM   896  H  HB3  . PHE A 1 59 ? -8.90196  -4.90087  -7.89355  1.000 30.48012 ? 880  PHE A HB3  1 
ATOM   897  H  HD1  . PHE A 1 59 ? -5.50994  -4.56669  -6.92518  1.000 27.33851 ? 880  PHE A HD1  1 
ATOM   898  H  HD2  . PHE A 1 59 ? -7.97513  -5.47845  -9.92603  1.000 28.54508 ? 880  PHE A HD2  1 
ATOM   899  H  HE1  . PHE A 1 59 ? -3.70218  -4.99487  -8.27739  1.000 29.40938 ? 880  PHE A HE1  1 
ATOM   900  H  HE2  . PHE A 1 59 ? -6.16506  -5.92903  -11.24450 1.000 28.66838 ? 880  PHE A HE2  1 
ATOM   901  H  HZ   . PHE A 1 59 ? -4.03385  -5.71510  -10.42537 1.000 27.93182 ? 880  PHE A HZ   1 
ATOM   902  N  N    . ILE A 1 60 ? -6.92615  -1.69138  -8.34883  1.000 20.07372 ? 881  ILE A N    1 
ATOM   903  C  CA   . ILE A 1 60 ? -6.78914  -0.80160  -9.49534  1.000 20.71987 ? 881  ILE A CA   1 
ATOM   904  C  C    . ILE A 1 60 ? -6.01491  -1.47903  -10.62466 1.000 23.30427 ? 881  ILE A C    1 
ATOM   905  O  O    . ILE A 1 60 ? -6.58899  -1.71815  -11.69257 1.000 24.18800 ? 881  ILE A O    1 
ATOM   906  C  CB   . ILE A 1 60 ? -6.10951  0.52073   -9.10445  1.000 19.73753 ? 881  ILE A CB   1 
ATOM   907  C  CG1  . ILE A 1 60 ? -6.88965  1.23692   -8.01374  1.000 20.51847 ? 881  ILE A CG1  1 
ATOM   908  C  CG2  . ILE A 1 60 ? -5.96877  1.43058   -10.32314 1.000 20.75536 ? 881  ILE A CG2  1 
ATOM   909  C  CD1  . ILE A 1 60 ? -8.32936  1.55437   -8.36399  1.000 20.90124 ? 881  ILE A CD1  1 
ATOM   910  H  H    . ILE A 1 60 ? -6.22610  -1.76067  -7.85412  1.000 24.08847 ? 881  ILE A H    1 
ATOM   911  H  HA   . ILE A 1 60 ? -7.68328  -0.61503  -9.82186  1.000 24.86384 ? 881  ILE A HA   1 
ATOM   912  H  HB   . ILE A 1 60 ? -5.22774  0.30650   -8.76167  1.000 23.68504 ? 881  ILE A HB   1 
ATOM   913  H  HG12 . ILE A 1 60 ? -6.89926  0.67517   -7.22302  1.000 24.62217 ? 881  ILE A HG12 1 
ATOM   914  H  HG13 . ILE A 1 60 ? -6.44530  2.07680   -7.81865  1.000 24.62217 ? 881  ILE A HG13 1 
ATOM   915  H  HG21 . ILE A 1 60 ? -5.70524  2.31602   -10.02744 1.000 24.90643 ? 881  ILE A HG21 1 
ATOM   916  H  HG22 . ILE A 1 60 ? -5.29249  1.06434   -10.91425 1.000 24.90643 ? 881  ILE A HG22 1 
ATOM   917  H  HG23 . ILE A 1 60 ? -6.82128  1.47573   -10.78366 1.000 24.90643 ? 881  ILE A HG23 1 
ATOM   918  H  HD11 . ILE A 1 60 ? -8.70684  2.11636   -7.66932  1.000 25.08149 ? 881  ILE A HD11 1 
ATOM   919  H  HD12 . ILE A 1 60 ? -8.35216  2.01976   -9.21476  1.000 25.08149 ? 881  ILE A HD12 1 
ATOM   920  H  HD13 . ILE A 1 60 ? -8.82922  0.72547   -8.42690  1.000 25.08149 ? 881  ILE A HD13 1 
ATOM   921  N  N    . ARG A 1 61 ? -4.72206  -1.78571  -10.41450 1.000 20.03825 ? 882  ARG A N    1 
ATOM   922  C  CA   . ARG A 1 61 ? -3.92848  -2.48809  -11.42801 1.000 21.01683 ? 882  ARG A CA   1 
ATOM   923  C  C    . ARG A 1 61 ? -2.60351  -2.94534  -10.82598 1.000 24.76156 ? 882  ARG A C    1 
ATOM   924  O  O    . ARG A 1 61 ? -2.25799  -2.60979  -9.68999  1.000 22.70849 ? 882  ARG A O    1 
ATOM   925  C  CB   . ARG A 1 61 ? -3.69742  -1.60333  -12.65953 1.000 21.88738 ? 882  ARG A CB   1 
ATOM   926  C  CG   . ARG A 1 61 ? -2.83197  -0.41432  -12.37270 1.000 20.97642 ? 882  ARG A CG   1 
ATOM   927  C  CD   . ARG A 1 61 ? -2.66951  0.48347   -13.59244 1.000 23.07048 ? 882  ARG A CD   1 
ATOM   928  N  NE   . ARG A 1 61 ? -1.83204  1.65040   -13.33301 1.000 23.56482 ? 882  ARG A NE   1 
ATOM   929  C  CZ   . ARG A 1 61 ? -2.29138  2.81802   -12.89245 1.000 22.96858 ? 882  ARG A CZ   1 
ATOM   930  N  NH1  . ARG A 1 61 ? -3.57619  3.03232   -12.69682 1.000 25.61091 ? 882  ARG A NH1  1 
ATOM   931  N  NH2  . ARG A 1 61 ? -1.42365  3.79061   -12.61124 1.000 24.86132 ? 882  ARG A NH2  1 
ATOM   932  H  H    . ARG A 1 61 ? -4.28888  -1.59683  -9.69597  1.000 24.04590 ? 882  ARG A H    1 
ATOM   933  H  HA   . ARG A 1 61 ? -4.40809  -3.28811  -11.69413 1.000 25.22019 ? 882  ARG A HA   1 
ATOM   934  H  HB2  . ARG A 1 61 ? -3.26325  -2.13026  -13.34853 1.000 26.26486 ? 882  ARG A HB2  1 
ATOM   935  H  HB3  . ARG A 1 61 ? -4.55398  -1.27975  -12.97968 1.000 26.26486 ? 882  ARG A HB3  1 
ATOM   936  H  HG2  . ARG A 1 61 ? -3.23496  0.10987   -11.66296 1.000 25.17170 ? 882  ARG A HG2  1 
ATOM   937  H  HG3  . ARG A 1 61 ? -1.95164  -0.71840  -12.10167 1.000 25.17170 ? 882  ARG A HG3  1 
ATOM   938  H  HD2  . ARG A 1 61 ? -2.25784  -0.02690  -14.30726 1.000 27.68457 ? 882  ARG A HD2  1 
ATOM   939  H  HD3  . ARG A 1 61 ? -3.54358  0.79879   -13.87077 1.000 27.68457 ? 882  ARG A HD3  1 
ATOM   940  H  HE   . ARG A 1 61 ? -0.98679  1.57818   -13.47420 1.000 28.27778 ? 882  ARG A HE   1 
ATOM   941  H  HH11 . ARG A 1 61 ? -4.14532  2.40723   -12.85475 1.000 30.73309 ? 882  ARG A HH11 1 
ATOM   942  H  HH12 . ARG A 1 61 ? -3.84592  3.79732   -12.41116 1.000 30.73309 ? 882  ARG A HH12 1 
ATOM   943  H  HH21 . ARG A 1 61 ? -0.58038  3.65794   -12.71555 1.000 29.83358 ? 882  ARG A HH21 1 
ATOM   944  H  HH22 . ARG A 1 61 ? -1.70728  4.55056   -12.32555 1.000 29.83358 ? 882  ARG A HH22 1 
ATOM   945  N  N    . HIS A 1 62 ? -1.88124  -3.75744  -11.60195 1.000 22.98423 ? 883  HIS A N    1 
ATOM   946  C  CA   . HIS A 1 62 ? -0.50919  -4.14010  -11.31090 1.000 23.71742 ? 883  HIS A CA   1 
ATOM   947  C  C    . HIS A 1 62 ? 0.39374   -3.14867  -12.02757 1.000 26.14208 ? 883  HIS A C    1 
ATOM   948  O  O    . HIS A 1 62 ? 0.46342   -3.16253  -13.25975 1.000 27.89270 ? 883  HIS A O    1 
ATOM   949  C  CB   . HIS A 1 62 ? -0.25499  -5.56675  -11.80613 1.000 24.95770 ? 883  HIS A CB   1 
ATOM   950  C  CG   . HIS A 1 62 ? 1.07385   -6.13385  -11.39792 1.000 29.28445 ? 883  HIS A CG   1 
ATOM   951  N  ND1  . HIS A 1 62 ? 1.21158   -6.99311  -10.33181 1.000 32.34587 ? 883  HIS A ND1  1 
ATOM   952  C  CD2  . HIS A 1 62 ? 2.31476   -5.98528  -11.92474 1.000 34.19464 ? 883  HIS A CD2  1 
ATOM   953  C  CE1  . HIS A 1 62 ? 2.48113   -7.34023  -10.20641 1.000 33.30717 ? 883  HIS A CE1  1 
ATOM   954  N  NE2  . HIS A 1 62 ? 3.17189   -6.74368  -11.16154 1.000 30.70209 ? 883  HIS A NE2  1 
ATOM   955  H  H    . HIS A 1 62 ? -2.17992  -4.10940  -12.32757 1.000 27.58107 ? 883  HIS A H    1 
ATOM   956  H  HA   . HIS A 1 62 ? -0.33366  -4.10625  -10.35752 1.000 28.46090 ? 883  HIS A HA   1 
ATOM   957  H  HB2  . HIS A 1 62 ? -0.94478  -6.14681  -11.44751 1.000 29.94924 ? 883  HIS A HB2  1 
ATOM   958  H  HB3  . HIS A 1 62 ? -0.29033  -5.56923  -12.77549 1.000 29.94924 ? 883  HIS A HB3  1 
ATOM   959  H  HD1  . HIS A 1 62 ? 0.57086   -7.26262  -9.82541  1.000 38.81504 ? 883  HIS A HD1  1 
ATOM   960  H  HD2  . HIS A 1 62 ? 2.54320   -5.46800  -12.66308 1.000 41.03357 ? 883  HIS A HD2  1 
ATOM   961  H  HE1  . HIS A 1 62 ? 2.82863   -7.90761  -9.55662  1.000 39.96860 ? 883  HIS A HE1  1 
ATOM   962  N  N    . ASP A 1 63 ? 1.07327   -2.28213  -11.28762 1.000 21.17681 ? 884  ASP A N    1 
ATOM   963  C  CA   . ASP A 1 63 ? 1.88859   -1.23212  -11.90164 1.000 21.91657 ? 884  ASP A CA   1 
ATOM   964  C  C    . ASP A 1 63 ? 2.79610   -0.64162  -10.82955 1.000 22.87519 ? 884  ASP A C    1 
ATOM   965  O  O    . ASP A 1 63 ? 2.78955   -1.06780  -9.67363  1.000 20.58200 ? 884  ASP A O    1 
ATOM   966  C  CB   . ASP A 1 63 ? 1.02602   -0.14038  -12.52036 1.000 21.93618 ? 884  ASP A CB   1 
ATOM   967  C  CG   . ASP A 1 63 ? 1.66253   0.53567   -13.74944 1.000 27.56314 ? 884  ASP A CG   1 
ATOM   968  O  OD1  . ASP A 1 63 ? 2.91493   0.54039   -13.90784 1.000 30.35702 ? 884  ASP A OD1  1 
ATOM   969  O  OD2  . ASP A 1 63 ? 0.87134   1.14321   -14.50606 1.000 30.56090 ? 884  ASP A OD2  1 
ATOM   970  H  H    . ASP A 1 63 ? 1.08053   -2.27871  -10.42766 1.000 25.41217 ? 884  ASP A H    1 
ATOM   971  H  HA   . ASP A 1 63 ? 2.43592   -1.63810  -12.59193 1.000 26.29988 ? 884  ASP A HA   1 
ATOM   972  H  HB2  . ASP A 1 63 ? 0.18350   -0.53041  -12.80130 1.000 26.32342 ? 884  ASP A HB2  1 
ATOM   973  H  HB3  . ASP A 1 63 ? 0.86775   0.54687   -11.85438 1.000 26.32342 ? 884  ASP A HB3  1 
ATOM   974  N  N    . ARG A 1 64 ? 3.55152   0.38081   -11.20622 1.000 20.22628 ? 885  ARG A N    1 
ATOM   975  C  CA   . ARG A 1 64 ? 4.48744   1.00016   -10.28921 1.000 20.39575 ? 885  ARG A CA   1 
ATOM   976  C  C    . ARG A 1 64 ? 3.77384   1.99013   -9.37388  1.000 18.86849 ? 885  ARG A C    1 
ATOM   977  O  O    . ARG A 1 64 ? 2.90488   2.75573   -9.80857  1.000 20.08967 ? 885  ARG A O    1 
ATOM   978  C  CB   . ARG A 1 64 ? 5.60729   1.68585   -11.07599 1.000 22.94404 ? 885  ARG A CB   1 
ATOM   979  C  CG   . ARG A 1 64 ? 6.39844   0.68383   -11.87741 1.000 26.27647 ? 885  ARG A CG   1 
ATOM   980  C  CD   . ARG A 1 64 ? 7.46001   1.34932   -12.73032 1.000 33.60408 ? 885  ARG A CD   1 
ATOM   981  N  NE   . ARG A 1 64 ? 7.83876   0.42236   -13.79167 1.000 45.01841 ? 885  ARG A NE   1 
ATOM   982  C  CZ   . ARG A 1 64 ? 7.55676   0.58355   -15.08131 1.000 53.36313 ? 885  ARG A CZ   1 
ATOM   983  N  NH1  . ARG A 1 64 ? 7.02065   1.70602   -15.54356 1.000 53.43867 ? 885  ARG A NH1  1 
ATOM   984  N  NH2  . ARG A 1 64 ? 7.81388   -0.41065  -15.92869 1.000 53.89569 ? 885  ARG A NH2  1 
ATOM   985  H  H    . ARG A 1 64 ? 3.53884   0.73350   -11.99047 1.000 24.27153 ? 885  ARG A H    1 
ATOM   986  H  HA   . ARG A 1 64 ? 4.89060   0.32570   -9.72048  1.000 24.47490 ? 885  ARG A HA   1 
ATOM   987  H  HB2  . ARG A 1 64 ? 5.22196   2.33304   -11.68719 1.000 27.53285 ? 885  ARG A HB2  1 
ATOM   988  H  HB3  . ARG A 1 64 ? 6.20936   2.13007   -10.45867 1.000 27.53285 ? 885  ARG A HB3  1 
ATOM   989  H  HG2  . ARG A 1 64 ? 6.83922   0.06729   -11.27203 1.000 31.53177 ? 885  ARG A HG2  1 
ATOM   990  H  HG3  . ARG A 1 64 ? 5.79784   0.19932   -12.46513 1.000 31.53177 ? 885  ARG A HG3  1 
ATOM   991  H  HD2  . ARG A 1 64 ? 7.10839   2.16170   -13.12696 1.000 40.32489 ? 885  ARG A HD2  1 
ATOM   992  H  HD3  . ARG A 1 64 ? 8.24060   1.55387   -12.19204 1.000 40.32489 ? 885  ARG A HD3  1 
ATOM   993  H  HE   . ARG A 1 64 ? 8.27780   -0.28187  -13.56605 1.000 54.02209 ? 885  ARG A HE   1 
ATOM   994  H  HH11 . ARG A 1 64 ? 6.84656   2.35318   -15.00461 1.000 64.12641 ? 885  ARG A HH11 1 
ATOM   995  H  HH12 . ARG A 1 64 ? 6.84733   1.78628   -16.38207 1.000 64.12641 ? 885  ARG A HH12 1 
ATOM   996  H  HH21 . ARG A 1 64 ? 8.15753   -1.14406  -15.63955 1.000 64.67483 ? 885  ARG A HH21 1 
ATOM   997  H  HH22 . ARG A 1 64 ? 7.63632   -0.31942  -16.76521 1.000 64.67483 ? 885  ARG A HH22 1 
ATOM   998  N  N    . PHE A 1 65 ? 4.15520   1.96271   -8.10077  1.000 20.17513 ? 886  PHE A N    1 
ATOM   999  C  CA   . PHE A 1 65 ? 3.53360   2.83713   -7.11030  1.000 17.93469 ? 886  PHE A CA   1 
ATOM   1000 C  C    . PHE A 1 65 ? 4.42343   2.84403   -5.88220  1.000 19.58672 ? 886  PHE A C    1 
ATOM   1001 O  O    . PHE A 1 65 ? 5.25540   1.95411   -5.69855  1.000 21.31117 ? 886  PHE A O    1 
ATOM   1002 C  CB   . PHE A 1 65 ? 2.09693   2.39287   -6.78133  1.000 18.06195 ? 886  PHE A CB   1 
ATOM   1003 C  CG   . PHE A 1 65 ? 2.00421   1.18568   -5.88277  1.000 18.33040 ? 886  PHE A CG   1 
ATOM   1004 C  CD1  . PHE A 1 65 ? 2.29305   -0.06881  -6.36715  1.000 20.23173 ? 886  PHE A CD1  1 
ATOM   1005 C  CD2  . PHE A 1 65 ? 1.59901   1.30211   -4.57267  1.000 18.87312 ? 886  PHE A CD2  1 
ATOM   1006 C  CE1  . PHE A 1 65 ? 2.20550   -1.18417  -5.56177  1.000 18.74960 ? 886  PHE A CE1  1 
ATOM   1007 C  CE2  . PHE A 1 65 ? 1.50416   0.17842   -3.75108  1.000 16.03706 ? 886  PHE A CE2  1 
ATOM   1008 C  CZ   . PHE A 1 65 ? 1.79654   -1.05128  -4.24734  1.000 17.09390 ? 886  PHE A CZ   1 
ATOM   1009 H  H    . PHE A 1 65 ? 4.76908   1.44903   -7.78630  1.000 24.21015 ? 886  PHE A H    1 
ATOM   1010 H  HA   . PHE A 1 65 ? 3.48038   3.74269   -7.45384  1.000 21.52163 ? 886  PHE A HA   1 
ATOM   1011 H  HB2  . PHE A 1 65 ? 1.64180   3.12466   -6.33608  1.000 21.67434 ? 886  PHE A HB2  1 
ATOM   1012 H  HB3  . PHE A 1 65 ? 1.64335   2.17571   -7.61079  1.000 21.67434 ? 886  PHE A HB3  1 
ATOM   1013 H  HD1  . PHE A 1 65 ? 2.55235   -0.16643  -7.25491  1.000 24.27808 ? 886  PHE A HD1  1 
ATOM   1014 H  HD2  . PHE A 1 65 ? 1.38575   2.14027   -4.23074  1.000 22.64775 ? 886  PHE A HD2  1 
ATOM   1015 H  HE1  . PHE A 1 65 ? 2.42066   -2.02291  -5.90110  1.000 22.49953 ? 886  PHE A HE1  1 
ATOM   1016 H  HE2  . PHE A 1 65 ? 1.24083   0.27157   -2.86401  1.000 19.24447 ? 886  PHE A HE2  1 
ATOM   1017 H  HZ   . PHE A 1 65 ? 1.72192   -1.80264  -3.70437  1.000 20.51268 ? 886  PHE A HZ   1 
ATOM   1018 N  N    . PHE A 1 66 ? 4.15776   3.78878   -4.97391  1.000 19.51784 ? 887  PHE A N    1 
ATOM   1019 C  CA   . PHE A 1 66 ? 4.56088   3.63820   -3.58375  1.000 21.84814 ? 887  PHE A CA   1 
ATOM   1020 C  C    . PHE A 1 66 ? 3.31844   3.79035   -2.71562  1.000 18.93407 ? 887  PHE A C    1 
ATOM   1021 O  O    . PHE A 1 66 ? 2.36804   4.51450   -3.06645  1.000 19.79441 ? 887  PHE A O    1 
ATOM   1022 C  CB   . PHE A 1 66 ? 5.69064   4.61870   -3.17672  1.000 23.30464 ? 887  PHE A CB   1 
ATOM   1023 C  CG   . PHE A 1 66 ? 5.27819   6.06123   -3.05730  1.000 24.92975 ? 887  PHE A CG   1 
ATOM   1024 C  CD1  . PHE A 1 66 ? 4.56956   6.51596   -1.96232  1.000 27.34353 ? 887  PHE A CD1  1 
ATOM   1025 C  CD2  . PHE A 1 66 ? 5.63930   6.97626   -4.03390  1.000 26.11487 ? 887  PHE A CD2  1 
ATOM   1026 C  CE1  . PHE A 1 66 ? 4.20307   7.84584   -1.84559  1.000 28.13118 ? 887  PHE A CE1  1 
ATOM   1027 C  CE2  . PHE A 1 66 ? 5.27917   8.30992   -3.91415  1.000 30.17384 ? 887  PHE A CE2  1 
ATOM   1028 C  CZ   . PHE A 1 66 ? 4.56712   8.74487   -2.82354  1.000 29.03412 ? 887  PHE A CZ   1 
ATOM   1029 H  H    . PHE A 1 66 ? 3.74488   4.52348   -5.14519  1.000 23.42141 ? 887  PHE A H    1 
ATOM   1030 H  HA   . PHE A 1 66 ? 4.93473   2.75683   -3.42777  1.000 26.21777 ? 887  PHE A HA   1 
ATOM   1031 H  HB2  . PHE A 1 66 ? 6.03744   4.34438   -2.31337  1.000 27.96556 ? 887  PHE A HB2  1 
ATOM   1032 H  HB3  . PHE A 1 66 ? 6.39154   4.57248   -3.84568  1.000 27.96556 ? 887  PHE A HB3  1 
ATOM   1033 H  HD1  . PHE A 1 66 ? 4.33416   5.91732   -1.29068  1.000 32.81224 ? 887  PHE A HD1  1 
ATOM   1034 H  HD2  . PHE A 1 66 ? 6.12625   6.69387   -4.77420  1.000 31.33784 ? 887  PHE A HD2  1 
ATOM   1035 H  HE1  . PHE A 1 66 ? 3.71246   8.13140   -1.10894  1.000 33.75741 ? 887  PHE A HE1  1 
ATOM   1036 H  HE2  . PHE A 1 66 ? 5.52182   8.91465   -4.57772  1.000 36.20860 ? 887  PHE A HE2  1 
ATOM   1037 H  HZ   . PHE A 1 66 ? 4.33203   9.64129   -2.74568  1.000 34.84094 ? 887  PHE A HZ   1 
ATOM   1038 N  N    . CYS A 1 67 ? 3.31007   3.05755   -1.61016  1.000 19.31073 ? 888  CYS A N    1 
ATOM   1039 C  CA   . CYS A 1 67 ? 2.10225   2.86642   -0.80997  1.000 19.03561 ? 888  CYS A CA   1 
ATOM   1040 C  C    . CYS A 1 67 ? 1.78667   4.11917   0.01120   1.000 21.24333 ? 888  CYS A C    1 
ATOM   1041 O  O    . CYS A 1 67 ? 2.55161   4.48263   0.90811   1.000 25.03917 ? 888  CYS A O    1 
ATOM   1042 C  CB   . CYS A 1 67 ? 2.23940   1.66217   0.12253   1.000 19.40000 ? 888  CYS A CB   1 
ATOM   1043 S  SG   . CYS A 1 67 ? 0.75512   1.40419   1.10153   1.000 18.73375 ? 888  CYS A SG   1 
ATOM   1044 H  H    . CYS A 1 67 ? 4.00046   2.65304   -1.29497  1.000 23.17288 ? 888  CYS A H    1 
ATOM   1045 H  HA   . CYS A 1 67 ? 1.36862   2.70608   -1.42395  1.000 22.84273 ? 888  CYS A HA   1 
ATOM   1046 H  HB2  . CYS A 1 67 ? 2.39748   0.86485   -0.40679  1.000 23.28000 ? 888  CYS A HB2  1 
ATOM   1047 H  HB3  . CYS A 1 67 ? 2.98202   1.81064   0.72864   1.000 23.28000 ? 888  CYS A HB3  1 
ATOM   1048 N  N    . ASP A 1 68 ? 0.64876   4.76152   -0.28383  1.000 20.49987 ? 889  ASP A N    1 
ATOM   1049 C  CA   . ASP A 1 68 ? 0.24563   5.95788   0.45518   1.000 21.92215 ? 889  ASP A CA   1 
ATOM   1050 C  C    . ASP A 1 68 ? -0.15768  5.65825   1.89436   1.000 23.63187 ? 889  ASP A C    1 
ATOM   1051 O  O    . ASP A 1 68 ? -0.12157  6.56282   2.74180   1.000 23.35941 ? 889  ASP A O    1 
ATOM   1052 C  CB   . ASP A 1 68 ? -0.91403  6.64411   -0.27019  1.000 24.04270 ? 889  ASP A CB   1 
ATOM   1053 C  CG   . ASP A 1 68 ? -0.48773  7.25461   -1.57881  1.000 24.93117 ? 889  ASP A CG   1 
ATOM   1054 O  OD1  . ASP A 1 68 ? 0.64828   7.75582   -1.63510  1.000 26.59802 ? 889  ASP A OD1  1 
ATOM   1055 O  OD2  . ASP A 1 68 ? -1.27630  7.22533   -2.54475  1.000 27.20351 ? 889  ASP A OD2  1 
ATOM   1056 H  H    . ASP A 1 68 ? 0.09954   4.52518   -0.90197  1.000 24.59984 ? 889  ASP A H    1 
ATOM   1057 H  HA   . ASP A 1 68 ? 0.99889   6.56833   0.48450   1.000 26.30658 ? 889  ASP A HA   1 
ATOM   1058 H  HB2  . ASP A 1 68 ? -1.60610  5.98966   -0.45358  1.000 28.85124 ? 889  ASP A HB2  1 
ATOM   1059 H  HB3  . ASP A 1 68 ? -1.26682  7.35132   0.29220   1.000 28.85124 ? 889  ASP A HB3  1 
ATOM   1060 N  N    . CYS A 1 69 ? -0.58795  4.43662   2.19182   1.000 19.60224 ? 890  CYS A N    1 
ATOM   1061 C  CA   . CYS A 1 69 ? -0.88626  4.07168   3.58103   1.000 17.72737 ? 890  CYS A CA   1 
ATOM   1062 C  C    . CYS A 1 69 ? 0.37451   4.11588   4.42642   1.000 25.50067 ? 890  CYS A C    1 
ATOM   1063 O  O    . CYS A 1 69 ? 0.44215   4.81839   5.44383   1.000 25.45062 ? 890  CYS A O    1 
ATOM   1064 C  CB   . CYS A 1 69 ? -1.53999  2.68509   3.63569   1.000 21.71497 ? 890  CYS A CB   1 
ATOM   1065 S  SG   . CYS A 1 69 ? -2.19906  2.21428   5.22126   1.000 21.78355 ? 890  CYS A SG   1 
ATOM   1066 H  H    . CYS A 1 69 ? -0.71521  3.80660   1.62043   1.000 23.52269 ? 890  CYS A H    1 
ATOM   1067 H  HA   . CYS A 1 69 ? -1.52019  4.70718   3.94871   1.000 21.27285 ? 890  CYS A HA   1 
ATOM   1068 H  HB2  . CYS A 1 69 ? -2.27325  2.66792   3.00091   1.000 26.05797 ? 890  CYS A HB2  1 
ATOM   1069 H  HB3  . CYS A 1 69 ? -0.87400  2.02360   3.39122   1.000 26.05797 ? 890  CYS A HB3  1 
ATOM   1070 N  N    . GLY A 1 70 ? 1.41575   3.41812   3.97969   1.000 21.63204 ? 891  GLY A N    1 
ATOM   1071 C  CA   . GLY A 1 70 ? 2.67181   3.42424   4.70616   1.000 26.44857 ? 891  GLY A CA   1 
ATOM   1072 C  C    . GLY A 1 70 ? 3.34732   4.77795   4.72129   1.000 28.10685 ? 891  GLY A C    1 
ATOM   1073 O  O    . GLY A 1 70 ? 4.07330   5.10676   5.66899   1.000 29.31194 ? 891  GLY A O    1 
ATOM   1074 H  H    . GLY A 1 70 ? 1.41770   2.93891   3.26558   1.000 25.95845 ? 891  GLY A H    1 
ATOM   1075 H  HA2  . GLY A 1 70 ? 2.50855   3.15782   5.62445   1.000 31.73828 ? 891  GLY A HA2  1 
ATOM   1076 H  HA3  . GLY A 1 70 ? 3.27870   2.78835   4.29599   1.000 31.73828 ? 891  GLY A HA3  1 
ATOM   1077 N  N    . ALA A 1 71 ? 3.13147   5.57740   3.68288   1.000 28.09034 ? 892  ALA A N    1 
ATOM   1078 C  CA   . ALA A 1 71 ? 3.71096   6.91514   3.64537   1.000 29.70395 ? 892  ALA A CA   1 
ATOM   1079 C  C    . ALA A 1 71 ? 3.07513   7.83709   4.68107   1.000 33.94543 ? 892  ALA A C    1 
ATOM   1080 O  O    . ALA A 1 71 ? 3.61716   8.91334   4.96085   1.000 35.47574 ? 892  ALA A O    1 
ATOM   1081 C  CB   . ALA A 1 71 ? 3.56423   7.48821   2.23210   1.000 29.32262 ? 892  ALA A CB   1 
ATOM   1082 H  H    . ALA A 1 71 ? 2.65843   5.37178   2.99472   1.000 33.70841 ? 892  ALA A H    1 
ATOM   1083 H  HA   . ALA A 1 71 ? 4.66020   6.87573   3.84107   1.000 35.64474 ? 892  ALA A HA   1 
ATOM   1084 H  HB1  . ALA A 1 71 ? 3.98410   8.36206   2.20050   1.000 35.18715 ? 892  ALA A HB1  1 
ATOM   1085 H  HB2  . ALA A 1 71 ? 3.99677   6.89043   1.60245   1.000 35.18715 ? 892  ALA A HB2  1 
ATOM   1086 H  HB3  . ALA A 1 71 ? 2.62108   7.56651   2.01942   1.000 35.18715 ? 892  ALA A HB3  1 
ATOM   1087 N  N    . GLY A 1 72 ? 1.94830   7.45198   5.25714   1.000 28.80586 ? 893  GLY A N    1 
ATOM   1088 C  CA   . GLY A 1 72 ? 1.34026   8.26120   6.28741   1.000 32.34420 ? 893  GLY A CA   1 
ATOM   1089 C  C    . GLY A 1 72 ? 0.45700   9.37160   5.78688   1.000 36.26558 ? 893  GLY A C    1 
ATOM   1090 O  O    . GLY A 1 72 ? 0.20024   10.32135  6.53425   1.000 38.36661 ? 893  GLY A O    1 
ATOM   1091 H  H    . GLY A 1 72 ? 1.52108   6.72995   5.06807   1.000 34.56704 ? 893  GLY A H    1 
ATOM   1092 H  HA2  . GLY A 1 72 ? 0.80072   7.68767   6.85385   1.000 38.81304 ? 893  GLY A HA2  1 
ATOM   1093 H  HA3  . GLY A 1 72 ? 2.04345   8.66186   6.82210   1.000 38.81304 ? 893  GLY A HA3  1 
ATOM   1094 N  N    . THR A 1 73 ? -0.03966  9.28508   4.55677   1.000 31.98825 ? 894  THR A N    1 
ATOM   1095 C  CA   . THR A 1 73 ? -0.78823  10.38136  3.96089   1.000 34.58920 ? 894  THR A CA   1 
ATOM   1096 C  C    . THR A 1 73 ? -2.29887  10.16038  3.93896   1.000 35.49950 ? 894  THR A C    1 
ATOM   1097 O  O    . THR A 1 73 ? -3.02455  11.02531  3.43753   1.000 40.96705 ? 894  THR A O    1 
ATOM   1098 C  CB   . THR A 1 73 ? -0.26643  10.64242  2.54318   1.000 39.41081 ? 894  THR A CB   1 
ATOM   1099 O  OG1  . THR A 1 73 ? -0.51956  9.49908   1.71647   1.000 40.84432 ? 894  THR A OG1  1 
ATOM   1100 C  CG2  . THR A 1 73 ? 1.25328   10.91791  2.57958   1.000 37.65699 ? 894  THR A CG2  1 
ATOM   1101 H  H    . THR A 1 73 ? 0.04531   8.59766   4.04704   1.000 38.38590 ? 894  THR A H    1 
ATOM   1102 H  HA   . THR A 1 73 ? -0.63970  11.18027  4.49059   1.000 41.50704 ? 894  THR A HA   1 
ATOM   1103 H  HB   . THR A 1 73 ? -0.71570  11.41560  2.16733   1.000 47.29298 ? 894  THR A HB   1 
ATOM   1104 H  HG1  . THR A 1 73 ? -0.15332  9.59956   0.96723   1.000 49.01319 ? 894  THR A HG1  1 
ATOM   1105 H  HG21 . THR A 1 73 ? 1.55872   11.20884  1.70611   1.000 45.18838 ? 894  THR A HG21 1 
ATOM   1106 H  HG22 . THR A 1 73 ? 1.44925   11.61153  3.22873   1.000 45.18838 ? 894  THR A HG22 1 
ATOM   1107 H  HG23 . THR A 1 73 ? 1.73090   10.11084  2.82737   1.000 45.18838 ? 894  THR A HG23 1 
ATOM   1108 N  N    . LEU A 1 74 ? -2.79790  9.04980   4.48181   1.000 31.93374 ? 895  LEU A N    1 
ATOM   1109 C  CA   . LEU A 1 74 ? -4.22706  8.76860   4.50449   1.000 31.02679 ? 895  LEU A CA   1 
ATOM   1110 C  C    . LEU A 1 74 ? -4.84795  9.17000   5.84323   1.000 37.81168 ? 895  LEU A C    1 
ATOM   1111 O  O    . LEU A 1 74 ? -4.16442  9.41191   6.83727   1.000 38.44259 ? 895  LEU A O    1 
ATOM   1112 C  CB   . LEU A 1 74 ? -4.51560  7.28544   4.23962   1.000 31.32335 ? 895  LEU A CB   1 
ATOM   1113 C  CG   . LEU A 1 74 ? -3.97294  6.68502   2.93769   1.000 29.73021 ? 895  LEU A CG   1 
ATOM   1114 C  CD1  . LEU A 1 74 ? -4.39021  5.23120   2.85240   1.000 30.80242 ? 895  LEU A CD1  1 
ATOM   1115 C  CD2  . LEU A 1 74 ? -4.46076  7.46553   1.73459   1.000 31.64783 ? 895  LEU A CD2  1 
ATOM   1116 H  H    . LEU A 1 74 ? -2.31861  8.43676   4.84796   1.000 38.32049 ? 895  LEU A H    1 
ATOM   1117 H  HA   . LEU A 1 74 ? -4.63639  9.29225   3.79799   1.000 37.23215 ? 895  LEU A HA   1 
ATOM   1118 H  HB2  . LEU A 1 74 ? -4.13074  6.77308   4.96782   1.000 37.58802 ? 895  LEU A HB2  1 
ATOM   1119 H  HB3  . LEU A 1 74 ? -5.47835  7.16810   4.22396   1.000 37.58802 ? 895  LEU A HB3  1 
ATOM   1120 H  HG   . LEU A 1 74 ? -3.00423  6.73447   2.93017   1.000 35.67626 ? 895  LEU A HG   1 
ATOM   1121 H  HD11 . LEU A 1 74 ? -3.98649  4.83241   2.06571   1.000 36.96290 ? 895  LEU A HD11 1 
ATOM   1122 H  HD12 . LEU A 1 74 ? -4.08818  4.76867   3.64972   1.000 36.96290 ? 895  LEU A HD12 1 
ATOM   1123 H  HD13 . LEU A 1 74 ? -5.35691  5.18334   2.78841   1.000 36.96290 ? 895  LEU A HD13 1 
ATOM   1124 H  HD21 . LEU A 1 74 ? -4.21595  6.98690   0.92719   1.000 37.97740 ? 895  LEU A HD21 1 
ATOM   1125 H  HD22 . LEU A 1 74 ? -5.42521  7.55536   1.78631   1.000 37.97740 ? 895  LEU A HD22 1 
ATOM   1126 H  HD23 . LEU A 1 74 ? -4.04623  8.34249   1.73781   1.000 37.97740 ? 895  LEU A HD23 1 
ATOM   1127 N  N    . SER A 1 75 ? -6.17807  9.17979   5.85851   1.000 35.39213 ? 896  SER A N    1 
ATOM   1128 C  CA   . SER A 1 75 ? -6.90918  9.62645   7.03920   1.000 42.23488 ? 896  SER A CA   1 
ATOM   1129 C  C    . SER A 1 75 ? -6.53396  8.81760   8.27271   1.000 43.36242 ? 896  SER A C    1 
ATOM   1130 O  O    . SER A 1 75 ? -6.63961  9.31981   9.39684   1.000 45.97960 ? 896  SER A O    1 
ATOM   1131 C  CB   . SER A 1 75 ? -8.41323  9.53898   6.75814   1.000 38.93177 ? 896  SER A CB   1 
ATOM   1132 O  OG   . SER A 1 75 ? -8.97639  8.37076   7.31119   1.000 47.74008 ? 896  SER A OG   1 
ATOM   1133 H  H    . SER A 1 75 ? -6.67811  8.93463   5.20318   1.000 42.47056 ? 896  SER A H    1 
ATOM   1134 H  HA   . SER A 1 75 ? -6.68889  10.55186  7.22890   1.000 50.68186 ? 896  SER A HA   1 
ATOM   1135 H  HB2  . SER A 1 75 ? -8.85002  10.31204  7.14863   1.000 46.71813 ? 896  SER A HB2  1 
ATOM   1136 H  HB3  . SER A 1 75 ? -8.55212  9.52912   5.79819   1.000 46.71813 ? 896  SER A HB3  1 
ATOM   1137 H  HG   . SER A 1 75 ? -9.79891  8.34110   7.14337   1.000 57.28809 ? 896  SER A HG   1 
ATOM   1138 N  N    . ASN A 1 76 ? -6.06767  7.58836   8.09545   1.000 40.60875 ? 897  ASN A N    1 
ATOM   1139 C  CA   . ASN A 1 76 ? -5.87017  6.67903   9.20684   1.000 41.22753 ? 897  ASN A CA   1 
ATOM   1140 C  C    . ASN A 1 76 ? -4.42303  6.21017   9.25823   1.000 43.88885 ? 897  ASN A C    1 
ATOM   1141 O  O    . ASN A 1 76 ? -3.75618  6.15383   8.22423   1.000 34.24170 ? 897  ASN A O    1 
ATOM   1142 C  CB   . ASN A 1 76 ? -6.82129  5.48797   9.05608   1.000 46.44999 ? 897  ASN A CB   1 
ATOM   1143 C  CG   . ASN A 1 76 ? -8.07346  5.63817   9.90665   1.000 52.15537 ? 897  ASN A CG   1 
ATOM   1144 O  OD1  . ASN A 1 76 ? -8.00705  6.13915   11.03012  1.000 52.83005 ? 897  ASN A OD1  1 
ATOM   1145 N  ND2  . ASN A 1 76 ? -9.22694  5.24566   9.36020   1.000 52.30783 ? 897  ASN A ND2  1 
ATOM   1146 H  H    . ASN A 1 76 ? -5.85687  7.25704   7.33034   1.000 48.73050 ? 897  ASN A H    1 
ATOM   1147 H  HA   . ASN A 1 76 ? -6.05167  7.11534   10.05395  1.000 49.47304 ? 897  ASN A HA   1 
ATOM   1148 H  HB2  . ASN A 1 76 ? -7.09376  5.41423   8.12806   1.000 55.73999 ? 897  ASN A HB2  1 
ATOM   1149 H  HB3  . ASN A 1 76 ? -6.36365  4.67870   9.33277   1.000 55.73999 ? 897  ASN A HB3  1 
ATOM   1150 H  HD21 . ASN A 1 76 ? -9.23769  4.92548   8.56209   1.000 62.76940 ? 897  ASN A HD21 1 
ATOM   1151 H  HD22 . ASN A 1 76 ? -9.95906  5.31307   9.80636   1.000 62.76940 ? 897  ASN A HD22 1 
ATOM   1152 N  N    . PRO A 1 77 ? -3.89465  5.89263   10.43648  1.000 42.44318 ? 898  PRO A N    1 
ATOM   1153 C  CA   . PRO A 1 77 ? -2.48922  5.47796   10.51299  1.000 46.04890 ? 898  PRO A CA   1 
ATOM   1154 C  C    . PRO A 1 77 ? -2.28496  4.04380   10.04610  1.000 34.65238 ? 898  PRO A C    1 
ATOM   1155 O  O    . PRO A 1 77 ? -3.16230  3.18434   10.17170  1.000 35.45802 ? 898  PRO A O    1 
ATOM   1156 C  CB   . PRO A 1 77 ? -2.15710  5.63275   12.00092  1.000 48.49695 ? 898  PRO A CB   1 
ATOM   1157 C  CG   . PRO A 1 77 ? -3.46845  5.36390   12.68889  1.000 47.58731 ? 898  PRO A CG   1 
ATOM   1158 C  CD   . PRO A 1 77 ? -4.54194  5.91367   11.76590  1.000 46.34487 ? 898  PRO A CD   1 
ATOM   1159 H  HA   . PRO A 1 77 ? -1.92544  6.06889   9.98969   1.000 55.25868 ? 898  PRO A HA   1 
ATOM   1160 H  HB2  . PRO A 1 77 ? -1.48319  4.98623   12.26315  1.000 58.19634 ? 898  PRO A HB2  1 
ATOM   1161 H  HB3  . PRO A 1 77 ? -1.84242  6.53214   12.18251  1.000 58.19634 ? 898  PRO A HB3  1 
ATOM   1162 H  HG2  . PRO A 1 77 ? -3.58119  4.40895   12.81639  1.000 57.10477 ? 898  PRO A HG2  1 
ATOM   1163 H  HG3  . PRO A 1 77 ? -3.48718  5.81755   13.54606  1.000 57.10477 ? 898  PRO A HG3  1 
ATOM   1164 H  HD2  . PRO A 1 77 ? -5.32857  5.34620   11.77541  1.000 55.61384 ? 898  PRO A HD2  1 
ATOM   1165 H  HD3  . PRO A 1 77 ? -4.78281  6.81888   12.01785  1.000 55.61384 ? 898  PRO A HD3  1 
ATOM   1166 N  N    . CYS A 1 78 ? -1.10403  3.79631   9.48630   1.000 38.06867 ? 899  CYS A N    1 
ATOM   1167 C  CA   . CYS A 1 78 ? -0.77542  2.46039   9.00033   1.000 33.28063 ? 899  CYS A CA   1 
ATOM   1168 C  C    . CYS A 1 78 ? -0.55283  1.51279   10.17624  1.000 32.63967 ? 899  CYS A C    1 
ATOM   1169 O  O    . CYS A 1 78 ? 0.22641   1.80646   11.08592  1.000 34.04880 ? 899  CYS A O    1 
ATOM   1170 C  CB   . CYS A 1 78 ? 0.47013   2.50987   8.11201   1.000 34.48570 ? 899  CYS A CB   1 
ATOM   1171 S  SG   . CYS A 1 78 ? 0.90623   0.94339   7.31281   1.000 25.64638 ? 899  CYS A SG   1 
ATOM   1172 H  H    . CYS A 1 78 ? -0.48122  4.37919   9.37699   1.000 45.68240 ? 899  CYS A H    1 
ATOM   1173 H  HA   . CYS A 1 78 ? -1.51186  2.12017   8.46852   1.000 39.93676 ? 899  CYS A HA   1 
ATOM   1174 H  HB2  . CYS A 1 78 ? 0.32032   3.16236   7.41007   1.000 41.38284 ? 899  CYS A HB2  1 
ATOM   1175 H  HB3  . CYS A 1 78 ? 1.22572   2.77767   8.65815   1.000 41.38284 ? 899  CYS A HB3  1 
ATOM   1176 N  N    . THR A 1 79 ? -1.22015  0.36944   10.14905  1.000 26.96740 ? 900  THR A N    1 
ATOM   1177 C  CA   . THR A 1 79 ? -1.04536  -0.63387  11.18957  1.000 33.85712 ? 900  THR A CA   1 
ATOM   1178 C  C    . THR A 1 79 ? 0.12647   -1.56525  10.93066  1.000 36.10198 ? 900  THR A C    1 
ATOM   1179 O  O    . THR A 1 79 ? 0.35719   -2.47785  11.72650  1.000 38.18557 ? 900  THR A O    1 
ATOM   1180 C  CB   . THR A 1 79 ? -2.30355  -1.47788  11.33863  1.000 34.23016 ? 900  THR A CB   1 
ATOM   1181 O  OG1  . THR A 1 79 ? -2.37996  -2.41522  10.25327  1.000 31.51573 ? 900  THR A OG1  1 
ATOM   1182 C  CG2  . THR A 1 79 ? -3.53564  -0.59899  11.36369  1.000 32.92641 ? 900  THR A CG2  1 
ATOM   1183 H  H    . THR A 1 79 ? -1.78230  0.14973   9.53643   1.000 32.36088 ? 900  THR A H    1 
ATOM   1184 H  HA   . THR A 1 79 ? -0.88968  -0.16504  12.02435  1.000 40.62855 ? 900  THR A HA   1 
ATOM   1185 H  HB   . THR A 1 79 ? -2.27613  -1.96686  12.17592  1.000 41.07619 ? 900  THR A HB   1 
ATOM   1186 H  HG1  . THR A 1 79 ? -3.15688  -2.73004  10.19972  1.000 37.81887 ? 900  THR A HG1  1 
ATOM   1187 H  HG21 . THR A 1 79 ? -4.29350  -1.09973  11.70400  1.000 39.51169 ? 900  THR A HG21 1 
ATOM   1188 H  HG22 . THR A 1 79 ? -3.38349  0.16937   11.93585  1.000 39.51169 ? 900  THR A HG22 1 
ATOM   1189 H  HG23 . THR A 1 79 ? -3.74010  -0.28870  10.46768  1.000 39.51169 ? 900  THR A HG23 1 
ATOM   1190 N  N    . LEU A 1 80 ? 0.83357   -1.39082  9.81667   1.000 32.62978 ? 901  LEU A N    1 
ATOM   1191 C  CA   . LEU A 1 80 ? 2.01756   -2.18050  9.51308   1.000 35.03561 ? 901  LEU A CA   1 
ATOM   1192 C  C    . LEU A 1 80 ? 3.30699   -1.39431  9.70097   1.000 42.58600 ? 901  LEU A C    1 
ATOM   1193 O  O    . LEU A 1 80 ? 4.37664   -1.88839  9.33840   1.000 40.48409 ? 901  LEU A O    1 
ATOM   1194 C  CB   . LEU A 1 80 ? 1.94126   -2.69745  8.07469   1.000 28.67634 ? 901  LEU A CB   1 
ATOM   1195 C  CG   . LEU A 1 80 ? 0.90391   -3.78862  7.84133   1.000 30.16603 ? 901  LEU A CG   1 
ATOM   1196 C  CD1  . LEU A 1 80 ? 0.70772   -3.99466  6.36573   1.000 27.62521 ? 901  LEU A CD1  1 
ATOM   1197 C  CD2  . LEU A 1 80 ? 1.32128   -5.12022  8.48673   1.000 35.02556 ? 901  LEU A CD2  1 
ATOM   1198 H  H    . LEU A 1 80 ? 0.64159   -0.80998  9.21223   1.000 39.15573 ? 901  LEU A H    1 
ATOM   1199 H  HA   . LEU A 1 80 ? 2.04113   -2.94127  10.11441  1.000 42.04274 ? 901  LEU A HA   1 
ATOM   1200 H  HB2  . LEU A 1 80 ? 1.71931   -1.95392  7.49262   1.000 34.41161 ? 901  LEU A HB2  1 
ATOM   1201 H  HB3  . LEU A 1 80 ? 2.80738   -3.06108  7.83280   1.000 34.41161 ? 901  LEU A HB3  1 
ATOM   1202 H  HG   . LEU A 1 80 ? 0.07079   -3.50745  8.25090   1.000 36.19923 ? 901  LEU A HG   1 
ATOM   1203 H  HD11 . LEU A 1 80 ? 0.03545   -4.68045  6.22925   1.000 33.15025 ? 901  LEU A HD11 1 
ATOM   1204 H  HD12 . LEU A 1 80 ? 0.41504   -3.16045  5.96655   1.000 33.15025 ? 901  LEU A HD12 1 
ATOM   1205 H  HD13 . LEU A 1 80 ? 1.54899   -4.27294  5.97112   1.000 33.15025 ? 901  LEU A HD13 1 
ATOM   1206 H  HD21 . LEU A 1 80 ? 0.64384   -5.78845  8.29843   1.000 42.03068 ? 901  LEU A HD21 1 
ATOM   1207 H  HD22 . LEU A 1 80 ? 2.17274   -5.39838  8.11454   1.000 42.03068 ? 901  LEU A HD22 1 
ATOM   1208 H  HD23 . LEU A 1 80 ? 1.40441   -4.99437  9.44494   1.000 42.03068 ? 901  LEU A HD23 1 
ATOM   1209 N  N    . ALA A 1 81 ? 3.23806   -0.18144  10.24734  1.000 44.49132 ? 902  ALA A N    1 
ATOM   1210 C  CA   . ALA A 1 81 ? 4.40729   0.68451   10.33317  1.000 43.93988 ? 902  ALA A CA   1 
ATOM   1211 C  C    . ALA A 1 81 ? 4.87218   0.92003   11.76665  1.000 51.38868 ? 902  ALA A C    1 
ATOM   1212 O  O    . ALA A 1 81 ? 5.70069   1.81086   11.99554  1.000 51.81921 ? 902  ALA A O    1 
ATOM   1213 C  CB   . ALA A 1 81 ? 4.12344   2.02072   9.63978   1.000 42.66553 ? 902  ALA A CB   1 
ATOM   1214 H  H    . ALA A 1 81 ? 2.52109   0.16141   10.57597  1.000 53.38958 ? 902  ALA A H    1 
ATOM   1215 H  HA   . ALA A 1 81 ? 5.13883   0.25338   9.86426   1.000 52.72786 ? 902  ALA A HA   1 
ATOM   1216 H  HB1  . ALA A 1 81 ? 4.93103   2.55797   9.64677   1.000 51.19864 ? 902  ALA A HB1  1 
ATOM   1217 H  HB2  . ALA A 1 81 ? 3.84774   1.84982   8.72562   1.000 51.19864 ? 902  ALA A HB2  1 
ATOM   1218 H  HB3  . ALA A 1 81 ? 3.41598   2.48071   10.11813  1.000 51.19864 ? 902  ALA A HB3  1 
ATOM   1219 N  N    . GLY A 1 82 ? 4.39621   0.12630   12.73226  1.000 48.49504 ? 903  GLY A N    1 
ATOM   1220 C  CA   . GLY A 1 82 ? 4.97992   0.18466   14.05864  1.000 50.20794 ? 903  GLY A CA   1 
ATOM   1221 C  C    . GLY A 1 82 ? 4.10470   -0.08409  15.26374  1.000 54.54418 ? 903  GLY A C    1 
ATOM   1222 O  O    . GLY A 1 82 ? 4.63981   -0.37535  16.33720  1.000 59.88485 ? 903  GLY A O    1 
ATOM   1223 H  H    . GLY A 1 82 ? 3.75290   -0.43673  12.63878  1.000 58.19405 ? 903  GLY A H    1 
ATOM   1224 H  HA2  . GLY A 1 82 ? 5.70085   -0.46350  14.09109  1.000 60.24953 ? 903  GLY A HA2  1 
ATOM   1225 H  HA3  . GLY A 1 82 ? 5.34894   1.07371   14.17833  1.000 60.24953 ? 903  GLY A HA3  1 
ATOM   1226 N  N    . GLU A 1 83 ? 2.78647   0.00085   15.13713  1.000 55.94152 ? 904  GLU A N    1 
ATOM   1227 C  CA   . GLU A 1 83 ? 1.91697   -0.35108  16.26324  1.000 56.66787 ? 904  GLU A CA   1 
ATOM   1228 C  C    . GLU A 1 83 ? 2.38158   -1.64026  16.95524  1.000 58.14541 ? 904  GLU A C    1 
ATOM   1229 O  O    . GLU A 1 83 ? 2.44452   -1.71787  18.18454  1.000 60.81529 ? 904  GLU A O    1 
ATOM   1230 C  CB   . GLU A 1 83 ? 0.47112   -0.52217  15.79713  1.000 54.21726 ? 904  GLU A CB   1 
ATOM   1231 C  CG   . GLU A 1 83 ? 0.28963   -1.63451  14.76973  1.000 58.02309 ? 904  GLU A CG   1 
ATOM   1232 C  CD   . GLU A 1 83 ? -0.20488  -2.93581  15.37982  1.000 64.93218 ? 904  GLU A CD   1 
ATOM   1233 O  OE1  . GLU A 1 83 ? -0.85859  -2.88607  16.44570  1.000 71.54588 ? 904  GLU A OE1  1 
ATOM   1234 O  OE2  . GLU A 1 83 ? 0.06172   -4.01038  14.79051  1.000 61.49006 ? 904  GLU A OE2  1 
ATOM   1235 H  H    . GLU A 1 83 ? 2.37507   0.25401   14.42561  1.000 67.12983 ? 904  GLU A H    1 
ATOM   1236 H  HA   . GLU A 1 83 ? 1.95242   0.37130   16.90963  1.000 68.00144 ? 904  GLU A HA   1 
ATOM   1237 H  HB2  . GLU A 1 83 ? -0.08193  -0.73422  16.56529  1.000 65.06072 ? 904  GLU A HB2  1 
ATOM   1238 H  HB3  . GLU A 1 83 ? 0.17290   0.30743   15.39250  1.000 65.06072 ? 904  GLU A HB3  1 
ATOM   1239 H  HG2  . GLU A 1 83 ? -0.36012  -1.34914  14.10845  1.000 69.62771 ? 904  GLU A HG2  1 
ATOM   1240 H  HG3  . GLU A 1 83 ? 1.14250   -1.81045  14.34244  1.000 69.62771 ? 904  GLU A HG3  1 
HETATM 1241 ZN ZN   . ZN  B 2 .  ? -0.89499  0.41755   6.00219   1.000 22.70002 ? 1001 ZN  A ZN   1 
HETATM 1242 ZN ZN   . ZN  C 2 .  ? 1.39293   -0.43425  2.38414   1.000 19.52534 ? 1002 ZN  A ZN   1 
HETATM 1243 ZN ZN   . ZN  D 2 .  ? -9.33427  2.83299   4.20031   1.000 21.68785 ? 1003 ZN  A ZN   1 
HETATM 1244 S  S    . SO4 E 3 .  ? -3.93124  6.29807   -10.96529 1.000 29.27759 ? 1004 SO4 A S    1 
HETATM 1245 O  O1   . SO4 E 3 .  ? -3.32768  6.15863   -9.63720  1.000 39.27086 ? 1004 SO4 A O1   1 
HETATM 1246 O  O2   . SO4 E 3 .  ? -4.39018  7.66855   -11.14839 1.000 34.02072 ? 1004 SO4 A O2   1 
HETATM 1247 O  O3   . SO4 E 3 .  ? -5.02828  5.34237   -11.04241 1.000 33.34330 ? 1004 SO4 A O3   1 
HETATM 1248 O  O4   . SO4 E 3 .  ? -2.96993  5.98390   -12.01217 1.000 31.56007 ? 1004 SO4 A O4   1 
HETATM 1249 O  O    . HOH F 4 .  ? -7.00495  4.56971   -12.22171 1.000 45.37186 ? 1101 HOH A O    1 
HETATM 1250 O  O    . HOH F 4 .  ? -15.79804 -1.54424  -2.68838  1.000 38.50329 ? 1102 HOH A O    1 
HETATM 1251 O  O    . HOH F 4 .  ? -2.21306  7.40420   -7.46889  1.000 33.49478 ? 1103 HOH A O    1 
HETATM 1252 O  O    . HOH F 4 .  ? 0.83435   -4.61437  -3.30701  1.000 20.63303 ? 1104 HOH A O    1 
HETATM 1253 O  O    . HOH F 4 .  ? 1.51317   9.68433   -0.23414  1.000 38.42410 ? 1105 HOH A O    1 
HETATM 1254 O  O    . HOH F 4 .  ? -0.32136  -10.61548 1.28217   1.000 40.16101 ? 1106 HOH A O    1 
HETATM 1255 O  O    . HOH F 4 .  ? 15.60818  -11.88122 -5.98283  1.000 28.74335 ? 1107 HOH A O    1 
HETATM 1256 O  O    . HOH F 4 .  ? 4.52491   2.24355   -15.04432 1.000 40.90731 ? 1108 HOH A O    1 
HETATM 1257 O  O    . HOH F 4 .  ? 5.58266   -3.24255  7.41431   1.000 31.98600 ? 1109 HOH A O    1 
HETATM 1258 O  O    . HOH F 4 .  ? -7.30516  -0.41079  -13.89115 1.000 31.44343 ? 1110 HOH A O    1 
HETATM 1259 O  O    . HOH F 4 .  ? 14.90386  -12.24026 -2.76519  1.000 37.32150 ? 1111 HOH A O    1 
HETATM 1260 O  O    . HOH F 4 .  ? -11.59208 -4.55268  -6.67954  1.000 38.78833 ? 1112 HOH A O    1 
HETATM 1261 O  O    . HOH F 4 .  ? 5.77194   -7.42663  -11.57788 1.000 41.91066 ? 1113 HOH A O    1 
HETATM 1262 O  O    . HOH F 4 .  ? 5.37973   1.24116   -1.57585  1.000 23.63569 ? 1114 HOH A O    1 
HETATM 1263 O  O    . HOH F 4 .  ? -9.88557  -5.04694  2.62465   1.000 33.70720 ? 1115 HOH A O    1 
HETATM 1264 O  O    . HOH F 4 .  ? -5.78739  1.88274   -13.91075 1.000 29.21137 ? 1116 HOH A O    1 
HETATM 1265 O  O    . HOH F 4 .  ? -1.50538  6.73879   6.06316   1.000 33.61569 ? 1117 HOH A O    1 
HETATM 1266 O  O    . HOH F 4 .  ? 5.14771   -0.21668  -3.91423  1.000 25.08931 ? 1118 HOH A O    1 
HETATM 1267 O  O    . HOH F 4 .  ? 7.45702   -6.98229  -8.85866  1.000 38.93376 ? 1119 HOH A O    1 
HETATM 1268 O  O    . HOH F 4 .  ? 9.19145   -9.00793  -7.28301  1.000 26.79116 ? 1120 HOH A O    1 
HETATM 1269 O  O    . HOH F 4 .  ? -11.43290 -3.74545  -9.13510  1.000 37.11002 ? 1121 HOH A O    1 
HETATM 1270 O  O    . HOH F 4 .  ? -3.08312  -5.09436  -13.81135 1.000 32.41640 ? 1122 HOH A O    1 
HETATM 1271 O  O    . HOH F 4 .  ? 11.00339  3.48140   4.00323   1.000 44.28435 ? 1123 HOH A O    1 
HETATM 1272 O  O    . HOH F 4 .  ? -2.41883  9.50252   -10.02809 1.000 36.54792 ? 1124 HOH A O    1 
HETATM 1273 O  O    . HOH F 4 .  ? 4.18967   -16.19435 3.67936   1.000 38.96838 ? 1125 HOH A O    1 
HETATM 1274 O  O    . HOH F 4 .  ? 11.59937  -6.80242  -7.36447  1.000 30.47188 ? 1126 HOH A O    1 
HETATM 1275 O  O    . HOH F 4 .  ? -14.76810 -3.19137  -0.19979  1.000 41.40209 ? 1127 HOH A O    1 
HETATM 1276 O  O    . HOH F 4 .  ? 9.65770   -3.36944  -9.16907  1.000 34.41216 ? 1128 HOH A O    1 
HETATM 1277 O  O    . HOH F 4 .  ? 9.93454   -8.66938  -11.37302 1.000 34.43563 ? 1129 HOH A O    1 
HETATM 1278 O  O    . HOH F 4 .  ? 10.77994  3.62422   -10.04916 1.000 42.42722 ? 1130 HOH A O    1 
HETATM 1279 O  O    . HOH F 4 .  ? 8.80425   -6.76710  3.90601   1.000 32.37848 ? 1131 HOH A O    1 
HETATM 1280 O  O    . HOH F 4 .  ? -16.21385 -1.54631  -5.44292  1.000 38.98089 ? 1132 HOH A O    1 
HETATM 1281 O  O    . HOH F 4 .  ? -13.53840 -6.25740  -3.30675  1.000 46.35221 ? 1133 HOH A O    1 
HETATM 1282 O  O    . HOH F 4 .  ? -10.49924 -5.69110  -3.11613  1.000 44.86511 ? 1134 HOH A O    1 
HETATM 1283 O  O    . HOH F 4 .  ? -3.25161  12.15162  -9.47621  1.000 40.31529 ? 1135 HOH A O    1 
# 
